data_5UWS
#
_entry.id   5UWS
#
_cell.length_a   106.646
_cell.length_b   106.646
_cell.length_c   304.628
_cell.angle_alpha   90.00
_cell.angle_beta   90.00
_cell.angle_gamma   90.00
#
_symmetry.space_group_name_H-M   'P 43 21 2'
#
loop_
_entity.id
_entity.type
_entity.pdbx_description
1 polymer 'GTP-binding nuclear protein Ran'
2 polymer 'Ran-specific GTPase-activating protein 1'
3 polymer Exportin-1,Exportin-1
4 polymer 'Amyloid beta A4 precursor protein-binding family A member 3'
5 non-polymer 'PHOSPHOAMINOPHOSPHONIC ACID-GUANYLATE ESTER'
6 non-polymer 'MAGNESIUM ION'
7 non-polymer GLYCEROL
8 water water
#
loop_
_entity_poly.entity_id
_entity_poly.type
_entity_poly.pdbx_seq_one_letter_code
_entity_poly.pdbx_strand_id
1 'polypeptide(L)'
;METGSSHHHHHHSSGLPRGSHMAAQGEPQVQFKLVLVGDGGTGKTTFVKRHLTGEFEKKYVATLGVEVHPLVFHTNRGPI
KFNVWDTAGQEKFGGLRDGYYIQAQCAIIMFDVTSRVTYKNVPNWHRDLVRVCENIPIVLCGNKVDIKDRKVKAKSIVFH
RKKNLQYYDISAKSNYNFEKPFLWLARKLIGDPNLEFVAMPALAPPEVVMDPALAAQYEHDLEVAQTTALPDEDDDL
;
A
2 'polypeptide(L)'
;GGSDIHFEPVVHLEKVDVKTMEEDEEVLYKVRAKLFRFDADAKEWKERGTGDCKFLKNKKTNKVRILMRRDKTLKICANH
IIAPEYTLKPNVGSDRSWVYACTADIAEGEAEAFTFAIRFGSKENADKFKEEFEKAQEINKKA
;
B
3 'polypeptide(L)'
;GGSMEGILDFSNDLDIALLDQVVSTFYQGSGVQQKQAQEILTKFQDNPDAWQKADQILQFSTNPQSKFIALSILDKLITR
KWKLLPNDHRIGIRNFVVGMIISMCQDDEVFKTQKNLINKSDLTLVQILKQEWPQNWPEFIPELIGSSSSSVNVCENNMI
VLKLLSEEVFDFSAEQMTQAKALHLKNSMSKEFEQIFKLCFQVLEQGSSSSLIVATLESLLRYLHWIPYRYIYETNILEL
LSTKFMTSPDTRAITLKCLTEVSNLKIPQDNDLIKRQTVLFFQNTLQQIATSVMPVTADLKATYANANGNDQSFLQDLAM
FLTTYLARNRALLESDESLRELLLNAHQYLIQLSKIEERELFKTTLDYWHNLVADLFYEPLKKHIYEEICSQLRLVIIEN
MVRPEEDLVVENDEGEIVREFVKESDTIQLYKSEREVLVYLTHLNVIDTEEIMISKLARQIDGSEWSWHNINTLSWAIGS
ISGTMSEDTEKRFVVTVIKDLLGLCEQKRGKDNKAVVASDIMYVVGQYPRFLKAHWNFLRTVILKLFEFMHETHEGVQDM
ACDTFIKIVQKCKYHFVIQQPRESEPFIQTIIRDIQKTTADLQPQQVHTFYKACGIIISEERSVAERNRLLSDLMQLPNM
AWDTIVEQSTANPTLLLDSETVKIIANIIKTNVAVCTSMGADFYPQLGHIYYNMLQLYRAVSSMISAQVAAEGLIATKTP
KVRGLRTIKKEILKLVETYISKARNLDDVVKVLVEPLLNAVLEDYMNNVPDARDAEVLNCMTTVVEKVGHMIPQGVILIL
QSVFECTLDMINKDFTEYPEHRVEFYKLLKVINEKSFAAFLELPPAAFKLFVDAICWAFKHNNRDVEVNGLQIALDLVKN
IERMGNVPFANEFHKNYFFIFVSETFFVLTDSDHKSGFSKQALLLMKLISLVYDNKISVPLYQEAEVPQGTSNQVYLSQY
LANMLSNAFPHLTSEQIASFLSALTKQCKDLVVFKGTLRDFLVQIKEVGGDPTDYLFAEDKENA
;
C
4 'polypeptide(L)' GGSYSSLQELVQQFEALPGDLV D
#
loop_
_chem_comp.id
_chem_comp.type
_chem_comp.name
_chem_comp.formula
GNP non-polymer 'PHOSPHOAMINOPHOSPHONIC ACID-GUANYLATE ESTER' 'C10 H17 N6 O13 P3'
GOL non-polymer GLYCEROL 'C3 H8 O3'
MG non-polymer 'MAGNESIUM ION' 'Mg 2'
#
# COMPACT_ATOMS: atom_id res chain seq x y z
N VAL A 30 25.10 -4.38 21.83
CA VAL A 30 23.85 -3.62 21.75
C VAL A 30 23.28 -3.75 20.34
N GLN A 31 22.92 -4.98 19.96
CA GLN A 31 22.37 -5.25 18.64
C GLN A 31 21.19 -6.19 18.78
N PHE A 32 20.19 -5.99 17.91
CA PHE A 32 18.96 -6.74 17.96
C PHE A 32 18.71 -7.43 16.61
N LYS A 33 18.23 -8.67 16.67
CA LYS A 33 17.91 -9.42 15.47
C LYS A 33 16.50 -9.05 15.00
N LEU A 34 16.40 -8.62 13.74
CA LEU A 34 15.14 -8.25 13.13
C LEU A 34 14.89 -9.16 11.94
N VAL A 35 13.75 -9.82 11.92
CA VAL A 35 13.34 -10.65 10.79
C VAL A 35 12.30 -9.90 10.00
N LEU A 36 12.45 -9.93 8.68
CA LEU A 36 11.62 -9.18 7.75
C LEU A 36 10.97 -10.18 6.80
N VAL A 37 9.66 -10.33 6.88
CA VAL A 37 8.94 -11.36 6.14
C VAL A 37 7.77 -10.73 5.40
N GLY A 38 7.27 -11.46 4.42
CA GLY A 38 6.21 -11.00 3.55
C GLY A 38 6.32 -11.61 2.18
N ASP A 39 5.23 -11.50 1.42
CA ASP A 39 5.15 -12.11 0.10
C ASP A 39 6.23 -11.57 -0.83
N GLY A 40 6.50 -12.34 -1.88
CA GLY A 40 7.47 -11.91 -2.87
C GLY A 40 6.98 -10.69 -3.62
N GLY A 41 7.90 -9.75 -3.87
CA GLY A 41 7.60 -8.56 -4.61
C GLY A 41 7.02 -7.42 -3.82
N THR A 42 6.92 -7.54 -2.49
CA THR A 42 6.33 -6.50 -1.67
C THR A 42 7.30 -5.35 -1.35
N GLY A 43 8.59 -5.54 -1.59
CA GLY A 43 9.56 -4.49 -1.40
C GLY A 43 10.46 -4.64 -0.18
N LYS A 44 10.57 -5.83 0.40
CA LYS A 44 11.37 -6.00 1.60
C LYS A 44 12.83 -5.64 1.34
N THR A 45 13.42 -6.19 0.28
CA THR A 45 14.83 -5.96 0.00
C THR A 45 15.07 -4.51 -0.43
N THR A 46 14.16 -3.95 -1.22
CA THR A 46 14.28 -2.55 -1.61
C THR A 46 14.22 -1.65 -0.38
N PHE A 47 13.34 -1.96 0.55
CA PHE A 47 13.23 -1.17 1.78
C PHE A 47 14.54 -1.20 2.56
N VAL A 48 15.15 -2.38 2.71
CA VAL A 48 16.41 -2.48 3.43
C VAL A 48 17.51 -1.74 2.69
N LYS A 49 17.66 -2.02 1.39
CA LYS A 49 18.67 -1.34 0.59
C LYS A 49 18.58 0.17 0.76
N ARG A 50 17.37 0.71 0.70
CA ARG A 50 17.19 2.15 0.87
C ARG A 50 17.83 2.63 2.17
N HIS A 51 17.67 1.86 3.25
CA HIS A 51 18.23 2.23 4.54
C HIS A 51 19.73 2.00 4.60
N LEU A 52 20.26 1.09 3.79
CA LEU A 52 21.69 0.75 3.86
C LEU A 52 22.55 1.72 3.05
N THR A 53 22.08 2.10 1.87
CA THR A 53 22.87 2.93 0.97
C THR A 53 22.16 4.19 0.47
N GLY A 54 20.86 4.36 0.77
CA GLY A 54 20.08 5.41 0.16
C GLY A 54 19.62 5.12 -1.25
N GLU A 55 20.05 4.01 -1.84
CA GLU A 55 19.69 3.63 -3.19
C GLU A 55 18.23 3.20 -3.26
N PHE A 56 17.63 3.39 -4.44
CA PHE A 56 16.34 2.79 -4.76
C PHE A 56 16.54 1.84 -5.94
N GLU A 57 16.45 0.54 -5.66
CA GLU A 57 16.63 -0.48 -6.69
C GLU A 57 15.29 -0.71 -7.41
N LYS A 58 15.29 -0.53 -8.72
CA LYS A 58 14.09 -0.73 -9.53
C LYS A 58 13.89 -2.18 -9.96
N LYS A 59 14.96 -2.95 -10.04
CA LYS A 59 14.85 -4.34 -10.47
C LYS A 59 14.34 -5.22 -9.33
N TYR A 60 13.59 -6.25 -9.70
CA TYR A 60 13.15 -7.28 -8.77
C TYR A 60 14.06 -8.49 -8.96
N VAL A 61 15.05 -8.61 -8.09
CA VAL A 61 15.90 -9.80 -8.01
C VAL A 61 15.53 -10.51 -6.73
N ALA A 62 14.80 -11.62 -6.86
CA ALA A 62 14.25 -12.31 -5.70
C ALA A 62 15.37 -12.75 -4.76
N THR A 63 15.16 -12.51 -3.47
CA THR A 63 16.07 -13.00 -2.45
C THR A 63 16.00 -14.52 -2.40
N LEU A 64 17.16 -15.15 -2.18
CA LEU A 64 17.27 -16.60 -2.07
C LEU A 64 17.55 -16.94 -0.62
N GLY A 65 16.56 -17.50 0.06
CA GLY A 65 16.71 -17.83 1.47
C GLY A 65 16.62 -16.62 2.35
N VAL A 66 17.77 -16.00 2.65
CA VAL A 66 17.81 -14.84 3.53
C VAL A 66 19.09 -14.08 3.26
N GLU A 67 19.07 -12.78 3.53
CA GLU A 67 20.24 -11.92 3.42
C GLU A 67 20.32 -11.10 4.70
N VAL A 68 21.44 -11.20 5.40
CA VAL A 68 21.65 -10.52 6.66
C VAL A 68 22.38 -9.20 6.40
N HIS A 69 21.87 -8.11 6.94
CA HIS A 69 22.47 -6.80 6.76
C HIS A 69 22.50 -6.04 8.08
N PRO A 70 23.67 -5.70 8.61
CA PRO A 70 23.71 -4.81 9.77
C PRO A 70 23.23 -3.42 9.40
N LEU A 71 22.46 -2.83 10.32
CA LEU A 71 21.90 -1.49 10.12
C LEU A 71 21.98 -0.75 11.44
N VAL A 72 22.61 0.42 11.44
CA VAL A 72 22.87 1.18 12.66
C VAL A 72 22.14 2.51 12.54
N PHE A 73 21.45 2.87 13.62
CA PHE A 73 20.83 4.18 13.75
C PHE A 73 21.42 4.89 14.96
N HIS A 74 21.52 6.21 14.86
CA HIS A 74 22.05 7.03 15.94
C HIS A 74 20.89 7.69 16.67
N THR A 75 20.80 7.46 17.98
CA THR A 75 19.71 7.95 18.79
C THR A 75 20.26 8.78 19.95
N ASN A 76 19.37 9.50 20.62
CA ASN A 76 19.74 10.22 21.83
C ASN A 76 20.10 9.28 22.97
N ARG A 77 19.81 7.99 22.84
CA ARG A 77 20.24 6.98 23.80
C ARG A 77 21.47 6.20 23.32
N GLY A 78 22.14 6.69 22.29
CA GLY A 78 23.28 6.01 21.73
C GLY A 78 22.90 5.25 20.48
N PRO A 79 23.90 4.62 19.84
CA PRO A 79 23.62 3.86 18.61
C PRO A 79 22.92 2.54 18.92
N ILE A 80 22.00 2.18 18.04
CA ILE A 80 21.32 0.88 18.09
C ILE A 80 21.57 0.17 16.77
N LYS A 81 21.98 -1.09 16.84
CA LYS A 81 22.26 -1.90 15.66
C LYS A 81 21.15 -2.91 15.46
N PHE A 82 20.60 -2.94 14.25
CA PHE A 82 19.68 -3.99 13.83
C PHE A 82 20.42 -4.95 12.90
N ASN A 83 20.34 -6.23 13.21
CA ASN A 83 20.81 -7.28 12.30
C ASN A 83 19.59 -7.76 11.53
N VAL A 84 19.37 -7.17 10.36
CA VAL A 84 18.14 -7.39 9.60
C VAL A 84 18.27 -8.67 8.79
N TRP A 85 17.43 -9.65 9.08
CA TRP A 85 17.36 -10.88 8.30
C TRP A 85 16.26 -10.71 7.26
N ASP A 86 16.66 -10.25 6.07
CA ASP A 86 15.76 -10.07 4.95
C ASP A 86 15.50 -11.43 4.32
N THR A 87 14.31 -11.98 4.56
CA THR A 87 13.98 -13.33 4.10
C THR A 87 13.25 -13.29 2.75
N ALA A 88 13.14 -14.45 2.14
CA ALA A 88 12.52 -14.60 0.83
C ALA A 88 11.03 -14.85 0.97
N GLY A 89 10.24 -14.21 0.11
CA GLY A 89 8.80 -14.34 0.14
C GLY A 89 8.26 -15.37 -0.85
N GLN A 90 9.01 -15.65 -1.90
CA GLN A 90 8.61 -16.69 -2.85
C GLN A 90 8.89 -18.05 -2.26
N GLU A 91 7.88 -18.93 -2.29
CA GLU A 91 8.00 -20.21 -1.60
C GLU A 91 9.15 -21.04 -2.16
N LYS A 92 9.32 -21.03 -3.49
CA LYS A 92 10.40 -21.82 -4.10
C LYS A 92 11.78 -21.31 -3.73
N PHE A 93 11.89 -20.15 -3.08
CA PHE A 93 13.15 -19.63 -2.59
C PHE A 93 13.15 -19.48 -1.07
N GLY A 94 12.24 -20.17 -0.39
CA GLY A 94 12.03 -19.95 1.03
C GLY A 94 13.17 -20.39 1.92
N GLY A 95 14.03 -21.30 1.44
CA GLY A 95 15.15 -21.75 2.25
C GLY A 95 14.66 -22.38 3.55
N LEU A 96 15.24 -21.93 4.66
CA LEU A 96 14.91 -22.48 5.97
C LEU A 96 13.56 -22.01 6.50
N ARG A 97 12.88 -21.11 5.78
CA ARG A 97 11.57 -20.62 6.19
C ARG A 97 11.58 -20.13 7.63
N ASP A 98 10.75 -20.73 8.49
CA ASP A 98 10.66 -20.26 9.86
C ASP A 98 11.90 -20.56 10.69
N GLY A 99 12.87 -21.30 10.13
CA GLY A 99 14.15 -21.43 10.79
C GLY A 99 14.90 -20.13 10.91
N TYR A 100 14.59 -19.16 10.05
CA TYR A 100 15.21 -17.84 10.14
C TYR A 100 14.70 -17.04 11.32
N TYR A 101 13.57 -17.43 11.92
CA TYR A 101 12.95 -16.65 12.97
C TYR A 101 13.50 -16.95 14.36
N ILE A 102 14.27 -18.04 14.51
CA ILE A 102 14.74 -18.43 15.83
C ILE A 102 15.54 -17.29 16.44
N GLN A 103 15.21 -16.94 17.69
CA GLN A 103 15.94 -15.94 18.47
C GLN A 103 15.85 -14.55 17.87
N ALA A 104 14.84 -14.29 17.04
CA ALA A 104 14.59 -12.92 16.61
C ALA A 104 13.97 -12.13 17.75
N GLN A 105 14.34 -10.85 17.84
CA GLN A 105 13.86 -9.98 18.90
C GLN A 105 12.86 -8.94 18.42
N CYS A 106 12.64 -8.84 17.11
CA CYS A 106 11.66 -7.93 16.54
C CYS A 106 11.45 -8.35 15.09
N ALA A 107 10.42 -7.81 14.47
CA ALA A 107 10.09 -8.23 13.11
C ALA A 107 9.27 -7.17 12.39
N ILE A 108 9.33 -7.24 11.07
CA ILE A 108 8.49 -6.43 10.18
C ILE A 108 7.78 -7.38 9.23
N ILE A 109 6.47 -7.24 9.12
CA ILE A 109 5.67 -7.97 8.15
C ILE A 109 5.27 -6.97 7.07
N MET A 110 5.62 -7.29 5.82
N MET A 110 5.63 -7.27 5.82
CA MET A 110 5.44 -6.41 4.68
CA MET A 110 5.42 -6.33 4.72
C MET A 110 4.37 -6.97 3.76
C MET A 110 4.46 -6.92 3.70
N PHE A 111 3.56 -6.07 3.20
CA PHE A 111 2.66 -6.41 2.11
C PHE A 111 2.62 -5.23 1.16
N ASP A 112 1.88 -5.39 0.07
CA ASP A 112 1.86 -4.43 -1.03
C ASP A 112 0.43 -3.93 -1.18
N VAL A 113 0.21 -2.64 -0.93
CA VAL A 113 -1.15 -2.10 -0.99
C VAL A 113 -1.73 -2.13 -2.39
N THR A 114 -0.93 -2.45 -3.41
CA THR A 114 -1.44 -2.62 -4.76
C THR A 114 -1.73 -4.08 -5.09
N SER A 115 -1.61 -4.99 -4.10
CA SER A 115 -1.81 -6.41 -4.33
C SER A 115 -2.60 -6.98 -3.15
N ARG A 116 -3.91 -7.16 -3.34
CA ARG A 116 -4.76 -7.67 -2.28
C ARG A 116 -4.25 -8.99 -1.73
N VAL A 117 -3.70 -9.84 -2.60
CA VAL A 117 -3.26 -11.17 -2.17
C VAL A 117 -2.15 -11.06 -1.12
N THR A 118 -1.29 -10.04 -1.23
CA THR A 118 -0.20 -9.91 -0.26
C THR A 118 -0.74 -9.56 1.12
N TYR A 119 -1.88 -8.86 1.19
CA TYR A 119 -2.51 -8.63 2.47
C TYR A 119 -3.28 -9.85 2.96
N LYS A 120 -3.85 -10.61 2.03
CA LYS A 120 -4.52 -11.86 2.39
C LYS A 120 -3.56 -12.84 3.07
N ASN A 121 -2.28 -12.78 2.72
CA ASN A 121 -1.28 -13.70 3.26
C ASN A 121 -0.63 -13.19 4.53
N VAL A 122 -0.89 -11.95 4.94
CA VAL A 122 -0.30 -11.43 6.18
C VAL A 122 -0.61 -12.34 7.36
N PRO A 123 -1.84 -12.84 7.55
CA PRO A 123 -2.10 -13.76 8.67
C PRO A 123 -1.23 -15.01 8.62
N ASN A 124 -0.89 -15.50 7.43
CA ASN A 124 -0.04 -16.68 7.35
C ASN A 124 1.38 -16.37 7.78
N TRP A 125 1.94 -15.26 7.31
CA TRP A 125 3.26 -14.84 7.75
C TRP A 125 3.28 -14.61 9.26
N HIS A 126 2.24 -13.96 9.80
CA HIS A 126 2.19 -13.70 11.23
C HIS A 126 2.10 -15.00 12.02
N ARG A 127 1.28 -15.93 11.56
CA ARG A 127 1.16 -17.23 12.24
C ARG A 127 2.51 -17.90 12.38
N ASP A 128 3.20 -18.11 11.25
CA ASP A 128 4.50 -18.79 11.29
C ASP A 128 5.52 -18.02 12.12
N LEU A 129 5.33 -16.70 12.26
CA LEU A 129 6.30 -15.90 12.97
C LEU A 129 6.15 -16.01 14.49
N VAL A 130 4.92 -15.88 15.00
CA VAL A 130 4.71 -15.87 16.44
C VAL A 130 4.70 -17.28 17.03
N ARG A 131 4.67 -18.32 16.21
CA ARG A 131 4.86 -19.67 16.73
C ARG A 131 6.30 -19.90 17.15
N VAL A 132 7.24 -19.22 16.50
CA VAL A 132 8.64 -19.25 16.91
C VAL A 132 8.95 -18.15 17.92
N CYS A 133 8.49 -16.93 17.66
CA CYS A 133 8.77 -15.76 18.48
C CYS A 133 7.47 -15.32 19.16
N GLU A 134 7.24 -15.84 20.37
CA GLU A 134 5.94 -15.70 21.01
C GLU A 134 5.68 -14.32 21.59
N ASN A 135 6.71 -13.50 21.78
CA ASN A 135 6.52 -12.19 22.40
C ASN A 135 7.59 -11.21 21.95
N ILE A 136 7.45 -10.67 20.75
CA ILE A 136 8.38 -9.66 20.23
C ILE A 136 7.58 -8.51 19.63
N PRO A 137 8.11 -7.29 19.63
CA PRO A 137 7.43 -6.21 18.91
C PRO A 137 7.48 -6.44 17.40
N ILE A 138 6.33 -6.22 16.75
CA ILE A 138 6.18 -6.48 15.32
C ILE A 138 5.52 -5.27 14.68
N VAL A 139 6.05 -4.85 13.53
CA VAL A 139 5.48 -3.77 12.75
C VAL A 139 4.88 -4.37 11.47
N LEU A 140 3.66 -3.99 11.14
CA LEU A 140 3.04 -4.32 9.87
C LEU A 140 3.17 -3.13 8.95
N CYS A 141 3.69 -3.36 7.74
CA CYS A 141 3.99 -2.29 6.80
C CYS A 141 3.27 -2.57 5.48
N GLY A 142 2.43 -1.62 5.06
CA GLY A 142 1.86 -1.65 3.74
C GLY A 142 2.69 -0.79 2.81
N ASN A 143 3.43 -1.41 1.92
CA ASN A 143 4.39 -0.71 1.09
C ASN A 143 3.74 -0.24 -0.21
N LYS A 144 4.42 0.70 -0.89
CA LYS A 144 4.07 1.14 -2.22
C LYS A 144 2.84 2.04 -2.24
N VAL A 145 2.65 2.84 -1.18
CA VAL A 145 1.56 3.81 -1.18
C VAL A 145 1.80 4.95 -2.16
N ASP A 146 2.97 4.99 -2.79
CA ASP A 146 3.24 6.00 -3.82
C ASP A 146 2.44 5.77 -5.09
N ILE A 147 1.92 4.56 -5.29
CA ILE A 147 1.22 4.23 -6.52
C ILE A 147 -0.23 4.68 -6.40
N LYS A 148 -0.74 5.34 -7.45
CA LYS A 148 -2.08 5.91 -7.40
C LYS A 148 -3.14 4.83 -7.17
N ASP A 149 -3.06 3.74 -7.93
CA ASP A 149 -4.13 2.73 -7.96
C ASP A 149 -3.98 1.78 -6.77
N ARG A 150 -4.22 2.34 -5.59
CA ARG A 150 -4.16 1.55 -4.36
C ARG A 150 -5.30 0.54 -4.33
N LYS A 151 -4.97 -0.72 -4.02
CA LYS A 151 -5.95 -1.80 -4.03
C LYS A 151 -6.39 -2.22 -2.63
N VAL A 152 -5.51 -2.17 -1.65
CA VAL A 152 -5.84 -2.50 -0.26
C VAL A 152 -6.14 -1.17 0.43
N LYS A 153 -7.42 -0.87 0.61
CA LYS A 153 -7.82 0.43 1.13
C LYS A 153 -7.53 0.52 2.62
N ALA A 154 -7.32 1.76 3.08
CA ALA A 154 -6.97 2.00 4.48
C ALA A 154 -7.95 1.31 5.43
N LYS A 155 -9.25 1.39 5.14
CA LYS A 155 -10.24 0.84 6.06
C LYS A 155 -10.24 -0.69 6.10
N SER A 156 -9.70 -1.34 5.06
CA SER A 156 -9.63 -2.80 5.06
C SER A 156 -8.53 -3.34 5.95
N ILE A 157 -7.56 -2.50 6.34
CA ILE A 157 -6.36 -2.96 7.03
C ILE A 157 -6.65 -2.88 8.53
N VAL A 158 -6.97 -4.03 9.13
CA VAL A 158 -7.35 -4.08 10.54
C VAL A 158 -6.69 -5.26 11.25
N PHE A 159 -5.95 -6.09 10.50
CA PHE A 159 -5.41 -7.32 11.08
C PHE A 159 -4.55 -7.04 12.30
N HIS A 160 -3.86 -5.90 12.31
CA HIS A 160 -2.93 -5.56 13.38
C HIS A 160 -3.61 -5.30 14.72
N ARG A 161 -4.91 -5.04 14.73
CA ARG A 161 -5.57 -4.59 15.95
C ARG A 161 -5.55 -5.67 17.03
N LYS A 162 -6.10 -6.84 16.74
CA LYS A 162 -6.14 -7.90 17.73
C LYS A 162 -4.78 -8.52 17.99
N LYS A 163 -3.84 -8.40 17.05
CA LYS A 163 -2.51 -8.97 17.22
C LYS A 163 -1.52 -7.97 17.83
N ASN A 164 -1.95 -6.75 18.11
CA ASN A 164 -1.12 -5.77 18.82
C ASN A 164 0.11 -5.38 18.01
N LEU A 165 -0.02 -5.37 16.68
CA LEU A 165 1.05 -4.91 15.81
C LEU A 165 0.93 -3.41 15.58
N GLN A 166 2.08 -2.76 15.42
CA GLN A 166 2.10 -1.40 14.91
C GLN A 166 1.97 -1.42 13.40
N TYR A 167 1.14 -0.53 12.85
CA TYR A 167 0.96 -0.45 11.41
C TYR A 167 1.43 0.90 10.88
N TYR A 168 2.03 0.87 9.68
CA TYR A 168 2.43 2.08 8.97
C TYR A 168 2.20 1.91 7.48
N ASP A 169 1.58 2.90 6.86
CA ASP A 169 1.72 3.10 5.42
C ASP A 169 3.15 3.54 5.13
N ILE A 170 3.82 2.86 4.20
CA ILE A 170 5.18 3.22 3.83
C ILE A 170 5.34 3.16 2.32
N SER A 171 6.39 3.81 1.84
CA SER A 171 6.81 3.71 0.45
C SER A 171 8.34 3.76 0.43
N ALA A 172 8.97 2.67 0.01
CA ALA A 172 10.41 2.69 -0.18
C ALA A 172 10.82 3.61 -1.32
N LYS A 173 9.89 3.93 -2.23
CA LYS A 173 10.22 4.77 -3.37
C LYS A 173 10.20 6.25 -3.01
N SER A 174 9.19 6.70 -2.28
CA SER A 174 9.08 8.10 -1.88
C SER A 174 9.54 8.34 -0.45
N ASN A 175 10.00 7.31 0.25
CA ASN A 175 10.47 7.40 1.63
C ASN A 175 9.38 7.78 2.61
N TYR A 176 8.11 7.72 2.20
CA TYR A 176 7.02 8.00 3.11
C TYR A 176 7.07 7.05 4.30
N ASN A 177 7.22 7.61 5.51
CA ASN A 177 7.24 6.85 6.76
C ASN A 177 8.32 5.78 6.78
N PHE A 178 9.33 5.86 5.91
CA PHE A 178 10.28 4.76 5.79
C PHE A 178 11.11 4.57 7.06
N GLU A 179 11.20 5.60 7.92
CA GLU A 179 11.95 5.46 9.17
C GLU A 179 11.07 5.03 10.35
N LYS A 180 9.75 5.16 10.23
CA LYS A 180 8.87 4.86 11.35
C LYS A 180 9.02 3.44 11.87
N PRO A 181 9.12 2.41 11.03
CA PRO A 181 9.23 1.05 11.58
C PRO A 181 10.42 0.86 12.50
N PHE A 182 11.56 1.46 12.16
CA PHE A 182 12.76 1.28 12.98
C PHE A 182 12.72 2.16 14.22
N LEU A 183 12.14 3.36 14.13
CA LEU A 183 12.01 4.19 15.33
C LEU A 183 11.11 3.52 16.36
N TRP A 184 9.96 3.00 15.93
CA TRP A 184 9.03 2.36 16.85
C TRP A 184 9.69 1.15 17.51
N LEU A 185 10.33 0.30 16.71
CA LEU A 185 11.01 -0.87 17.27
C LEU A 185 12.13 -0.46 18.22
N ALA A 186 12.89 0.56 17.84
CA ALA A 186 13.96 1.05 18.72
C ALA A 186 13.39 1.43 20.08
N ARG A 187 12.27 2.14 20.10
CA ARG A 187 11.67 2.55 21.36
C ARG A 187 11.19 1.35 22.17
N LYS A 188 10.65 0.34 21.49
CA LYS A 188 10.19 -0.86 22.20
C LYS A 188 11.36 -1.67 22.73
N LEU A 189 12.42 -1.83 21.93
CA LEU A 189 13.52 -2.68 22.34
C LEU A 189 14.33 -2.03 23.47
N ILE A 190 14.47 -0.69 23.44
CA ILE A 190 15.22 -0.01 24.48
C ILE A 190 14.37 0.30 25.71
N GLY A 191 13.05 0.33 25.56
CA GLY A 191 12.19 0.67 26.68
C GLY A 191 12.10 2.16 26.96
N ASP A 192 12.32 2.99 25.95
CA ASP A 192 12.30 4.45 26.10
C ASP A 192 11.39 5.04 25.04
N PRO A 193 10.17 5.46 25.39
CA PRO A 193 9.26 6.02 24.38
C PRO A 193 9.70 7.38 23.86
N ASN A 194 10.62 8.06 24.53
CA ASN A 194 11.11 9.36 24.09
C ASN A 194 12.38 9.26 23.25
N LEU A 195 12.84 8.05 22.95
CA LEU A 195 14.01 7.90 22.09
C LEU A 195 13.76 8.57 20.74
N GLU A 196 14.81 9.18 20.21
CA GLU A 196 14.72 9.90 18.95
C GLU A 196 15.96 9.63 18.12
N PHE A 197 15.80 9.63 16.80
CA PHE A 197 16.95 9.64 15.90
C PHE A 197 17.61 11.01 15.96
N VAL A 198 18.94 11.01 16.08
CA VAL A 198 19.70 12.26 16.12
C VAL A 198 20.76 12.22 15.02
N ALA A 199 21.36 13.37 14.77
CA ALA A 199 22.31 13.53 13.68
C ALA A 199 23.67 12.97 14.10
N MET A 200 24.14 11.97 13.35
CA MET A 200 25.44 11.38 13.61
C MET A 200 26.53 12.45 13.50
N PRO A 201 27.63 12.32 14.23
CA PRO A 201 28.68 13.34 14.18
C PRO A 201 29.35 13.40 12.81
N ALA A 202 29.65 14.61 12.37
CA ALA A 202 30.20 14.87 11.05
C ALA A 202 31.65 15.31 11.19
N LEU A 203 32.57 14.36 11.07
CA LEU A 203 33.98 14.66 11.21
C LEU A 203 34.45 15.57 10.07
N ALA A 204 35.51 16.31 10.34
CA ALA A 204 36.08 17.19 9.32
C ALA A 204 36.76 16.35 8.24
N PRO A 205 36.47 16.60 6.96
CA PRO A 205 37.04 15.78 5.90
C PRO A 205 38.44 16.22 5.54
N PRO A 206 39.24 15.34 4.95
CA PRO A 206 40.62 15.71 4.58
C PRO A 206 40.66 16.61 3.35
N GLU A 207 41.64 17.50 3.34
CA GLU A 207 41.79 18.46 2.25
C GLU A 207 42.69 17.94 1.13
N VAL A 208 42.64 16.64 0.85
CA VAL A 208 43.43 16.05 -0.21
C VAL A 208 43.16 16.79 -1.53
N ASP A 211 47.01 13.46 -7.55
CA ASP A 211 47.85 12.45 -8.17
C ASP A 211 47.50 12.30 -9.66
N PRO A 212 48.48 12.50 -10.57
CA PRO A 212 48.19 12.32 -12.00
C PRO A 212 48.13 10.86 -12.40
N ALA A 213 48.85 9.99 -11.70
CA ALA A 213 48.87 8.57 -12.01
C ALA A 213 47.47 7.98 -12.12
N LEU A 214 46.48 8.61 -11.50
CA LEU A 214 45.09 8.17 -11.56
C LEU A 214 44.20 9.16 -12.31
N ALA A 215 44.77 10.25 -12.83
CA ALA A 215 43.96 11.29 -13.46
C ALA A 215 43.18 10.74 -14.65
N ALA A 216 43.88 10.18 -15.63
CA ALA A 216 43.23 9.69 -16.84
C ALA A 216 42.14 8.67 -16.53
N GLN A 217 42.20 8.00 -15.38
CA GLN A 217 41.20 7.02 -15.01
C GLN A 217 39.94 7.66 -14.43
N TYR A 218 40.06 8.86 -13.85
CA TYR A 218 38.88 9.59 -13.41
C TYR A 218 38.22 10.34 -14.55
N GLU A 219 39.02 10.99 -15.40
CA GLU A 219 38.47 11.66 -16.57
C GLU A 219 37.74 10.68 -17.48
N HIS A 220 38.15 9.41 -17.47
CA HIS A 220 37.42 8.39 -18.22
C HIS A 220 36.11 8.04 -17.52
N ASP A 221 36.19 7.72 -16.22
CA ASP A 221 34.98 7.40 -15.47
C ASP A 221 34.03 8.58 -15.43
N LEU A 222 34.56 9.81 -15.49
CA LEU A 222 33.72 11.00 -15.50
C LEU A 222 33.07 11.21 -16.86
N GLU A 223 33.72 10.79 -17.95
CA GLU A 223 33.11 10.90 -19.27
C GLU A 223 31.88 9.99 -19.39
N VAL A 224 31.97 8.78 -18.85
CA VAL A 224 30.83 7.88 -18.84
C VAL A 224 29.72 8.44 -17.97
N ALA A 225 30.08 8.96 -16.79
CA ALA A 225 29.09 9.48 -15.86
C ALA A 225 28.30 10.62 -16.48
N GLN A 226 28.97 11.50 -17.22
CA GLN A 226 28.28 12.63 -17.83
C GLN A 226 27.30 12.16 -18.91
N THR A 227 27.67 11.15 -19.67
CA THR A 227 26.86 10.67 -20.78
C THR A 227 25.84 9.61 -20.37
N THR A 228 25.73 9.32 -19.08
CA THR A 228 24.69 8.44 -18.55
C THR A 228 23.65 9.30 -17.85
N ALA A 229 22.43 9.31 -18.37
CA ALA A 229 21.40 10.20 -17.87
C ALA A 229 21.02 9.84 -16.43
N LEU A 230 20.79 10.87 -15.62
CA LEU A 230 20.31 10.65 -14.28
C LEU A 230 18.90 10.06 -14.32
N PRO A 231 18.59 9.10 -13.45
CA PRO A 231 17.26 8.49 -13.47
C PRO A 231 16.20 9.43 -12.89
N ASP A 232 14.96 9.17 -13.28
CA ASP A 232 13.79 9.82 -12.68
C ASP A 232 13.89 11.34 -12.78
N GLU A 233 14.06 11.83 -14.01
CA GLU A 233 14.23 13.27 -14.21
C GLU A 233 12.92 14.03 -14.10
N ASP A 234 11.77 13.37 -14.26
CA ASP A 234 10.49 14.03 -14.06
C ASP A 234 10.19 14.23 -12.58
N ASP A 235 10.88 13.53 -11.69
CA ASP A 235 10.59 13.63 -10.26
C ASP A 235 10.83 15.05 -9.77
N ASP A 236 9.95 15.49 -8.86
CA ASP A 236 10.24 16.68 -8.07
C ASP A 236 11.51 16.42 -7.28
N LEU A 237 12.64 16.96 -7.75
CA LEU A 237 13.93 16.74 -7.11
C LEU A 237 14.49 15.37 -7.48
N ILE B 5 13.61 33.16 52.96
CA ILE B 5 14.05 31.79 53.13
C ILE B 5 14.42 31.18 51.77
N HIS B 6 15.55 30.49 51.73
CA HIS B 6 16.01 29.85 50.50
C HIS B 6 15.28 28.53 50.30
N PHE B 7 14.60 28.39 49.16
CA PHE B 7 13.93 27.16 48.77
C PHE B 7 14.68 26.58 47.58
N GLU B 8 15.34 25.44 47.78
CA GLU B 8 16.06 24.79 46.70
C GLU B 8 15.10 24.37 45.60
N PRO B 9 15.29 24.79 44.35
CA PRO B 9 14.39 24.37 43.28
C PRO B 9 14.68 22.93 42.86
N VAL B 10 13.74 22.38 42.08
CA VAL B 10 13.86 21.00 41.62
C VAL B 10 15.15 20.83 40.83
N THR B 20 27.29 16.74 17.30
CA THR B 20 27.13 16.56 15.86
C THR B 20 28.39 16.97 15.11
N MET B 21 29.29 17.68 15.80
CA MET B 21 30.54 18.15 15.21
C MET B 21 30.28 19.16 14.10
N GLU B 22 29.30 20.04 14.31
CA GLU B 22 29.04 21.15 13.42
C GLU B 22 28.96 22.48 14.15
N GLU B 23 29.23 22.50 15.46
CA GLU B 23 29.03 23.71 16.26
C GLU B 23 30.00 24.81 15.86
N ASP B 24 31.25 24.44 15.55
CA ASP B 24 32.29 25.42 15.22
C ASP B 24 32.32 25.74 13.73
N GLU B 25 31.17 25.93 13.10
CA GLU B 25 31.12 26.19 11.67
C GLU B 25 30.00 27.18 11.36
N GLU B 26 30.11 27.81 10.19
CA GLU B 26 29.13 28.76 9.70
C GLU B 26 28.49 28.21 8.43
N VAL B 27 27.21 28.52 8.24
CA VAL B 27 26.45 28.05 7.09
C VAL B 27 26.51 29.13 6.02
N LEU B 28 27.27 28.89 4.95
CA LEU B 28 27.34 29.83 3.85
C LEU B 28 26.15 29.64 2.90
N TYR B 29 25.88 28.40 2.51
CA TYR B 29 24.84 28.09 1.55
C TYR B 29 24.09 26.84 2.00
N LYS B 30 22.80 26.80 1.71
CA LYS B 30 21.96 25.66 2.06
C LYS B 30 20.88 25.48 1.00
N VAL B 31 20.80 24.28 0.44
CA VAL B 31 19.80 23.97 -0.57
C VAL B 31 19.44 22.50 -0.46
N ARG B 32 18.19 22.18 -0.78
CA ARG B 32 17.74 20.79 -0.83
C ARG B 32 18.09 20.19 -2.18
N ALA B 33 18.64 18.98 -2.16
CA ALA B 33 19.13 18.36 -3.37
C ALA B 33 19.02 16.85 -3.26
N LYS B 34 19.22 16.18 -4.38
CA LYS B 34 19.27 14.72 -4.46
C LYS B 34 20.65 14.33 -4.94
N LEU B 35 21.34 13.49 -4.17
CA LEU B 35 22.72 13.13 -4.45
C LEU B 35 22.80 11.73 -5.03
N PHE B 36 23.52 11.59 -6.13
CA PHE B 36 23.74 10.30 -6.79
C PHE B 36 25.23 9.97 -6.80
N ARG B 37 25.54 8.68 -6.82
N ARG B 37 25.53 8.68 -6.80
CA ARG B 37 26.89 8.19 -7.03
CA ARG B 37 26.87 8.17 -7.03
C ARG B 37 26.89 7.21 -8.20
C ARG B 37 26.84 7.25 -8.24
N PHE B 38 27.88 7.33 -9.07
CA PHE B 38 27.95 6.51 -10.27
C PHE B 38 28.60 5.16 -9.96
N ASP B 39 27.90 4.08 -10.29
CA ASP B 39 28.42 2.73 -10.18
C ASP B 39 28.94 2.32 -11.55
N ALA B 40 30.26 2.43 -11.75
CA ALA B 40 30.84 2.18 -13.06
C ALA B 40 30.70 0.71 -13.46
N ASP B 41 30.65 -0.20 -12.49
CA ASP B 41 30.51 -1.62 -12.81
C ASP B 41 29.19 -1.87 -13.53
N ALA B 42 28.09 -1.34 -12.98
CA ALA B 42 26.77 -1.49 -13.59
C ALA B 42 26.43 -0.35 -14.53
N LYS B 43 27.32 0.63 -14.69
CA LYS B 43 27.08 1.78 -15.57
C LYS B 43 25.72 2.40 -15.34
N GLU B 44 25.41 2.68 -14.07
CA GLU B 44 24.17 3.34 -13.73
C GLU B 44 24.38 4.20 -12.50
N TRP B 45 23.55 5.23 -12.38
CA TRP B 45 23.56 6.09 -11.20
C TRP B 45 22.72 5.45 -10.10
N LYS B 46 23.16 5.66 -8.86
CA LYS B 46 22.46 5.17 -7.68
C LYS B 46 22.28 6.32 -6.70
N GLU B 47 21.05 6.52 -6.24
CA GLU B 47 20.78 7.53 -5.24
C GLU B 47 21.60 7.26 -3.99
N ARG B 48 22.09 8.33 -3.37
CA ARG B 48 22.80 8.22 -2.10
C ARG B 48 22.11 8.95 -0.96
N GLY B 49 21.18 9.86 -1.24
CA GLY B 49 20.51 10.60 -0.20
C GLY B 49 19.81 11.84 -0.71
N THR B 50 18.74 12.23 -0.01
CA THR B 50 17.98 13.43 -0.32
C THR B 50 17.80 14.23 0.96
N GLY B 51 18.14 15.52 0.90
CA GLY B 51 18.04 16.37 2.08
C GLY B 51 18.77 17.68 1.85
N ASP B 52 19.08 18.35 2.96
CA ASP B 52 19.73 19.65 2.92
C ASP B 52 21.21 19.48 2.65
N CYS B 53 21.70 20.08 1.57
CA CYS B 53 23.13 20.16 1.28
C CYS B 53 23.63 21.52 1.73
N LYS B 54 24.64 21.52 2.60
CA LYS B 54 25.13 22.73 3.25
C LYS B 54 26.59 22.97 2.92
N PHE B 55 26.95 24.24 2.73
CA PHE B 55 28.35 24.65 2.64
C PHE B 55 28.75 25.21 4.00
N LEU B 56 29.63 24.50 4.70
CA LEU B 56 30.00 24.84 6.07
C LEU B 56 31.44 25.35 6.11
N LYS B 57 31.62 26.58 6.57
CA LYS B 57 32.93 27.19 6.71
C LYS B 57 33.41 27.06 8.15
N ASN B 58 34.54 26.36 8.34
CA ASN B 58 35.12 26.23 9.66
C ASN B 58 35.67 27.58 10.12
N LYS B 59 35.33 27.97 11.35
CA LYS B 59 35.73 29.28 11.85
C LYS B 59 37.20 29.33 12.20
N LYS B 60 37.81 28.18 12.54
CA LYS B 60 39.22 28.15 12.89
C LYS B 60 40.14 28.04 11.68
N THR B 61 39.66 27.51 10.56
CA THR B 61 40.46 27.37 9.36
C THR B 61 39.95 28.16 8.17
N ASN B 62 38.70 28.63 8.21
CA ASN B 62 38.06 29.38 7.13
C ASN B 62 37.85 28.58 5.86
N LYS B 63 38.13 27.28 5.88
CA LYS B 63 37.93 26.44 4.71
C LYS B 63 36.54 25.82 4.75
N VAL B 64 35.97 25.61 3.55
CA VAL B 64 34.57 25.22 3.41
C VAL B 64 34.50 23.77 2.97
N ARG B 65 33.42 23.10 3.40
CA ARG B 65 33.12 21.73 3.01
C ARG B 65 31.66 21.62 2.60
N ILE B 66 31.33 20.46 2.04
CA ILE B 66 29.94 20.08 1.77
C ILE B 66 29.53 19.07 2.82
N LEU B 67 28.44 19.36 3.52
CA LEU B 67 27.82 18.40 4.44
C LEU B 67 26.36 18.27 4.05
N MET B 68 25.94 17.05 3.72
CA MET B 68 24.58 16.76 3.30
C MET B 68 24.06 15.58 4.11
N ARG B 69 22.84 15.73 4.63
CA ARG B 69 22.22 14.70 5.45
C ARG B 69 20.90 14.26 4.84
N ARG B 70 20.58 12.98 5.00
CA ARG B 70 19.29 12.47 4.58
C ARG B 70 18.19 12.93 5.54
N ASP B 71 17.01 13.18 4.99
CA ASP B 71 15.89 13.52 5.84
C ASP B 71 15.54 12.36 6.77
N LYS B 72 14.92 12.71 7.91
CA LYS B 72 14.42 11.73 8.87
C LYS B 72 15.54 11.02 9.61
N THR B 73 16.33 10.21 8.91
CA THR B 73 17.43 9.52 9.57
C THR B 73 18.61 10.45 9.85
N LEU B 74 18.71 11.56 9.11
CA LEU B 74 19.78 12.54 9.30
C LEU B 74 21.17 11.93 9.11
N LYS B 75 21.24 10.78 8.44
CA LYS B 75 22.53 10.16 8.18
C LYS B 75 23.26 10.92 7.08
N ILE B 76 24.58 10.98 7.22
CA ILE B 76 25.41 11.77 6.32
C ILE B 76 25.58 11.02 5.02
N CYS B 77 25.22 11.66 3.90
CA CYS B 77 25.42 11.10 2.57
C CYS B 77 26.44 11.88 1.75
N ALA B 78 27.08 12.90 2.34
CA ALA B 78 28.16 13.60 1.67
C ALA B 78 28.93 14.43 2.70
N ASN B 79 30.25 14.28 2.71
CA ASN B 79 31.10 15.06 3.59
C ASN B 79 32.49 15.13 2.97
N HIS B 80 32.85 16.29 2.42
CA HIS B 80 34.12 16.44 1.74
C HIS B 80 34.39 17.92 1.52
N ILE B 81 35.68 18.26 1.39
CA ILE B 81 36.07 19.64 1.13
C ILE B 81 35.68 20.01 -0.29
N ILE B 82 35.26 21.26 -0.48
CA ILE B 82 35.03 21.80 -1.81
C ILE B 82 36.38 22.17 -2.40
N ALA B 83 37.10 21.17 -2.90
CA ALA B 83 38.46 21.38 -3.36
C ALA B 83 38.50 22.40 -4.50
N PRO B 84 39.56 23.20 -4.60
CA PRO B 84 39.68 24.13 -5.73
C PRO B 84 39.83 23.42 -7.08
N GLU B 85 40.27 22.17 -7.09
CA GLU B 85 40.51 21.44 -8.33
C GLU B 85 39.27 20.75 -8.88
N TYR B 86 38.22 20.60 -8.09
CA TYR B 86 37.00 19.98 -8.58
C TYR B 86 36.34 20.86 -9.63
N THR B 87 35.61 20.23 -10.55
CA THR B 87 34.99 20.92 -11.68
C THR B 87 33.60 20.36 -11.90
N LEU B 88 32.60 21.25 -11.92
CA LEU B 88 31.21 20.87 -12.12
C LEU B 88 30.90 20.81 -13.61
N LYS B 89 30.53 19.61 -14.08
CA LYS B 89 30.12 19.41 -15.46
C LYS B 89 28.64 19.03 -15.52
N PRO B 90 27.93 19.43 -16.58
CA PRO B 90 26.51 19.10 -16.67
C PRO B 90 26.30 17.64 -17.06
N ASN B 91 25.10 17.15 -16.75
CA ASN B 91 24.68 15.80 -17.12
C ASN B 91 23.83 15.88 -18.38
N VAL B 92 23.97 14.87 -19.24
CA VAL B 92 23.34 14.91 -20.56
C VAL B 92 21.83 15.04 -20.45
N GLY B 93 21.23 14.49 -19.40
CA GLY B 93 19.78 14.43 -19.31
C GLY B 93 19.16 15.38 -18.32
N SER B 94 19.88 16.44 -17.94
CA SER B 94 19.39 17.34 -16.90
C SER B 94 19.95 18.73 -17.11
N ASP B 95 19.10 19.73 -16.93
CA ASP B 95 19.51 21.13 -16.89
C ASP B 95 19.52 21.67 -15.47
N ARG B 96 19.39 20.80 -14.46
CA ARG B 96 19.37 21.20 -13.07
C ARG B 96 20.24 20.28 -12.21
N SER B 97 21.32 19.76 -12.79
CA SER B 97 22.21 18.85 -12.09
C SER B 97 23.66 19.18 -12.42
N TRP B 98 24.57 18.73 -11.57
CA TRP B 98 25.99 18.89 -11.77
C TRP B 98 26.69 17.56 -11.48
N VAL B 99 27.69 17.24 -12.30
CA VAL B 99 28.50 16.04 -12.15
C VAL B 99 29.93 16.45 -11.87
N TYR B 100 30.57 15.77 -10.92
CA TYR B 100 31.98 16.04 -10.64
C TYR B 100 32.55 14.88 -9.83
N ALA B 101 33.84 14.64 -10.02
CA ALA B 101 34.55 13.60 -9.30
C ALA B 101 35.02 14.11 -7.95
N CYS B 102 34.98 13.24 -6.95
CA CYS B 102 35.42 13.56 -5.59
C CYS B 102 36.46 12.54 -5.17
N THR B 103 37.57 13.04 -4.62
CA THR B 103 38.70 12.17 -4.30
C THR B 103 38.67 11.65 -2.87
N ALA B 104 37.96 12.31 -1.96
CA ALA B 104 37.94 11.88 -0.56
C ALA B 104 36.64 12.35 0.09
N ASP B 105 35.64 11.47 0.05
CA ASP B 105 34.40 11.65 0.81
C ASP B 105 34.36 10.65 1.94
N ILE B 106 33.92 11.11 3.12
CA ILE B 106 34.02 10.31 4.34
C ILE B 106 32.64 10.11 4.95
N ALA B 107 31.60 10.11 4.13
CA ALA B 107 30.26 9.87 4.63
C ALA B 107 30.03 8.41 5.01
N GLU B 108 30.79 7.49 4.41
CA GLU B 108 30.60 6.06 4.61
C GLU B 108 31.74 5.43 5.40
N GLY B 109 32.58 6.23 6.04
CA GLY B 109 33.72 5.72 6.78
C GLY B 109 35.03 6.26 6.27
N GLU B 110 35.96 5.37 5.93
CA GLU B 110 37.24 5.80 5.40
C GLU B 110 37.04 6.61 4.11
N ALA B 111 38.00 7.50 3.84
CA ALA B 111 37.96 8.27 2.62
C ALA B 111 37.84 7.36 1.41
N GLU B 112 37.15 7.84 0.38
CA GLU B 112 36.93 7.04 -0.82
C GLU B 112 36.63 7.98 -1.97
N ALA B 113 36.95 7.54 -3.19
CA ALA B 113 36.72 8.34 -4.38
C ALA B 113 35.35 8.06 -4.95
N PHE B 114 34.69 9.10 -5.46
CA PHE B 114 33.34 8.99 -5.99
C PHE B 114 33.18 9.92 -7.19
N THR B 115 32.31 9.52 -8.10
CA THR B 115 31.80 10.40 -9.16
C THR B 115 30.38 10.77 -8.78
N PHE B 116 30.19 11.99 -8.31
CA PHE B 116 28.92 12.44 -7.77
C PHE B 116 28.09 13.18 -8.81
N ALA B 117 26.77 13.10 -8.64
CA ALA B 117 25.83 13.96 -9.34
C ALA B 117 24.83 14.49 -8.32
N ILE B 118 24.55 15.79 -8.38
CA ILE B 118 23.64 16.44 -7.44
C ILE B 118 22.58 17.17 -8.25
N ARG B 119 21.32 16.91 -7.93
CA ARG B 119 20.18 17.48 -8.63
C ARG B 119 19.38 18.37 -7.69
N PHE B 120 18.77 19.41 -8.24
CA PHE B 120 18.04 20.40 -7.47
C PHE B 120 16.63 20.52 -8.03
N GLY B 121 15.83 21.39 -7.40
CA GLY B 121 14.45 21.54 -7.79
C GLY B 121 14.25 22.32 -9.07
N SER B 122 15.19 23.20 -9.41
CA SER B 122 15.05 24.04 -10.59
C SER B 122 16.42 24.36 -11.14
N LYS B 123 16.44 24.87 -12.38
CA LYS B 123 17.70 25.27 -13.00
C LYS B 123 18.36 26.40 -12.23
N GLU B 124 17.58 27.31 -11.65
CA GLU B 124 18.16 28.44 -10.95
C GLU B 124 18.88 27.98 -9.68
N ASN B 125 18.26 27.10 -8.91
CA ASN B 125 18.93 26.58 -7.72
C ASN B 125 20.22 25.85 -8.08
N ALA B 126 20.22 25.15 -9.22
CA ALA B 126 21.45 24.52 -9.69
C ALA B 126 22.48 25.57 -10.11
N ASP B 127 22.03 26.62 -10.79
CA ASP B 127 22.95 27.70 -11.17
C ASP B 127 23.46 28.43 -9.94
N LYS B 128 22.57 28.71 -8.97
CA LYS B 128 23.01 29.33 -7.72
C LYS B 128 24.02 28.44 -7.00
N PHE B 129 23.75 27.14 -6.94
CA PHE B 129 24.69 26.21 -6.33
C PHE B 129 26.09 26.35 -6.94
N LYS B 130 26.18 26.33 -8.28
CA LYS B 130 27.47 26.49 -8.92
C LYS B 130 28.11 27.83 -8.56
N GLU B 131 27.29 28.87 -8.47
CA GLU B 131 27.79 30.18 -8.03
C GLU B 131 28.43 30.08 -6.65
N GLU B 132 27.69 29.57 -5.67
CA GLU B 132 28.23 29.40 -4.33
C GLU B 132 29.38 28.39 -4.33
N PHE B 133 29.24 27.31 -5.09
CA PHE B 133 30.28 26.29 -5.16
C PHE B 133 31.61 26.90 -5.58
N GLU B 134 31.59 27.90 -6.46
CA GLU B 134 32.82 28.52 -6.92
C GLU B 134 33.32 29.57 -5.94
N LYS B 135 32.42 30.35 -5.35
CA LYS B 135 32.81 31.24 -4.25
C LYS B 135 33.57 30.45 -3.19
N ALA B 136 33.02 29.30 -2.79
CA ALA B 136 33.67 28.49 -1.76
C ALA B 136 35.04 28.02 -2.20
N GLN B 137 35.20 27.73 -3.48
CA GLN B 137 36.52 27.30 -3.98
C GLN B 137 37.55 28.39 -3.80
N GLU B 138 37.19 29.65 -4.11
CA GLU B 138 38.12 30.75 -3.90
C GLU B 138 38.56 30.83 -2.45
N ILE B 139 37.65 30.55 -1.52
CA ILE B 139 37.99 30.62 -0.09
C ILE B 139 39.01 29.54 0.25
N ASN B 140 38.78 28.31 -0.18
CA ASN B 140 39.75 27.25 0.03
C ASN B 140 41.05 27.50 -0.73
N LYS B 141 41.02 28.38 -1.73
CA LYS B 141 42.24 28.80 -2.40
C LYS B 141 43.05 29.75 -1.51
N LYS B 142 42.38 30.76 -0.96
CA LYS B 142 43.06 31.80 -0.20
C LYS B 142 43.73 31.28 1.06
N ALA B 143 43.55 30.00 1.41
CA ALA B 143 44.19 29.43 2.58
C ALA B 143 44.94 28.15 2.23
N GLY C 2 34.93 -24.72 1.10
CA GLY C 2 34.45 -26.12 0.90
C GLY C 2 34.72 -27.04 2.07
N SER C 3 34.90 -26.44 3.25
CA SER C 3 35.14 -27.20 4.47
C SER C 3 33.83 -27.61 5.15
N MET C 4 32.93 -26.65 5.38
CA MET C 4 31.65 -26.96 5.98
C MET C 4 30.74 -27.78 5.08
N GLU C 5 31.11 -27.96 3.80
CA GLU C 5 30.28 -28.69 2.86
C GLU C 5 30.33 -30.19 3.05
N GLY C 6 30.92 -30.67 4.14
CA GLY C 6 31.00 -32.12 4.35
C GLY C 6 29.65 -32.75 4.57
N ILE C 7 28.75 -32.08 5.29
CA ILE C 7 27.45 -32.65 5.61
C ILE C 7 26.63 -32.89 4.36
N LEU C 8 26.91 -32.18 3.26
CA LEU C 8 26.18 -32.38 2.03
C LEU C 8 26.54 -33.68 1.33
N ASP C 9 27.55 -34.40 1.81
CA ASP C 9 27.95 -35.68 1.23
C ASP C 9 27.25 -36.81 1.99
N PHE C 10 26.26 -37.43 1.35
CA PHE C 10 25.50 -38.51 1.96
C PHE C 10 26.16 -39.87 1.82
N SER C 11 27.28 -39.96 1.11
CA SER C 11 28.02 -41.23 1.05
C SER C 11 28.47 -41.66 2.43
N ASN C 12 29.08 -40.74 3.17
CA ASN C 12 29.53 -41.02 4.53
C ASN C 12 28.41 -40.72 5.53
N ASP C 13 28.58 -41.24 6.74
CA ASP C 13 27.63 -40.94 7.81
C ASP C 13 27.64 -39.45 8.12
N LEU C 14 26.50 -38.96 8.60
CA LEU C 14 26.37 -37.56 8.94
C LEU C 14 27.14 -37.27 10.22
N ASP C 15 28.11 -36.36 10.14
CA ASP C 15 28.89 -35.95 11.30
C ASP C 15 28.12 -34.87 12.05
N ILE C 16 27.45 -35.26 13.14
CA ILE C 16 26.64 -34.32 13.90
C ILE C 16 27.46 -33.09 14.28
N ALA C 17 28.68 -33.33 14.79
CA ALA C 17 29.53 -32.22 15.20
C ALA C 17 29.74 -31.23 14.07
N LEU C 18 29.92 -31.72 12.84
CA LEU C 18 30.06 -30.82 11.70
C LEU C 18 28.76 -30.07 11.44
N LEU C 19 27.61 -30.69 11.70
CA LEU C 19 26.34 -30.02 11.53
C LEU C 19 26.20 -28.85 12.51
N ASP C 20 26.47 -29.12 13.79
CA ASP C 20 26.31 -28.08 14.81
C ASP C 20 27.25 -26.90 14.57
N GLN C 21 28.40 -27.14 13.93
CA GLN C 21 29.26 -26.02 13.57
C GLN C 21 28.59 -25.16 12.51
N VAL C 22 28.09 -25.77 11.45
CA VAL C 22 27.39 -25.02 10.40
C VAL C 22 26.23 -24.24 11.01
N VAL C 23 25.42 -24.91 11.81
CA VAL C 23 24.26 -24.26 12.42
C VAL C 23 24.70 -23.08 13.27
N SER C 24 25.68 -23.31 14.15
CA SER C 24 26.16 -22.23 15.01
C SER C 24 26.75 -21.09 14.19
N THR C 25 27.49 -21.42 13.13
CA THR C 25 28.08 -20.38 12.29
C THR C 25 27.00 -19.54 11.62
N PHE C 26 25.82 -20.12 11.38
CA PHE C 26 24.76 -19.41 10.69
C PHE C 26 23.99 -18.49 11.65
N TYR C 27 23.59 -19.02 12.81
CA TYR C 27 22.77 -18.24 13.73
C TYR C 27 23.60 -17.23 14.51
N GLN C 28 24.74 -17.66 15.06
CA GLN C 28 25.56 -16.80 15.90
C GLN C 28 26.74 -16.17 15.17
N GLY C 29 27.09 -16.65 13.98
CA GLY C 29 28.19 -16.10 13.22
C GLY C 29 27.81 -14.81 12.52
N SER C 30 28.64 -14.44 11.55
CA SER C 30 28.41 -13.21 10.79
C SER C 30 29.22 -13.25 9.50
N GLY C 31 28.84 -12.37 8.58
CA GLY C 31 29.63 -12.15 7.37
C GLY C 31 29.67 -13.35 6.44
N VAL C 32 30.82 -13.51 5.79
CA VAL C 32 30.97 -14.52 4.75
C VAL C 32 30.73 -15.92 5.32
N GLN C 33 31.28 -16.21 6.49
CA GLN C 33 31.11 -17.52 7.08
C GLN C 33 29.64 -17.82 7.35
N GLN C 34 28.89 -16.81 7.81
CA GLN C 34 27.45 -16.99 7.99
C GLN C 34 26.77 -17.25 6.65
N LYS C 35 27.09 -16.45 5.64
CA LYS C 35 26.47 -16.61 4.33
C LYS C 35 26.76 -17.98 3.75
N GLN C 36 28.01 -18.46 3.87
CA GLN C 36 28.35 -19.79 3.34
C GLN C 36 27.63 -20.88 4.14
N ALA C 37 27.54 -20.71 5.46
CA ALA C 37 26.79 -21.67 6.26
C ALA C 37 25.32 -21.71 5.83
N GLN C 38 24.77 -20.55 5.47
CA GLN C 38 23.36 -20.49 5.07
C GLN C 38 23.12 -21.34 3.82
N GLU C 39 23.96 -21.18 2.80
CA GLU C 39 23.78 -21.95 1.58
C GLU C 39 23.93 -23.44 1.84
N ILE C 40 24.84 -23.82 2.73
CA ILE C 40 25.04 -25.24 3.03
C ILE C 40 23.81 -25.81 3.73
N LEU C 41 23.20 -25.03 4.62
CA LEU C 41 22.03 -25.52 5.35
C LEU C 41 20.82 -25.64 4.44
N THR C 42 20.64 -24.67 3.53
CA THR C 42 19.56 -24.77 2.56
C THR C 42 19.73 -26.01 1.69
N LYS C 43 20.96 -26.25 1.21
CA LYS C 43 21.20 -27.41 0.36
C LYS C 43 21.02 -28.71 1.13
N PHE C 44 21.44 -28.73 2.40
CA PHE C 44 21.22 -29.91 3.23
C PHE C 44 19.73 -30.13 3.50
N GLN C 45 19.02 -29.05 3.84
CA GLN C 45 17.60 -29.18 4.17
C GLN C 45 16.79 -29.63 2.97
N ASP C 46 17.17 -29.19 1.77
CA ASP C 46 16.42 -29.49 0.56
C ASP C 46 16.81 -30.82 -0.07
N ASN C 47 17.71 -31.56 0.54
CA ASN C 47 18.03 -32.89 0.05
C ASN C 47 16.83 -33.80 0.26
N PRO C 48 16.30 -34.44 -0.79
CA PRO C 48 15.10 -35.27 -0.60
C PRO C 48 15.30 -36.46 0.32
N ASP C 49 16.54 -36.78 0.70
CA ASP C 49 16.82 -37.85 1.64
C ASP C 49 17.11 -37.35 3.05
N ALA C 50 17.20 -36.03 3.26
CA ALA C 50 17.62 -35.50 4.55
C ALA C 50 16.73 -35.99 5.68
N TRP C 51 15.44 -36.22 5.41
CA TRP C 51 14.53 -36.65 6.47
C TRP C 51 15.02 -37.95 7.12
N GLN C 52 15.67 -38.82 6.34
CA GLN C 52 16.16 -40.08 6.89
C GLN C 52 17.18 -39.84 7.99
N LYS C 53 18.03 -38.83 7.82
CA LYS C 53 19.03 -38.47 8.82
C LYS C 53 18.47 -37.55 9.90
N ALA C 54 17.14 -37.37 9.95
CA ALA C 54 16.54 -36.52 10.97
C ALA C 54 16.48 -37.22 12.31
N ASP C 55 16.24 -38.54 12.31
CA ASP C 55 16.22 -39.28 13.57
C ASP C 55 17.56 -39.19 14.29
N GLN C 56 18.66 -39.19 13.53
CA GLN C 56 19.99 -39.04 14.14
C GLN C 56 20.11 -37.72 14.87
N ILE C 57 19.73 -36.62 14.21
CA ILE C 57 19.95 -35.29 14.78
C ILE C 57 19.15 -35.13 16.07
N LEU C 58 17.88 -35.54 16.06
CA LEU C 58 17.03 -35.34 17.23
C LEU C 58 17.53 -36.09 18.45
N GLN C 59 18.28 -37.18 18.25
CA GLN C 59 18.77 -37.99 19.35
C GLN C 59 20.14 -37.57 19.83
N PHE C 60 21.06 -37.29 18.91
CA PHE C 60 22.48 -37.15 19.24
C PHE C 60 23.02 -35.74 19.06
N SER C 61 22.19 -34.78 18.66
CA SER C 61 22.64 -33.40 18.56
C SER C 61 22.44 -32.69 19.90
N THR C 62 23.38 -31.81 20.23
CA THR C 62 23.26 -30.96 21.41
C THR C 62 22.76 -29.56 21.06
N ASN C 63 22.61 -29.25 19.77
CA ASN C 63 22.23 -27.92 19.33
C ASN C 63 20.73 -27.87 19.08
N PRO C 64 19.96 -27.08 19.83
CA PRO C 64 18.51 -27.04 19.58
C PRO C 64 18.16 -26.50 18.20
N GLN C 65 18.96 -25.60 17.64
CA GLN C 65 18.70 -25.11 16.30
C GLN C 65 18.75 -26.25 15.28
N SER C 66 19.71 -27.16 15.45
CA SER C 66 19.82 -28.29 14.52
C SER C 66 18.61 -29.19 14.60
N LYS C 67 18.10 -29.43 15.82
CA LYS C 67 16.89 -30.24 15.97
C LYS C 67 15.69 -29.54 15.34
N PHE C 68 15.59 -28.22 15.52
CA PHE C 68 14.54 -27.45 14.86
C PHE C 68 14.59 -27.66 13.35
N ILE C 69 15.78 -27.49 12.76
CA ILE C 69 15.93 -27.70 11.32
C ILE C 69 15.54 -29.12 10.95
N ALA C 70 15.87 -30.09 11.80
CA ALA C 70 15.53 -31.48 11.50
C ALA C 70 14.01 -31.66 11.44
N LEU C 71 13.29 -31.04 12.36
CA LEU C 71 11.83 -31.11 12.33
C LEU C 71 11.27 -30.40 11.10
N SER C 72 11.91 -29.32 10.65
CA SER C 72 11.47 -28.65 9.43
C SER C 72 11.61 -29.58 8.23
N ILE C 73 12.75 -30.25 8.10
CA ILE C 73 12.92 -31.24 7.06
C ILE C 73 11.85 -32.32 7.19
N LEU C 74 11.59 -32.76 8.42
CA LEU C 74 10.56 -33.76 8.65
C LEU C 74 9.18 -33.22 8.29
N ASP C 75 8.94 -31.93 8.59
CA ASP C 75 7.66 -31.33 8.28
C ASP C 75 7.39 -31.33 6.77
N LYS C 76 8.39 -30.93 5.98
CA LYS C 76 8.25 -30.98 4.53
C LYS C 76 7.85 -32.38 4.06
N LEU C 77 8.39 -33.41 4.73
CA LEU C 77 8.12 -34.79 4.34
C LEU C 77 6.70 -35.18 4.70
N ILE C 78 6.27 -34.90 5.93
CA ILE C 78 4.92 -35.24 6.36
C ILE C 78 3.89 -34.53 5.48
N THR C 79 4.17 -33.27 5.11
CA THR C 79 3.18 -32.47 4.41
C THR C 79 2.99 -32.93 2.97
N ARG C 80 4.06 -33.38 2.32
CA ARG C 80 4.06 -33.54 0.87
C ARG C 80 4.22 -34.98 0.39
N LYS C 81 4.85 -35.86 1.15
CA LYS C 81 5.14 -37.21 0.67
C LYS C 81 4.78 -38.28 1.70
N TRP C 82 3.99 -37.93 2.71
CA TRP C 82 3.64 -38.88 3.76
C TRP C 82 3.07 -40.18 3.19
N LYS C 83 2.07 -40.05 2.32
CA LYS C 83 1.37 -41.24 1.81
C LYS C 83 2.21 -42.06 0.85
N LEU C 84 3.33 -41.53 0.36
CA LEU C 84 4.19 -42.27 -0.55
C LEU C 84 5.14 -43.23 0.17
N LEU C 85 5.30 -43.08 1.48
CA LEU C 85 6.27 -43.87 2.22
C LEU C 85 5.77 -45.28 2.47
N PRO C 86 6.69 -46.21 2.74
CA PRO C 86 6.26 -47.50 3.29
C PRO C 86 5.59 -47.29 4.65
N ASN C 87 4.56 -48.09 4.92
CA ASN C 87 3.84 -47.94 6.17
C ASN C 87 4.77 -48.09 7.37
N ASP C 88 5.91 -48.76 7.21
CA ASP C 88 6.87 -48.89 8.30
C ASP C 88 7.37 -47.52 8.75
N HIS C 89 7.81 -46.70 7.80
CA HIS C 89 8.36 -45.38 8.16
C HIS C 89 7.29 -44.52 8.81
N ARG C 90 6.06 -44.53 8.30
CA ARG C 90 5.00 -43.72 8.88
C ARG C 90 4.84 -44.00 10.37
N ILE C 91 4.78 -45.28 10.74
CA ILE C 91 4.67 -45.64 12.15
C ILE C 91 5.91 -45.23 12.91
N GLY C 92 7.08 -45.39 12.29
CA GLY C 92 8.32 -45.04 12.97
C GLY C 92 8.41 -43.55 13.26
N ILE C 93 8.12 -42.72 12.26
CA ILE C 93 8.20 -41.28 12.44
C ILE C 93 7.25 -40.84 13.55
N ARG C 94 6.01 -41.32 13.53
CA ARG C 94 5.09 -41.03 14.62
C ARG C 94 5.70 -41.40 15.96
N ASN C 95 6.36 -42.55 16.05
CA ASN C 95 6.80 -43.07 17.33
C ASN C 95 7.87 -42.16 17.95
N PHE C 96 8.90 -41.81 17.20
CA PHE C 96 9.97 -41.02 17.80
C PHE C 96 9.68 -39.51 17.80
N VAL C 97 8.54 -39.09 17.25
CA VAL C 97 8.06 -37.73 17.51
C VAL C 97 7.27 -37.70 18.83
N VAL C 98 6.36 -38.65 19.00
CA VAL C 98 5.65 -38.77 20.27
C VAL C 98 6.64 -38.95 21.40
N GLY C 99 7.57 -39.89 21.25
CA GLY C 99 8.54 -40.15 22.31
C GLY C 99 9.42 -38.94 22.59
N MET C 100 9.91 -38.28 21.54
CA MET C 100 10.76 -37.11 21.74
C MET C 100 10.06 -36.04 22.55
N ILE C 101 8.75 -35.87 22.34
CA ILE C 101 8.00 -34.86 23.09
C ILE C 101 7.82 -35.29 24.53
N ILE C 102 7.54 -36.57 24.76
CA ILE C 102 7.39 -37.07 26.13
C ILE C 102 8.66 -36.80 26.92
N SER C 103 9.82 -37.13 26.33
CA SER C 103 11.07 -36.99 27.06
C SER C 103 11.38 -35.54 27.38
N MET C 104 11.13 -34.63 26.43
CA MET C 104 11.40 -33.21 26.67
C MET C 104 10.52 -32.66 27.79
N CYS C 105 9.30 -33.17 27.93
CA CYS C 105 8.42 -32.71 29.00
C CYS C 105 8.85 -33.24 30.36
N GLN C 106 9.66 -34.30 30.41
CA GLN C 106 10.11 -34.85 31.67
C GLN C 106 11.23 -34.02 32.29
N ASP C 107 12.25 -33.69 31.49
CA ASP C 107 13.36 -32.87 31.96
C ASP C 107 12.89 -31.44 32.13
N ASP C 108 12.56 -31.05 33.36
CA ASP C 108 12.15 -29.68 33.63
C ASP C 108 13.20 -28.69 33.15
N GLU C 109 14.46 -29.10 33.12
CA GLU C 109 15.51 -28.25 32.57
C GLU C 109 15.29 -28.01 31.08
N VAL C 110 14.99 -29.09 30.34
CA VAL C 110 14.72 -28.94 28.91
C VAL C 110 13.36 -28.27 28.69
N PHE C 111 12.36 -28.65 29.49
CA PHE C 111 11.01 -28.14 29.27
C PHE C 111 10.95 -26.63 29.36
N LYS C 112 11.85 -26.01 30.12
CA LYS C 112 11.87 -24.57 30.29
C LYS C 112 12.88 -23.87 29.39
N THR C 113 13.94 -24.56 29.00
CA THR C 113 15.00 -23.94 28.20
C THR C 113 14.72 -23.99 26.71
N GLN C 114 13.99 -25.00 26.23
CA GLN C 114 13.81 -25.19 24.80
C GLN C 114 12.34 -25.10 24.40
N LYS C 115 11.67 -24.03 24.83
CA LYS C 115 10.27 -23.85 24.45
C LYS C 115 10.11 -23.83 22.93
N ASN C 116 11.06 -23.20 22.23
CA ASN C 116 11.01 -23.18 20.77
C ASN C 116 11.01 -24.60 20.21
N LEU C 117 12.00 -25.41 20.60
CA LEU C 117 12.10 -26.77 20.09
C LEU C 117 10.87 -27.59 20.44
N ILE C 118 10.29 -27.37 21.61
CA ILE C 118 9.12 -28.14 22.02
C ILE C 118 7.89 -27.73 21.22
N ASN C 119 7.74 -26.42 20.98
CA ASN C 119 6.61 -25.97 20.17
C ASN C 119 6.74 -26.45 18.73
N LYS C 120 7.95 -26.46 18.19
CA LYS C 120 8.17 -26.98 16.85
C LYS C 120 7.83 -28.47 16.78
N SER C 121 8.20 -29.23 17.81
CA SER C 121 7.86 -30.65 17.84
C SER C 121 6.35 -30.85 17.97
N ASP C 122 5.70 -30.00 18.77
CA ASP C 122 4.24 -30.06 18.86
C ASP C 122 3.60 -29.83 17.50
N LEU C 123 4.08 -28.82 16.76
CA LEU C 123 3.52 -28.55 15.44
C LEU C 123 3.76 -29.71 14.50
N THR C 124 4.95 -30.32 14.56
CA THR C 124 5.23 -31.49 13.74
C THR C 124 4.27 -32.63 14.08
N LEU C 125 3.98 -32.82 15.37
CA LEU C 125 2.99 -33.82 15.77
C LEU C 125 1.62 -33.51 15.16
N VAL C 126 1.25 -32.22 15.12
CA VAL C 126 -0.06 -31.85 14.59
C VAL C 126 -0.14 -32.16 13.10
N GLN C 127 0.96 -32.02 12.37
CA GLN C 127 0.96 -32.38 10.95
C GLN C 127 0.65 -33.86 10.78
N ILE C 128 1.26 -34.70 11.62
CA ILE C 128 0.97 -36.14 11.58
C ILE C 128 -0.51 -36.37 11.85
N LEU C 129 -1.06 -35.67 12.84
CA LEU C 129 -2.49 -35.80 13.13
C LEU C 129 -3.35 -35.49 11.90
N LYS C 130 -3.01 -34.42 11.18
CA LYS C 130 -3.79 -34.07 9.99
C LYS C 130 -3.75 -35.18 8.94
N GLN C 131 -2.70 -36.00 8.96
CA GLN C 131 -2.58 -37.12 8.03
C GLN C 131 -3.24 -38.39 8.56
N GLU C 132 -3.18 -38.62 9.88
CA GLU C 132 -3.48 -39.92 10.44
C GLU C 132 -4.67 -39.95 11.39
N TRP C 133 -5.15 -38.80 11.86
CA TRP C 133 -6.12 -38.79 12.93
C TRP C 133 -7.51 -38.41 12.44
N PRO C 134 -8.58 -39.04 12.94
CA PRO C 134 -8.61 -40.14 13.91
C PRO C 134 -8.73 -41.53 13.30
N GLN C 135 -8.74 -41.61 11.97
CA GLN C 135 -8.99 -42.90 11.31
C GLN C 135 -7.92 -43.92 11.66
N ASN C 136 -6.65 -43.48 11.78
CA ASN C 136 -5.55 -44.36 12.16
C ASN C 136 -4.98 -44.02 13.53
N TRP C 137 -5.75 -43.32 14.36
CA TRP C 137 -5.26 -42.90 15.67
C TRP C 137 -6.45 -42.58 16.58
N PRO C 138 -7.42 -43.48 16.69
CA PRO C 138 -8.66 -43.15 17.42
C PRO C 138 -8.43 -42.85 18.89
N GLU C 139 -7.32 -43.28 19.47
CA GLU C 139 -7.08 -43.16 20.90
C GLU C 139 -6.27 -41.93 21.27
N PHE C 140 -6.03 -41.02 20.32
CA PHE C 140 -5.16 -39.88 20.60
C PHE C 140 -5.74 -39.01 21.71
N ILE C 141 -6.98 -38.57 21.55
CA ILE C 141 -7.59 -37.63 22.50
C ILE C 141 -7.75 -38.32 23.86
N PRO C 142 -8.33 -39.53 23.93
CA PRO C 142 -8.39 -40.20 25.23
C PRO C 142 -7.03 -40.37 25.89
N GLU C 143 -6.02 -40.79 25.13
CA GLU C 143 -4.68 -40.95 25.70
C GLU C 143 -4.04 -39.62 26.03
N LEU C 144 -4.41 -38.55 25.32
CA LEU C 144 -3.92 -37.22 25.67
C LEU C 144 -4.49 -36.77 27.01
N ILE C 145 -5.79 -36.94 27.19
CA ILE C 145 -6.42 -36.56 28.47
C ILE C 145 -5.86 -37.41 29.60
N GLY C 146 -5.63 -38.70 29.34
CA GLY C 146 -5.07 -39.55 30.37
C GLY C 146 -3.67 -39.12 30.79
N SER C 147 -2.81 -38.85 29.80
CA SER C 147 -1.43 -38.45 30.11
C SER C 147 -1.40 -37.11 30.84
N SER C 148 -2.39 -36.26 30.61
CA SER C 148 -2.38 -34.93 31.22
C SER C 148 -2.33 -35.01 32.74
N SER C 149 -3.07 -35.96 33.33
CA SER C 149 -3.15 -36.07 34.78
C SER C 149 -1.84 -36.51 35.42
N SER C 150 -0.89 -37.01 34.64
CA SER C 150 0.33 -37.58 35.20
C SER C 150 1.43 -36.55 35.43
N SER C 151 1.42 -35.44 34.68
CA SER C 151 2.48 -34.45 34.78
C SER C 151 1.94 -33.09 34.39
N VAL C 152 2.23 -32.07 35.21
CA VAL C 152 1.83 -30.71 34.89
C VAL C 152 2.48 -30.26 33.59
N ASN C 153 3.74 -30.66 33.37
CA ASN C 153 4.45 -30.26 32.15
C ASN C 153 3.82 -30.89 30.92
N VAL C 154 3.42 -32.17 31.02
CA VAL C 154 2.74 -32.81 29.91
C VAL C 154 1.37 -32.17 29.70
N CYS C 155 0.64 -31.92 30.78
CA CYS C 155 -0.67 -31.30 30.67
C CYS C 155 -0.57 -29.94 29.99
N GLU C 156 0.42 -29.13 30.36
CA GLU C 156 0.60 -27.84 29.73
C GLU C 156 0.90 -27.99 28.24
N ASN C 157 1.81 -28.90 27.90
CA ASN C 157 2.17 -29.08 26.49
C ASN C 157 1.01 -29.64 25.68
N ASN C 158 0.17 -30.48 26.30
CA ASN C 158 -1.02 -30.95 25.61
C ASN C 158 -1.95 -29.80 25.24
N MET C 159 -1.99 -28.76 26.07
CA MET C 159 -2.78 -27.58 25.73
C MET C 159 -2.19 -26.86 24.52
N ILE C 160 -0.86 -26.89 24.36
CA ILE C 160 -0.24 -26.31 23.18
C ILE C 160 -0.55 -27.15 21.96
N VAL C 161 -0.53 -28.48 22.10
CA VAL C 161 -0.85 -29.35 20.98
C VAL C 161 -2.29 -29.12 20.53
N LEU C 162 -3.21 -28.99 21.48
CA LEU C 162 -4.61 -28.80 21.13
C LEU C 162 -4.84 -27.43 20.51
N LYS C 163 -4.13 -26.41 21.00
CA LYS C 163 -4.21 -25.08 20.39
C LYS C 163 -3.82 -25.13 18.93
N LEU C 164 -2.66 -25.73 18.63
CA LEU C 164 -2.18 -25.81 17.26
C LEU C 164 -3.13 -26.63 16.40
N LEU C 165 -3.70 -27.70 16.97
CA LEU C 165 -4.64 -28.53 16.21
C LEU C 165 -5.88 -27.73 15.84
N SER C 166 -6.46 -27.03 16.81
CA SER C 166 -7.61 -26.18 16.52
C SER C 166 -7.29 -25.15 15.45
N GLU C 167 -6.09 -24.56 15.49
CA GLU C 167 -5.71 -23.58 14.48
C GLU C 167 -5.61 -24.21 13.10
N GLU C 168 -4.95 -25.36 13.01
CA GLU C 168 -4.72 -25.99 11.71
C GLU C 168 -6.03 -26.48 11.09
N VAL C 169 -7.01 -26.85 11.90
CA VAL C 169 -8.25 -27.40 11.38
C VAL C 169 -9.28 -26.32 11.07
N PHE C 170 -9.42 -25.33 11.95
CA PHE C 170 -10.48 -24.34 11.83
C PHE C 170 -10.03 -22.98 11.33
N ASP C 171 -8.79 -22.57 11.60
CA ASP C 171 -8.35 -21.22 11.27
C ASP C 171 -7.55 -21.13 9.98
N PHE C 172 -6.79 -22.17 9.62
CA PHE C 172 -5.86 -22.09 8.50
C PHE C 172 -6.00 -23.28 7.55
N SER C 173 -7.18 -23.90 7.50
CA SER C 173 -7.38 -25.04 6.63
C SER C 173 -7.93 -24.66 5.27
N ALA C 174 -8.61 -23.52 5.16
CA ALA C 174 -9.35 -23.18 3.94
C ALA C 174 -8.52 -23.43 2.69
N GLU C 175 -7.30 -22.90 2.64
CA GLU C 175 -6.48 -22.99 1.44
C GLU C 175 -5.36 -24.01 1.54
N GLN C 176 -5.27 -24.76 2.66
CA GLN C 176 -4.21 -25.73 2.84
C GLN C 176 -4.68 -27.17 2.72
N MET C 177 -5.98 -27.43 2.71
N MET C 177 -5.98 -27.43 2.76
CA MET C 177 -6.51 -28.79 2.59
CA MET C 177 -6.54 -28.76 2.58
C MET C 177 -7.78 -28.75 1.75
C MET C 177 -7.66 -28.71 1.56
N THR C 178 -8.05 -29.88 1.10
CA THR C 178 -9.27 -30.00 0.31
C THR C 178 -10.47 -29.78 1.21
N GLN C 179 -11.58 -29.34 0.60
CA GLN C 179 -12.81 -29.15 1.34
C GLN C 179 -13.18 -30.40 2.14
N ALA C 180 -13.04 -31.58 1.52
CA ALA C 180 -13.44 -32.82 2.16
C ALA C 180 -12.57 -33.11 3.39
N LYS C 181 -11.26 -32.90 3.27
CA LYS C 181 -10.38 -33.19 4.39
C LYS C 181 -10.59 -32.21 5.53
N ALA C 182 -10.84 -30.94 5.22
CA ALA C 182 -11.15 -29.95 6.25
C ALA C 182 -12.41 -30.36 7.01
N LEU C 183 -13.49 -30.63 6.27
CA LEU C 183 -14.74 -31.07 6.92
C LEU C 183 -14.50 -32.31 7.77
N HIS C 184 -13.71 -33.25 7.26
CA HIS C 184 -13.42 -34.47 8.02
C HIS C 184 -12.78 -34.14 9.36
N LEU C 185 -11.78 -33.26 9.36
CA LEU C 185 -11.09 -32.93 10.60
C LEU C 185 -11.96 -32.07 11.51
N LYS C 186 -12.74 -31.16 10.93
CA LYS C 186 -13.66 -30.36 11.74
C LYS C 186 -14.68 -31.25 12.44
N ASN C 187 -15.29 -32.18 11.72
CA ASN C 187 -16.23 -33.11 12.33
C ASN C 187 -15.54 -33.95 13.40
N SER C 188 -14.30 -34.39 13.13
CA SER C 188 -13.59 -35.23 14.08
C SER C 188 -13.35 -34.49 15.40
N MET C 189 -12.99 -33.20 15.33
CA MET C 189 -12.80 -32.45 16.55
C MET C 189 -14.12 -32.17 17.25
N SER C 190 -15.18 -31.87 16.48
CA SER C 190 -16.49 -31.66 17.08
C SER C 190 -16.93 -32.87 17.89
N LYS C 191 -16.69 -34.08 17.37
CA LYS C 191 -17.11 -35.28 18.07
C LYS C 191 -16.46 -35.37 19.45
N GLU C 192 -15.14 -35.20 19.52
CA GLU C 192 -14.39 -35.43 20.74
C GLU C 192 -14.10 -34.15 21.52
N PHE C 193 -14.89 -33.09 21.30
CA PHE C 193 -14.63 -31.86 22.05
C PHE C 193 -15.23 -31.91 23.45
N GLU C 194 -16.30 -32.69 23.65
CA GLU C 194 -16.89 -32.79 24.97
C GLU C 194 -15.84 -33.08 26.04
N GLN C 195 -14.95 -34.04 25.76
CA GLN C 195 -13.93 -34.40 26.74
C GLN C 195 -12.75 -33.44 26.72
N ILE C 196 -12.44 -32.84 25.57
CA ILE C 196 -11.43 -31.79 25.53
C ILE C 196 -11.83 -30.65 26.47
N PHE C 197 -13.10 -30.26 26.45
CA PHE C 197 -13.54 -29.13 27.26
C PHE C 197 -13.49 -29.46 28.75
N LYS C 198 -13.85 -30.69 29.13
CA LYS C 198 -13.76 -31.08 30.53
C LYS C 198 -12.35 -30.88 31.06
N LEU C 199 -11.36 -31.45 30.37
CA LEU C 199 -9.96 -31.23 30.75
C LEU C 199 -9.65 -29.75 30.89
N CYS C 200 -10.10 -28.94 29.92
N CYS C 200 -10.10 -28.96 29.91
CA CYS C 200 -9.81 -27.52 29.96
CA CYS C 200 -9.84 -27.52 29.93
C CYS C 200 -10.49 -26.85 31.14
C CYS C 200 -10.50 -26.85 31.13
N PHE C 201 -11.77 -27.15 31.37
CA PHE C 201 -12.49 -26.51 32.47
C PHE C 201 -11.97 -26.97 33.83
N GLN C 202 -11.55 -28.23 33.95
CA GLN C 202 -10.99 -28.70 35.21
C GLN C 202 -9.70 -27.96 35.55
N VAL C 203 -8.81 -27.81 34.57
CA VAL C 203 -7.57 -27.08 34.78
C VAL C 203 -7.86 -25.66 35.25
N LEU C 204 -8.79 -24.98 34.58
CA LEU C 204 -9.06 -23.59 34.91
C LEU C 204 -9.64 -23.43 36.30
N GLU C 205 -10.41 -24.40 36.76
CA GLU C 205 -11.05 -24.30 38.07
C GLU C 205 -10.14 -24.77 39.20
N GLN C 206 -9.26 -25.74 38.95
CA GLN C 206 -8.42 -26.33 39.98
C GLN C 206 -6.96 -25.92 39.90
N GLY C 207 -6.43 -25.68 38.71
CA GLY C 207 -5.01 -25.49 38.54
C GLY C 207 -4.49 -24.27 39.27
N SER C 208 -3.21 -24.33 39.63
CA SER C 208 -2.53 -23.22 40.31
C SER C 208 -1.40 -22.63 39.48
N SER C 209 -0.57 -23.45 38.83
CA SER C 209 0.55 -22.93 38.05
C SER C 209 0.03 -22.12 36.88
N SER C 210 0.41 -20.84 36.83
CA SER C 210 -0.13 -19.95 35.81
C SER C 210 0.34 -20.32 34.42
N SER C 211 1.56 -20.86 34.28
CA SER C 211 2.03 -21.29 32.96
C SER C 211 1.03 -22.28 32.35
N LEU C 212 0.48 -23.18 33.16
CA LEU C 212 -0.54 -24.11 32.67
C LEU C 212 -1.88 -23.41 32.48
N ILE C 213 -2.21 -22.47 33.36
CA ILE C 213 -3.45 -21.71 33.20
C ILE C 213 -3.42 -20.93 31.89
N VAL C 214 -2.36 -20.15 31.69
CA VAL C 214 -2.26 -19.31 30.50
C VAL C 214 -2.32 -20.16 29.23
N ALA C 215 -1.66 -21.32 29.23
CA ALA C 215 -1.68 -22.18 28.05
C ALA C 215 -3.08 -22.74 27.81
N THR C 216 -3.81 -23.04 28.88
CA THR C 216 -5.18 -23.51 28.72
C THR C 216 -6.08 -22.39 28.22
N LEU C 217 -5.86 -21.16 28.69
CA LEU C 217 -6.66 -20.04 28.22
C LEU C 217 -6.33 -19.69 26.77
N GLU C 218 -5.07 -19.86 26.36
CA GLU C 218 -4.70 -19.60 24.98
C GLU C 218 -5.37 -20.60 24.04
N SER C 219 -5.51 -21.85 24.48
CA SER C 219 -6.24 -22.82 23.66
C SER C 219 -7.72 -22.50 23.66
N LEU C 220 -8.26 -22.03 24.78
CA LEU C 220 -9.67 -21.64 24.83
C LEU C 220 -9.95 -20.55 23.80
N LEU C 221 -9.05 -19.57 23.68
CA LEU C 221 -9.23 -18.52 22.68
C LEU C 221 -9.50 -19.11 21.31
N ARG C 222 -8.75 -20.15 20.93
CA ARG C 222 -8.95 -20.76 19.62
C ARG C 222 -10.27 -21.51 19.56
N TYR C 223 -10.66 -22.20 20.64
CA TYR C 223 -11.91 -22.93 20.63
C TYR C 223 -13.09 -22.01 20.38
N LEU C 224 -13.08 -20.82 20.97
CA LEU C 224 -14.21 -19.92 20.87
C LEU C 224 -14.50 -19.51 19.43
N HIS C 225 -13.55 -19.71 18.51
CA HIS C 225 -13.80 -19.39 17.11
C HIS C 225 -14.85 -20.31 16.47
N TRP C 226 -15.15 -21.46 17.08
CA TRP C 226 -16.00 -22.44 16.39
C TRP C 226 -16.92 -23.25 17.29
N ILE C 227 -16.65 -23.34 18.59
CA ILE C 227 -17.39 -24.28 19.44
C ILE C 227 -18.83 -23.81 19.65
N PRO C 228 -19.76 -24.72 19.94
CA PRO C 228 -21.13 -24.30 20.22
C PRO C 228 -21.21 -23.43 21.47
N TYR C 229 -22.16 -22.50 21.46
CA TYR C 229 -22.27 -21.52 22.53
C TYR C 229 -22.61 -22.14 23.88
N ARG C 230 -23.17 -23.36 23.88
N ARG C 230 -23.15 -23.37 23.89
CA ARG C 230 -23.58 -23.98 25.13
CA ARG C 230 -23.59 -23.96 25.15
C ARG C 230 -22.40 -24.21 26.07
C ARG C 230 -22.41 -24.25 26.07
N TYR C 231 -21.23 -24.54 25.52
CA TYR C 231 -20.06 -24.77 26.35
C TYR C 231 -19.65 -23.54 27.13
N ILE C 232 -20.13 -22.36 26.75
CA ILE C 232 -19.77 -21.12 27.42
C ILE C 232 -20.86 -20.64 28.36
N TYR C 233 -22.13 -20.81 27.96
CA TYR C 233 -23.24 -20.27 28.74
C TYR C 233 -23.89 -21.30 29.66
N GLU C 234 -23.73 -22.60 29.40
CA GLU C 234 -24.27 -23.63 30.27
C GLU C 234 -23.23 -24.15 31.25
N THR C 235 -22.16 -23.39 31.47
CA THR C 235 -21.14 -23.73 32.46
C THR C 235 -20.83 -22.48 33.28
N ASN C 236 -19.87 -22.61 34.19
CA ASN C 236 -19.44 -21.50 35.03
C ASN C 236 -18.24 -20.76 34.45
N ILE C 237 -17.89 -21.04 33.19
CA ILE C 237 -16.61 -20.58 32.65
C ILE C 237 -16.59 -19.07 32.50
N LEU C 238 -17.72 -18.44 32.16
CA LEU C 238 -17.76 -16.99 32.10
C LEU C 238 -17.43 -16.37 33.44
N GLU C 239 -17.94 -16.96 34.53
CA GLU C 239 -17.63 -16.47 35.86
C GLU C 239 -16.13 -16.48 36.11
N LEU C 240 -15.45 -17.57 35.74
CA LEU C 240 -14.01 -17.67 35.96
C LEU C 240 -13.27 -16.62 35.15
N LEU C 241 -13.61 -16.49 33.86
CA LEU C 241 -12.94 -15.51 33.01
C LEU C 241 -13.14 -14.10 33.53
N SER C 242 -14.39 -13.74 33.85
CA SER C 242 -14.72 -12.35 34.16
C SER C 242 -14.38 -11.95 35.60
N THR C 243 -13.86 -12.87 36.42
CA THR C 243 -13.50 -12.52 37.79
C THR C 243 -12.13 -13.07 38.16
N LYS C 244 -12.07 -14.38 38.37
CA LYS C 244 -10.82 -15.04 38.77
C LYS C 244 -9.64 -14.58 37.92
N PHE C 245 -9.76 -14.74 36.59
CA PHE C 245 -8.61 -14.59 35.71
C PHE C 245 -8.34 -13.14 35.30
N MET C 246 -9.23 -12.21 35.60
CA MET C 246 -8.95 -10.80 35.32
C MET C 246 -8.10 -10.15 36.40
N THR C 247 -7.88 -10.81 37.53
CA THR C 247 -7.17 -10.20 38.64
C THR C 247 -5.65 -10.31 38.48
N SER C 248 -5.16 -11.45 37.97
CA SER C 248 -3.72 -11.64 37.80
C SER C 248 -3.28 -11.12 36.42
N PRO C 249 -2.21 -10.32 36.34
CA PRO C 249 -1.78 -9.83 35.02
C PRO C 249 -1.30 -10.92 34.08
N ASP C 250 -0.89 -12.07 34.60
CA ASP C 250 -0.50 -13.18 33.73
C ASP C 250 -1.66 -13.61 32.85
N THR C 251 -2.82 -13.87 33.46
CA THR C 251 -3.99 -14.36 32.74
C THR C 251 -4.86 -13.23 32.19
N ARG C 252 -4.59 -11.98 32.58
CA ARG C 252 -5.50 -10.89 32.23
C ARG C 252 -5.53 -10.65 30.72
N ALA C 253 -4.36 -10.59 30.09
CA ALA C 253 -4.29 -10.32 28.66
C ALA C 253 -5.09 -11.36 27.86
N ILE C 254 -4.83 -12.64 28.14
CA ILE C 254 -5.48 -13.69 27.36
C ILE C 254 -6.96 -13.78 27.70
N THR C 255 -7.31 -13.63 28.98
CA THR C 255 -8.71 -13.66 29.37
C THR C 255 -9.50 -12.58 28.66
N LEU C 256 -8.93 -11.37 28.58
CA LEU C 256 -9.61 -10.27 27.91
C LEU C 256 -9.85 -10.60 26.44
N LYS C 257 -8.88 -11.22 25.78
CA LYS C 257 -9.05 -11.63 24.39
C LYS C 257 -10.14 -12.69 24.27
N CYS C 258 -10.22 -13.60 25.26
CA CYS C 258 -11.27 -14.62 25.23
C CYS C 258 -12.66 -13.98 25.34
N LEU C 259 -12.82 -13.05 26.28
CA LEU C 259 -14.11 -12.41 26.46
C LEU C 259 -14.49 -11.56 25.24
N THR C 260 -13.50 -11.02 24.54
CA THR C 260 -13.78 -10.33 23.28
C THR C 260 -14.42 -11.28 22.28
N GLU C 261 -13.89 -12.50 22.15
CA GLU C 261 -14.47 -13.47 21.23
C GLU C 261 -15.81 -13.98 21.75
N VAL C 262 -15.96 -14.13 23.07
CA VAL C 262 -17.26 -14.49 23.63
C VAL C 262 -18.32 -13.50 23.18
N SER C 263 -17.98 -12.21 23.19
CA SER C 263 -18.91 -11.19 22.72
C SER C 263 -19.30 -11.38 21.27
N ASN C 264 -18.63 -12.26 20.53
CA ASN C 264 -18.94 -12.55 19.14
C ASN C 264 -19.61 -13.90 18.93
N LEU C 265 -19.86 -14.66 19.98
CA LEU C 265 -20.48 -15.97 19.83
C LEU C 265 -21.88 -15.84 19.23
N LYS C 266 -22.32 -16.93 18.59
CA LYS C 266 -23.71 -17.03 18.13
C LYS C 266 -24.57 -17.48 19.30
N ILE C 267 -25.45 -16.61 19.77
CA ILE C 267 -26.26 -16.89 20.95
C ILE C 267 -27.73 -16.75 20.56
N PRO C 268 -28.65 -17.36 21.34
CA PRO C 268 -30.07 -17.37 20.98
C PRO C 268 -30.64 -16.02 20.58
N GLN C 269 -30.65 -15.06 21.53
CA GLN C 269 -31.12 -13.68 21.34
C GLN C 269 -32.54 -13.47 21.86
N ASP C 270 -33.27 -14.56 22.13
CA ASP C 270 -34.58 -14.46 22.75
C ASP C 270 -34.66 -15.12 24.11
N ASN C 271 -33.58 -15.72 24.60
CA ASN C 271 -33.51 -16.24 25.95
C ASN C 271 -33.10 -15.12 26.90
N ASP C 272 -33.83 -14.98 28.01
CA ASP C 272 -33.57 -13.91 28.95
C ASP C 272 -32.48 -14.25 29.94
N LEU C 273 -32.13 -15.53 30.09
CA LEU C 273 -31.02 -15.90 30.97
C LEU C 273 -29.68 -15.76 30.25
N ILE C 274 -29.66 -15.96 28.93
CA ILE C 274 -28.47 -15.61 28.15
C ILE C 274 -28.17 -14.12 28.30
N LYS C 275 -29.20 -13.28 28.20
CA LYS C 275 -29.01 -11.85 28.33
C LYS C 275 -28.46 -11.49 29.70
N ARG C 276 -28.98 -12.15 30.75
CA ARG C 276 -28.43 -11.94 32.09
C ARG C 276 -26.95 -12.31 32.13
N GLN C 277 -26.59 -13.47 31.58
CA GLN C 277 -25.21 -13.91 31.61
C GLN C 277 -24.33 -12.99 30.78
N THR C 278 -24.84 -12.49 29.65
CA THR C 278 -24.08 -11.53 28.86
C THR C 278 -23.87 -10.24 29.62
N VAL C 279 -24.89 -9.78 30.35
CA VAL C 279 -24.74 -8.62 31.22
C VAL C 279 -23.74 -8.93 32.33
N LEU C 280 -23.82 -10.14 32.90
CA LEU C 280 -23.10 -10.44 34.13
C LEU C 280 -21.60 -10.44 33.91
N PHE C 281 -21.12 -11.09 32.84
CA PHE C 281 -19.68 -11.15 32.65
C PHE C 281 -19.10 -9.81 32.25
N PHE C 282 -19.91 -8.93 31.64
CA PHE C 282 -19.47 -7.56 31.37
C PHE C 282 -19.36 -6.77 32.67
N GLN C 283 -20.34 -6.93 33.56
CA GLN C 283 -20.32 -6.26 34.86
C GLN C 283 -19.11 -6.69 35.67
N ASN C 284 -18.84 -8.00 35.72
CA ASN C 284 -17.68 -8.48 36.48
C ASN C 284 -16.37 -7.98 35.90
N THR C 285 -16.27 -7.92 34.57
CA THR C 285 -15.02 -7.51 33.94
C THR C 285 -14.72 -6.06 34.22
N LEU C 286 -15.70 -5.18 34.05
CA LEU C 286 -15.50 -3.76 34.35
C LEU C 286 -15.19 -3.54 35.82
N GLN C 287 -15.78 -4.36 36.70
CA GLN C 287 -15.49 -4.26 38.13
C GLN C 287 -14.02 -4.58 38.40
N GLN C 288 -13.54 -5.70 37.86
CA GLN C 288 -12.14 -6.08 38.08
C GLN C 288 -11.19 -5.03 37.55
N ILE C 289 -11.55 -4.38 36.44
CA ILE C 289 -10.71 -3.34 35.89
C ILE C 289 -10.67 -2.13 36.81
N ALA C 290 -11.83 -1.73 37.34
CA ALA C 290 -11.87 -0.55 38.20
C ALA C 290 -11.11 -0.78 39.50
N THR C 291 -11.07 -2.00 40.00
CA THR C 291 -10.43 -2.29 41.28
C THR C 291 -9.00 -2.80 41.15
N SER C 292 -8.67 -3.55 40.10
CA SER C 292 -7.36 -4.17 39.99
C SER C 292 -6.42 -3.50 38.99
N VAL C 293 -6.93 -2.67 38.08
CA VAL C 293 -6.09 -2.12 37.03
C VAL C 293 -5.99 -0.59 37.16
N MET C 294 -7.08 0.11 36.90
CA MET C 294 -7.11 1.55 37.09
C MET C 294 -8.56 2.02 37.12
N PRO C 295 -8.86 3.07 37.86
CA PRO C 295 -10.23 3.60 37.87
C PRO C 295 -10.56 4.34 36.59
N VAL C 296 -11.86 4.63 36.42
CA VAL C 296 -12.33 5.25 35.19
C VAL C 296 -11.82 6.70 35.06
N THR C 297 -11.38 7.31 36.15
CA THR C 297 -10.81 8.66 36.09
C THR C 297 -9.37 8.67 35.61
N ALA C 298 -8.71 7.52 35.52
CA ALA C 298 -7.28 7.49 35.23
C ALA C 298 -7.00 8.12 33.87
N ASP C 299 -5.79 8.65 33.73
CA ASP C 299 -5.35 9.30 32.49
C ASP C 299 -4.68 8.24 31.62
N LEU C 300 -5.48 7.59 30.77
CA LEU C 300 -4.93 6.53 29.94
C LEU C 300 -4.00 7.08 28.87
N LYS C 301 -4.21 8.32 28.44
CA LYS C 301 -3.27 8.94 27.51
C LYS C 301 -1.85 8.92 28.07
N ALA C 302 -1.70 9.33 29.33
CA ALA C 302 -0.37 9.34 29.95
C ALA C 302 0.15 7.93 30.19
N THR C 303 -0.73 7.02 30.64
CA THR C 303 -0.32 5.63 30.83
C THR C 303 0.20 5.03 29.53
N TYR C 304 -0.52 5.24 28.44
CA TYR C 304 -0.11 4.68 27.15
C TYR C 304 1.24 5.25 26.71
N ALA C 305 1.43 6.56 26.89
CA ALA C 305 2.68 7.18 26.47
C ALA C 305 3.87 6.65 27.25
N ASN C 306 3.69 6.42 28.55
CA ASN C 306 4.79 5.90 29.37
C ASN C 306 5.24 4.52 28.91
N ALA C 307 4.32 3.71 28.39
CA ALA C 307 4.66 2.43 27.77
C ALA C 307 5.34 1.49 28.77
N ASN C 308 4.84 1.46 30.00
CA ASN C 308 5.37 0.53 30.98
C ASN C 308 4.89 -0.88 30.69
N GLY C 309 5.79 -1.85 30.84
CA GLY C 309 5.45 -3.25 30.65
C GLY C 309 4.59 -3.51 29.43
N ASN C 310 3.41 -4.06 29.66
CA ASN C 310 2.46 -4.37 28.59
C ASN C 310 1.24 -3.47 28.63
N ASP C 311 1.34 -2.29 29.24
CA ASP C 311 0.20 -1.40 29.36
C ASP C 311 -0.40 -1.07 27.99
N GLN C 312 0.45 -0.82 27.00
CA GLN C 312 -0.05 -0.44 25.69
C GLN C 312 -0.91 -1.54 25.08
N SER C 313 -0.40 -2.78 25.10
N SER C 313 -0.40 -2.77 25.10
CA SER C 313 -1.18 -3.90 24.57
CA SER C 313 -1.17 -3.90 24.57
C SER C 313 -2.47 -4.09 25.35
C SER C 313 -2.45 -4.11 25.36
N PHE C 314 -2.42 -3.87 26.66
CA PHE C 314 -3.61 -4.06 27.48
C PHE C 314 -4.67 -3.02 27.13
N LEU C 315 -4.27 -1.75 27.01
CA LEU C 315 -5.22 -0.71 26.66
C LEU C 315 -5.77 -0.93 25.26
N GLN C 316 -4.96 -1.45 24.34
CA GLN C 316 -5.46 -1.84 23.02
C GLN C 316 -6.51 -2.93 23.13
N ASP C 317 -6.22 -3.96 23.92
CA ASP C 317 -7.17 -5.06 24.07
C ASP C 317 -8.43 -4.61 24.81
N LEU C 318 -8.29 -3.68 25.75
CA LEU C 318 -9.47 -3.16 26.43
C LEU C 318 -10.37 -2.39 25.46
N ALA C 319 -9.76 -1.57 24.60
CA ALA C 319 -10.54 -0.88 23.58
C ALA C 319 -11.27 -1.87 22.68
N MET C 320 -10.58 -2.93 22.27
N MET C 320 -10.59 -2.94 22.29
CA MET C 320 -11.23 -3.94 21.42
CA MET C 320 -11.21 -3.95 21.42
C MET C 320 -12.36 -4.62 22.15
C MET C 320 -12.35 -4.66 22.15
N PHE C 321 -12.17 -4.93 23.44
CA PHE C 321 -13.21 -5.61 24.20
C PHE C 321 -14.42 -4.72 24.39
N LEU C 322 -14.21 -3.47 24.80
CA LEU C 322 -15.34 -2.58 25.05
C LEU C 322 -16.12 -2.30 23.76
N THR C 323 -15.41 -1.95 22.68
CA THR C 323 -16.10 -1.63 21.43
C THR C 323 -16.83 -2.84 20.88
N THR C 324 -16.21 -4.02 20.93
CA THR C 324 -16.86 -5.23 20.43
C THR C 324 -18.14 -5.52 21.21
N TYR C 325 -18.05 -5.52 22.54
CA TYR C 325 -19.21 -5.88 23.35
C TYR C 325 -20.31 -4.84 23.23
N LEU C 326 -19.94 -3.55 23.27
CA LEU C 326 -20.96 -2.51 23.28
C LEU C 326 -21.62 -2.35 21.91
N ALA C 327 -20.89 -2.62 20.83
CA ALA C 327 -21.52 -2.57 19.51
C ALA C 327 -22.61 -3.61 19.37
N ARG C 328 -22.47 -4.74 20.05
CA ARG C 328 -23.44 -5.83 19.93
C ARG C 328 -24.46 -5.87 21.05
N ASN C 329 -24.12 -5.40 22.26
CA ASN C 329 -24.94 -5.68 23.44
C ASN C 329 -25.35 -4.46 24.24
N ARG C 330 -25.01 -3.24 23.81
CA ARG C 330 -25.27 -2.08 24.68
C ARG C 330 -26.76 -1.90 24.95
N ALA C 331 -27.62 -2.36 24.04
CA ALA C 331 -29.06 -2.28 24.29
C ALA C 331 -29.44 -2.99 25.57
N LEU C 332 -28.76 -4.10 25.91
CA LEU C 332 -29.03 -4.81 27.15
C LEU C 332 -28.85 -3.92 28.39
N LEU C 333 -28.11 -2.82 28.27
CA LEU C 333 -27.79 -1.98 29.41
C LEU C 333 -28.57 -0.67 29.42
N GLU C 334 -29.35 -0.37 28.39
CA GLU C 334 -29.96 0.94 28.24
C GLU C 334 -31.33 1.07 28.88
N SER C 335 -32.02 -0.04 29.15
CA SER C 335 -33.36 0.01 29.71
C SER C 335 -33.40 -0.18 31.22
N ASP C 336 -32.60 -1.09 31.75
CA ASP C 336 -32.56 -1.31 33.19
C ASP C 336 -31.82 -0.15 33.87
N GLU C 337 -32.49 0.47 34.84
CA GLU C 337 -31.88 1.61 35.53
C GLU C 337 -30.74 1.20 36.45
N SER C 338 -30.69 -0.06 36.88
CA SER C 338 -29.58 -0.54 37.68
C SER C 338 -28.33 -0.82 36.85
N LEU C 339 -28.44 -0.83 35.52
CA LEU C 339 -27.31 -1.03 34.63
C LEU C 339 -26.82 0.27 34.01
N ARG C 340 -27.37 1.41 34.42
CA ARG C 340 -27.00 2.68 33.79
C ARG C 340 -25.57 3.07 34.15
N GLU C 341 -25.19 2.92 35.42
CA GLU C 341 -23.83 3.26 35.82
C GLU C 341 -22.81 2.41 35.07
N LEU C 342 -23.10 1.13 34.90
CA LEU C 342 -22.20 0.26 34.16
C LEU C 342 -22.07 0.69 32.71
N LEU C 343 -23.21 1.01 32.09
CA LEU C 343 -23.20 1.47 30.69
C LEU C 343 -22.32 2.70 30.52
N LEU C 344 -22.47 3.68 31.42
CA LEU C 344 -21.75 4.94 31.25
C LEU C 344 -20.29 4.84 31.69
N ASN C 345 -19.98 3.96 32.65
CA ASN C 345 -18.58 3.73 33.00
C ASN C 345 -17.83 3.06 31.86
N ALA C 346 -18.46 2.09 31.21
CA ALA C 346 -17.83 1.46 30.05
C ALA C 346 -17.53 2.49 28.98
N HIS C 347 -18.49 3.38 28.71
CA HIS C 347 -18.27 4.41 27.70
C HIS C 347 -17.28 5.46 28.17
N GLN C 348 -17.20 5.72 29.48
CA GLN C 348 -16.23 6.68 29.98
C GLN C 348 -14.81 6.14 29.83
N TYR C 349 -14.62 4.83 30.03
CA TYR C 349 -13.33 4.22 29.71
C TYR C 349 -12.98 4.44 28.24
N LEU C 350 -13.98 4.32 27.35
CA LEU C 350 -13.73 4.55 25.93
C LEU C 350 -13.39 6.01 25.66
N ILE C 351 -14.05 6.94 26.33
CA ILE C 351 -13.67 8.35 26.24
C ILE C 351 -12.19 8.51 26.57
N GLN C 352 -11.77 7.95 27.72
CA GLN C 352 -10.37 8.06 28.12
C GLN C 352 -9.46 7.38 27.10
N LEU C 353 -9.86 6.21 26.61
CA LEU C 353 -9.08 5.53 25.59
C LEU C 353 -8.97 6.36 24.32
N SER C 354 -9.99 7.16 24.00
CA SER C 354 -10.00 7.93 22.77
C SER C 354 -9.04 9.11 22.80
N LYS C 355 -8.47 9.43 23.95
CA LYS C 355 -7.53 10.53 24.09
C LYS C 355 -6.08 10.08 23.89
N ILE C 356 -5.84 8.77 23.81
CA ILE C 356 -4.50 8.26 23.59
C ILE C 356 -3.96 8.74 22.25
N GLU C 357 -2.69 9.14 22.25
CA GLU C 357 -2.01 9.52 21.01
C GLU C 357 -1.49 8.24 20.35
N GLU C 358 -2.33 7.68 19.49
CA GLU C 358 -2.02 6.45 18.77
C GLU C 358 -3.00 6.31 17.61
N ARG C 359 -2.53 6.55 16.40
CA ARG C 359 -3.45 6.69 15.26
C ARG C 359 -4.34 5.47 15.10
N GLU C 360 -3.74 4.28 15.06
CA GLU C 360 -4.53 3.08 14.78
C GLU C 360 -5.50 2.76 15.91
N LEU C 361 -5.12 3.04 17.15
CA LEU C 361 -6.06 2.85 18.24
C LEU C 361 -7.22 3.84 18.15
N PHE C 362 -6.93 5.09 17.80
CA PHE C 362 -7.98 6.08 17.66
C PHE C 362 -8.98 5.65 16.60
N LYS C 363 -8.51 5.09 15.49
CA LYS C 363 -9.42 4.62 14.44
C LYS C 363 -10.33 3.52 14.96
N THR C 364 -9.82 2.67 15.85
CA THR C 364 -10.66 1.61 16.41
C THR C 364 -11.79 2.19 17.25
N THR C 365 -11.47 3.12 18.14
CA THR C 365 -12.51 3.74 18.96
C THR C 365 -13.41 4.61 18.11
N LEU C 366 -12.86 5.30 17.11
CA LEU C 366 -13.67 6.17 16.28
C LEU C 366 -14.73 5.37 15.53
N ASP C 367 -14.38 4.17 15.07
CA ASP C 367 -15.37 3.32 14.41
C ASP C 367 -16.53 3.02 15.35
N TYR C 368 -16.25 2.78 16.63
CA TYR C 368 -17.33 2.52 17.56
C TYR C 368 -18.18 3.78 17.76
N TRP C 369 -17.54 4.92 17.97
CA TRP C 369 -18.29 6.15 18.16
C TRP C 369 -19.25 6.37 16.99
N HIS C 370 -18.77 6.17 15.77
CA HIS C 370 -19.65 6.22 14.61
C HIS C 370 -20.85 5.28 14.79
N ASN C 371 -20.59 4.05 15.24
CA ASN C 371 -21.67 3.11 15.48
C ASN C 371 -22.66 3.66 16.49
N LEU C 372 -22.16 4.38 17.50
CA LEU C 372 -23.02 4.90 18.55
C LEU C 372 -23.83 6.11 18.08
N VAL C 373 -23.15 7.16 17.65
CA VAL C 373 -23.85 8.42 17.35
C VAL C 373 -24.83 8.23 16.20
N ALA C 374 -24.51 7.36 15.25
CA ALA C 374 -25.47 7.04 14.20
C ALA C 374 -26.74 6.44 14.79
N ASP C 375 -26.59 5.56 15.78
CA ASP C 375 -27.75 4.95 16.42
C ASP C 375 -28.54 5.97 17.23
N LEU C 376 -27.85 6.91 17.88
CA LEU C 376 -28.54 7.97 18.61
C LEU C 376 -29.22 8.95 17.68
N PHE C 377 -28.83 8.98 16.41
CA PHE C 377 -29.44 9.86 15.42
C PHE C 377 -30.76 9.31 14.89
N TYR C 378 -30.89 7.99 14.83
CA TYR C 378 -32.06 7.34 14.26
C TYR C 378 -32.93 6.62 15.29
N GLU C 379 -32.35 6.11 16.37
CA GLU C 379 -33.11 5.28 17.30
C GLU C 379 -33.86 6.16 18.30
N PRO C 380 -35.16 5.97 18.48
CA PRO C 380 -35.91 6.83 19.40
C PRO C 380 -35.49 6.64 20.85
N LEU C 381 -35.49 7.74 21.60
CA LEU C 381 -35.41 7.72 23.06
C LEU C 381 -34.06 7.23 23.56
N LYS C 382 -32.99 7.37 22.78
CA LYS C 382 -31.67 6.90 23.19
C LYS C 382 -30.68 8.00 23.49
N LYS C 383 -30.75 9.14 22.79
CA LYS C 383 -29.68 10.12 22.86
C LYS C 383 -29.59 10.78 24.24
N HIS C 384 -30.70 10.90 24.97
CA HIS C 384 -30.64 11.53 26.28
C HIS C 384 -29.74 10.74 27.23
N ILE C 385 -29.64 9.43 27.03
CA ILE C 385 -28.82 8.59 27.90
C ILE C 385 -27.35 9.01 27.83
N TYR C 386 -26.89 9.40 26.64
CA TYR C 386 -25.48 9.62 26.37
C TYR C 386 -25.11 11.09 26.28
N GLU C 387 -25.90 11.98 26.87
CA GLU C 387 -25.65 13.41 26.75
C GLU C 387 -24.25 13.77 27.21
N GLU C 388 -23.85 13.30 28.39
CA GLU C 388 -22.54 13.67 28.93
C GLU C 388 -21.41 12.98 28.19
N ILE C 389 -21.65 11.77 27.68
CA ILE C 389 -20.64 11.09 26.88
C ILE C 389 -20.42 11.83 25.56
N CYS C 390 -21.51 12.18 24.88
CA CYS C 390 -21.38 12.87 23.59
C CYS C 390 -20.73 14.24 23.75
N SER C 391 -21.00 14.92 24.87
CA SER C 391 -20.39 16.22 25.11
C SER C 391 -18.88 16.11 25.17
N GLN C 392 -18.38 15.14 25.94
CA GLN C 392 -16.93 14.90 25.99
C GLN C 392 -16.41 14.50 24.61
N LEU C 393 -17.19 13.68 23.88
CA LEU C 393 -16.73 13.21 22.58
C LEU C 393 -16.53 14.37 21.61
N ARG C 394 -17.42 15.37 21.66
CA ARG C 394 -17.26 16.54 20.79
C ARG C 394 -15.88 17.16 20.96
N LEU C 395 -15.45 17.36 22.21
CA LEU C 395 -14.14 17.95 22.44
C LEU C 395 -13.03 17.03 21.95
N VAL C 396 -13.19 15.72 22.11
CA VAL C 396 -12.14 14.79 21.70
C VAL C 396 -11.97 14.83 20.19
N ILE C 397 -13.07 14.79 19.44
CA ILE C 397 -12.99 14.82 17.98
C ILE C 397 -12.40 16.14 17.53
N ILE C 398 -12.87 17.25 18.10
CA ILE C 398 -12.43 18.57 17.67
C ILE C 398 -10.93 18.73 17.90
N GLU C 399 -10.42 18.23 19.03
CA GLU C 399 -9.01 18.41 19.35
C GLU C 399 -8.10 17.45 18.59
N ASN C 400 -8.65 16.40 17.98
CA ASN C 400 -7.85 15.44 17.22
C ASN C 400 -8.19 15.46 15.73
N MET C 401 -8.84 16.52 15.26
N MET C 401 -8.83 16.52 15.25
CA MET C 401 -9.16 16.65 13.85
CA MET C 401 -9.18 16.60 13.84
C MET C 401 -7.87 16.65 13.02
C MET C 401 -7.91 16.68 12.99
N VAL C 402 -7.86 15.86 11.96
CA VAL C 402 -6.68 15.77 11.10
C VAL C 402 -6.91 16.58 9.83
N ARG C 403 -5.84 16.77 9.07
CA ARG C 403 -5.87 17.60 7.87
C ARG C 403 -6.78 16.98 6.82
N PRO C 404 -7.71 17.74 6.24
CA PRO C 404 -8.41 17.27 5.04
C PRO C 404 -7.65 17.63 3.78
N GLU C 405 -7.38 16.65 2.92
CA GLU C 405 -6.63 16.90 1.69
C GLU C 405 -7.06 15.95 0.59
N THR C 427 -5.04 9.73 6.40
CA THR C 427 -5.50 11.05 6.84
C THR C 427 -6.81 11.41 6.15
N ILE C 428 -6.80 11.41 4.82
CA ILE C 428 -8.02 11.69 4.06
C ILE C 428 -9.17 10.82 4.55
N GLN C 429 -8.90 9.54 4.79
CA GLN C 429 -9.93 8.63 5.25
C GLN C 429 -10.29 8.92 6.70
N LEU C 430 -9.29 9.21 7.53
CA LEU C 430 -9.55 9.50 8.93
C LEU C 430 -10.31 10.81 9.10
N TYR C 431 -10.06 11.80 8.22
CA TYR C 431 -10.83 13.04 8.28
C TYR C 431 -12.30 12.78 8.00
N LYS C 432 -12.58 12.02 6.92
CA LYS C 432 -13.96 11.73 6.57
C LYS C 432 -14.66 11.00 7.70
N SER C 433 -13.98 10.06 8.36
CA SER C 433 -14.58 9.37 9.51
C SER C 433 -14.84 10.36 10.64
N GLU C 434 -13.87 11.24 10.92
CA GLU C 434 -14.06 12.22 11.98
C GLU C 434 -15.20 13.18 11.65
N ARG C 435 -15.26 13.65 10.40
CA ARG C 435 -16.33 14.56 10.01
C ARG C 435 -17.69 13.89 10.21
N GLU C 436 -17.82 12.65 9.78
CA GLU C 436 -19.09 11.95 9.88
C GLU C 436 -19.57 11.87 11.33
N VAL C 437 -18.67 11.50 12.24
CA VAL C 437 -19.04 11.43 13.65
C VAL C 437 -19.41 12.82 14.16
N LEU C 438 -18.63 13.84 13.77
CA LEU C 438 -18.86 15.18 14.30
C LEU C 438 -20.12 15.81 13.74
N VAL C 439 -20.50 15.46 12.51
CA VAL C 439 -21.77 15.93 11.96
C VAL C 439 -22.93 15.36 12.76
N TYR C 440 -22.92 14.04 12.98
CA TYR C 440 -23.91 13.42 13.85
C TYR C 440 -23.97 14.12 15.20
N LEU C 441 -22.81 14.32 15.83
CA LEU C 441 -22.78 14.95 17.15
C LEU C 441 -23.31 16.37 17.11
N THR C 442 -23.17 17.06 15.97
CA THR C 442 -23.71 18.41 15.85
C THR C 442 -25.22 18.37 15.76
N HIS C 443 -25.79 17.45 14.99
CA HIS C 443 -27.24 17.30 14.93
C HIS C 443 -27.80 16.96 16.30
N LEU C 444 -27.09 16.13 17.07
CA LEU C 444 -27.61 15.69 18.36
C LEU C 444 -27.71 16.85 19.34
N ASN C 445 -26.77 17.79 19.30
CA ASN C 445 -26.86 18.97 20.16
C ASN C 445 -26.02 20.08 19.50
N VAL C 446 -26.65 20.82 18.59
CA VAL C 446 -25.95 21.89 17.88
C VAL C 446 -25.47 22.97 18.84
N ILE C 447 -26.22 23.22 19.91
CA ILE C 447 -25.85 24.30 20.84
C ILE C 447 -24.54 23.97 21.53
N ASP C 448 -24.41 22.74 22.03
CA ASP C 448 -23.17 22.35 22.72
C ASP C 448 -21.98 22.39 21.78
N THR C 449 -22.16 21.98 20.51
CA THR C 449 -21.06 22.03 19.56
C THR C 449 -20.61 23.46 19.32
N GLU C 450 -21.56 24.37 19.11
CA GLU C 450 -21.22 25.76 18.88
C GLU C 450 -20.43 26.32 20.07
N GLU C 451 -20.88 26.03 21.29
CA GLU C 451 -20.22 26.56 22.47
C GLU C 451 -18.77 26.06 22.57
N ILE C 452 -18.55 24.77 22.30
CA ILE C 452 -17.20 24.23 22.38
C ILE C 452 -16.28 24.93 21.41
N MET C 453 -16.74 25.17 20.18
CA MET C 453 -15.87 25.73 19.16
C MET C 453 -15.55 27.19 19.45
N ILE C 454 -16.54 27.98 19.86
CA ILE C 454 -16.26 29.37 20.23
C ILE C 454 -15.30 29.43 21.41
N SER C 455 -15.51 28.57 22.42
CA SER C 455 -14.59 28.51 23.55
C SER C 455 -13.17 28.20 23.08
N LYS C 456 -13.01 27.14 22.27
CA LYS C 456 -11.69 26.80 21.75
C LYS C 456 -11.07 27.99 21.02
N LEU C 457 -11.89 28.74 20.30
CA LEU C 457 -11.37 29.88 19.55
C LEU C 457 -10.96 31.01 20.48
N ALA C 458 -11.72 31.23 21.55
CA ALA C 458 -11.35 32.25 22.54
C ALA C 458 -10.00 31.93 23.15
N ARG C 459 -9.70 30.65 23.38
CA ARG C 459 -8.43 30.26 23.95
C ARG C 459 -7.29 30.35 22.94
N GLN C 460 -7.61 30.41 21.64
CA GLN C 460 -6.60 30.76 20.64
C GLN C 460 -6.29 32.24 20.66
N ILE C 461 -7.31 33.06 20.96
CA ILE C 461 -7.12 34.51 20.95
C ILE C 461 -6.39 34.97 22.21
N ASP C 462 -6.77 34.44 23.37
CA ASP C 462 -6.07 34.81 24.60
C ASP C 462 -4.71 34.13 24.74
N GLY C 463 -4.32 33.31 23.77
CA GLY C 463 -2.99 32.73 23.72
C GLY C 463 -2.76 31.53 24.62
N SER C 464 -3.78 31.06 25.34
CA SER C 464 -3.59 29.95 26.26
C SER C 464 -3.42 28.61 25.56
N GLU C 465 -3.94 28.47 24.34
CA GLU C 465 -3.76 27.25 23.56
C GLU C 465 -3.30 27.56 22.15
N TRP C 466 -2.71 28.74 21.93
CA TRP C 466 -2.35 29.16 20.58
C TRP C 466 -1.15 28.40 20.06
N SER C 467 -1.26 27.92 18.82
CA SER C 467 -0.13 27.35 18.09
C SER C 467 -0.62 27.07 16.67
N TRP C 468 0.34 27.05 15.74
CA TRP C 468 0.00 26.75 14.35
C TRP C 468 -0.81 25.47 14.24
N HIS C 469 -0.41 24.43 14.99
CA HIS C 469 -1.12 23.16 14.93
C HIS C 469 -2.53 23.28 15.51
N ASN C 470 -2.68 24.01 16.61
CA ASN C 470 -3.98 24.05 17.26
C ASN C 470 -4.98 24.93 16.52
N ILE C 471 -4.52 26.00 15.87
CA ILE C 471 -5.45 26.82 15.09
C ILE C 471 -5.85 26.10 13.81
N ASN C 472 -4.94 25.32 13.23
CA ASN C 472 -5.28 24.54 12.04
C ASN C 472 -6.31 23.46 12.38
N THR C 473 -6.07 22.72 13.48
N THR C 473 -6.06 22.71 13.46
CA THR C 473 -7.00 21.66 13.85
CA THR C 473 -6.99 21.66 13.87
C THR C 473 -8.39 22.20 14.15
C THR C 473 -8.38 22.22 14.11
N LEU C 474 -8.46 23.38 14.79
CA LEU C 474 -9.76 23.97 15.09
C LEU C 474 -10.46 24.43 13.83
N SER C 475 -9.71 25.01 12.89
CA SER C 475 -10.31 25.46 11.63
C SER C 475 -10.88 24.29 10.84
N TRP C 476 -10.14 23.18 10.77
CA TRP C 476 -10.64 21.99 10.11
C TRP C 476 -11.91 21.48 10.77
N ALA C 477 -11.97 21.54 12.10
CA ALA C 477 -13.16 21.08 12.82
C ALA C 477 -14.35 21.97 12.53
N ILE C 478 -14.15 23.30 12.60
CA ILE C 478 -15.23 24.23 12.29
C ILE C 478 -15.73 24.02 10.87
N GLY C 479 -14.82 23.77 9.94
CA GLY C 479 -15.20 23.60 8.55
C GLY C 479 -15.89 22.28 8.26
N SER C 480 -15.69 21.27 9.12
CA SER C 480 -16.22 19.95 8.84
C SER C 480 -17.72 19.82 9.09
N ILE C 481 -18.33 20.76 9.81
CA ILE C 481 -19.73 20.64 10.20
C ILE C 481 -20.66 21.51 9.36
N SER C 482 -20.13 22.13 8.29
N SER C 482 -20.14 22.14 8.31
CA SER C 482 -20.97 22.95 7.41
CA SER C 482 -20.99 22.98 7.47
C SER C 482 -22.16 22.13 6.92
C SER C 482 -22.15 22.16 6.91
N GLY C 483 -23.34 22.77 6.92
CA GLY C 483 -24.54 22.12 6.46
C GLY C 483 -25.37 21.48 7.55
N THR C 484 -24.88 21.45 8.79
CA THR C 484 -25.60 20.81 9.88
C THR C 484 -26.47 21.79 10.65
N MET C 485 -26.07 23.05 10.73
CA MET C 485 -26.87 24.05 11.41
C MET C 485 -27.95 24.60 10.50
N SER C 486 -28.94 25.24 11.10
CA SER C 486 -29.88 26.02 10.31
C SER C 486 -29.15 27.18 9.64
N GLU C 487 -29.73 27.67 8.55
CA GLU C 487 -29.07 28.76 7.82
C GLU C 487 -28.91 30.00 8.71
N ASP C 488 -29.90 30.29 9.55
CA ASP C 488 -29.82 31.46 10.41
C ASP C 488 -28.76 31.26 11.49
N THR C 489 -28.76 30.11 12.15
CA THR C 489 -27.72 29.81 13.13
C THR C 489 -26.35 29.79 12.47
N GLU C 490 -26.26 29.20 11.28
CA GLU C 490 -24.98 29.14 10.58
C GLU C 490 -24.47 30.54 10.25
N LYS C 491 -25.36 31.40 9.74
CA LYS C 491 -24.97 32.78 9.46
C LYS C 491 -24.33 33.43 10.68
N ARG C 492 -25.02 33.37 11.82
CA ARG C 492 -24.51 33.97 13.04
C ARG C 492 -23.22 33.30 13.49
N PHE C 493 -23.14 31.97 13.35
CA PHE C 493 -21.94 31.26 13.76
C PHE C 493 -20.76 31.58 12.84
N VAL C 494 -20.99 31.53 11.53
CA VAL C 494 -19.92 31.82 10.57
C VAL C 494 -19.37 33.22 10.79
N VAL C 495 -20.26 34.21 10.91
CA VAL C 495 -19.83 35.60 11.09
C VAL C 495 -18.95 35.70 12.34
N THR C 496 -19.41 35.14 13.45
CA THR C 496 -18.62 35.19 14.67
C THR C 496 -17.24 34.59 14.46
N VAL C 497 -17.16 33.47 13.75
CA VAL C 497 -15.89 32.78 13.55
C VAL C 497 -14.94 33.63 12.71
N ILE C 498 -15.43 34.16 11.59
CA ILE C 498 -14.56 34.95 10.71
C ILE C 498 -14.09 36.21 11.43
N LYS C 499 -15.02 36.91 12.09
CA LYS C 499 -14.65 38.09 12.87
C LYS C 499 -13.54 37.75 13.86
N ASP C 500 -13.72 36.67 14.62
CA ASP C 500 -12.69 36.28 15.60
C ASP C 500 -11.38 35.95 14.91
N LEU C 501 -11.43 35.15 13.84
CA LEU C 501 -10.22 34.79 13.13
C LEU C 501 -9.53 36.02 12.55
N LEU C 502 -10.29 36.95 11.98
CA LEU C 502 -9.71 38.19 11.51
C LEU C 502 -9.02 38.94 12.64
N GLY C 503 -9.65 38.99 13.81
CA GLY C 503 -9.01 39.63 14.96
C GLY C 503 -7.75 38.91 15.39
N LEU C 504 -7.76 37.57 15.33
CA LEU C 504 -6.57 36.82 15.69
C LEU C 504 -5.41 37.14 14.75
N CYS C 505 -5.70 37.38 13.48
CA CYS C 505 -4.64 37.67 12.51
C CYS C 505 -4.04 39.05 12.78
N GLU C 506 -4.87 40.06 12.99
CA GLU C 506 -4.36 41.39 13.33
C GLU C 506 -3.51 41.34 14.59
N GLN C 507 -3.93 40.51 15.56
CA GLN C 507 -3.20 40.40 16.82
C GLN C 507 -1.77 39.91 16.59
N LYS C 508 -1.60 38.91 15.73
CA LYS C 508 -0.29 38.30 15.53
C LYS C 508 0.58 39.20 14.64
N ARG C 509 1.89 38.99 14.76
CA ARG C 509 2.86 39.79 14.02
C ARG C 509 3.87 38.85 13.36
N GLY C 510 4.39 39.30 12.23
CA GLY C 510 5.27 38.47 11.42
C GLY C 510 4.52 37.78 10.30
N LYS C 511 5.15 37.65 9.13
CA LYS C 511 4.47 37.05 7.99
C LYS C 511 4.06 35.62 8.27
N ASP C 512 4.91 34.86 8.97
CA ASP C 512 4.62 33.44 9.18
C ASP C 512 3.33 33.25 9.96
N ASN C 513 3.17 33.96 11.07
CA ASN C 513 1.94 33.84 11.86
C ASN C 513 0.74 34.33 11.06
N LYS C 514 0.85 35.52 10.47
CA LYS C 514 -0.26 36.06 9.70
C LYS C 514 -0.63 35.18 8.51
N ALA C 515 0.32 34.39 8.01
CA ALA C 515 0.02 33.49 6.89
C ALA C 515 -0.80 32.29 7.35
N VAL C 516 -0.49 31.74 8.52
CA VAL C 516 -1.23 30.60 9.04
C VAL C 516 -2.69 30.98 9.27
N VAL C 517 -2.92 32.12 9.92
CA VAL C 517 -4.29 32.52 10.24
C VAL C 517 -5.04 32.90 8.98
N ALA C 518 -4.37 33.54 8.03
CA ALA C 518 -5.03 33.90 6.78
C ALA C 518 -5.47 32.64 6.03
N SER C 519 -4.62 31.62 5.98
CA SER C 519 -5.00 30.38 5.33
C SER C 519 -6.20 29.74 6.02
N ASP C 520 -6.21 29.74 7.35
CA ASP C 520 -7.33 29.14 8.09
C ASP C 520 -8.61 29.93 7.87
N ILE C 521 -8.51 31.26 7.80
CA ILE C 521 -9.67 32.08 7.44
C ILE C 521 -10.22 31.62 6.10
N MET C 522 -9.35 31.51 5.09
CA MET C 522 -9.81 31.16 3.76
C MET C 522 -10.32 29.73 3.71
N TYR C 523 -9.75 28.83 4.50
CA TYR C 523 -10.26 27.46 4.53
C TYR C 523 -11.70 27.44 5.00
N VAL C 524 -12.00 28.18 6.07
CA VAL C 524 -13.34 28.14 6.65
C VAL C 524 -14.36 28.69 5.66
N VAL C 525 -14.08 29.85 5.06
CA VAL C 525 -15.05 30.44 4.13
C VAL C 525 -15.31 29.49 2.97
N GLY C 526 -14.27 28.83 2.48
CA GLY C 526 -14.45 27.85 1.42
C GLY C 526 -15.32 26.68 1.80
N GLN C 527 -15.48 26.42 3.10
CA GLN C 527 -16.30 25.31 3.57
C GLN C 527 -17.76 25.67 3.77
N TYR C 528 -18.12 26.95 3.62
CA TYR C 528 -19.48 27.42 3.88
C TYR C 528 -20.04 28.12 2.64
N PRO C 529 -20.21 27.37 1.54
CA PRO C 529 -20.72 28.00 0.31
C PRO C 529 -22.15 28.46 0.43
N ARG C 530 -22.98 27.77 1.22
CA ARG C 530 -24.34 28.26 1.42
C ARG C 530 -24.34 29.68 1.95
N PHE C 531 -23.43 29.97 2.89
CA PHE C 531 -23.29 31.33 3.41
C PHE C 531 -22.81 32.28 2.31
N LEU C 532 -21.82 31.87 1.53
CA LEU C 532 -21.30 32.73 0.46
C LEU C 532 -22.37 33.00 -0.59
N LYS C 533 -23.18 31.99 -0.93
CA LYS C 533 -24.19 32.17 -1.96
C LYS C 533 -25.29 33.13 -1.56
N ALA C 534 -25.49 33.34 -0.26
CA ALA C 534 -26.53 34.25 0.22
C ALA C 534 -26.02 35.67 0.47
N HIS C 535 -24.71 35.90 0.38
CA HIS C 535 -24.11 37.19 0.72
C HIS C 535 -23.10 37.55 -0.37
N TRP C 536 -23.62 38.03 -1.50
CA TRP C 536 -22.75 38.32 -2.64
C TRP C 536 -21.66 39.32 -2.28
N ASN C 537 -22.05 40.44 -1.65
CA ASN C 537 -21.07 41.43 -1.23
C ASN C 537 -19.88 40.77 -0.55
N PHE C 538 -20.15 39.88 0.39
CA PHE C 538 -19.07 39.19 1.08
C PHE C 538 -18.31 38.26 0.13
N LEU C 539 -19.04 37.47 -0.66
CA LEU C 539 -18.39 36.59 -1.62
C LEU C 539 -17.45 37.37 -2.54
N ARG C 540 -17.90 38.52 -3.03
CA ARG C 540 -17.04 39.35 -3.87
C ARG C 540 -15.78 39.75 -3.12
N THR C 541 -15.92 40.18 -1.87
CA THR C 541 -14.77 40.61 -1.08
C THR C 541 -13.77 39.46 -0.92
N VAL C 542 -14.26 38.25 -0.66
CA VAL C 542 -13.37 37.09 -0.51
C VAL C 542 -12.57 36.88 -1.80
N ILE C 543 -13.26 36.81 -2.94
CA ILE C 543 -12.59 36.55 -4.20
C ILE C 543 -11.53 37.61 -4.47
N LEU C 544 -11.90 38.88 -4.31
CA LEU C 544 -10.95 39.96 -4.55
C LEU C 544 -9.77 39.88 -3.59
N LYS C 545 -10.01 39.41 -2.37
CA LYS C 545 -8.90 39.26 -1.42
C LYS C 545 -8.00 38.11 -1.84
N LEU C 546 -8.58 37.02 -2.34
CA LEU C 546 -7.77 35.93 -2.88
C LEU C 546 -6.89 36.41 -4.02
N PHE C 547 -7.42 37.29 -4.88
CA PHE C 547 -6.61 37.84 -5.96
C PHE C 547 -5.41 38.61 -5.41
N GLU C 548 -5.60 39.34 -4.32
CA GLU C 548 -4.48 40.04 -3.69
C GLU C 548 -3.44 39.04 -3.20
N PHE C 549 -3.88 37.92 -2.62
CA PHE C 549 -2.95 36.90 -2.16
C PHE C 549 -2.20 36.23 -3.31
N MET C 550 -2.73 36.30 -4.53
CA MET C 550 -2.04 35.70 -5.67
C MET C 550 -0.79 36.46 -6.06
N HIS C 551 -0.58 37.65 -5.50
CA HIS C 551 0.65 38.41 -5.71
C HIS C 551 1.62 38.30 -4.54
N GLU C 552 1.22 37.64 -3.46
CA GLU C 552 2.08 37.46 -2.29
C GLU C 552 2.96 36.23 -2.48
N THR C 553 4.26 36.41 -2.27
CA THR C 553 5.23 35.36 -2.56
C THR C 553 5.53 34.46 -1.38
N HIS C 554 5.10 34.81 -0.17
CA HIS C 554 5.32 33.96 0.99
C HIS C 554 4.91 32.53 0.69
N GLU C 555 5.73 31.58 1.11
CA GLU C 555 5.54 30.20 0.70
C GLU C 555 4.16 29.70 1.10
N GLY C 556 3.43 29.14 0.13
CA GLY C 556 2.14 28.55 0.36
C GLY C 556 0.95 29.46 0.11
N VAL C 557 1.15 30.78 0.16
CA VAL C 557 0.03 31.71 0.02
C VAL C 557 -0.61 31.56 -1.36
N GLN C 558 0.20 31.65 -2.41
CA GLN C 558 -0.35 31.60 -3.76
C GLN C 558 -1.07 30.29 -4.03
N ASP C 559 -0.48 29.16 -3.61
CA ASP C 559 -1.17 27.89 -3.76
C ASP C 559 -2.48 27.87 -2.97
N MET C 560 -2.48 28.46 -1.77
CA MET C 560 -3.69 28.54 -0.98
C MET C 560 -4.75 29.40 -1.67
N ALA C 561 -4.33 30.53 -2.24
CA ALA C 561 -5.28 31.43 -2.90
C ALA C 561 -5.92 30.74 -4.10
N CYS C 562 -5.12 30.08 -4.94
CA CYS C 562 -5.66 29.43 -6.13
C CYS C 562 -6.56 28.27 -5.75
N ASP C 563 -6.16 27.44 -4.79
CA ASP C 563 -6.96 26.30 -4.40
C ASP C 563 -8.29 26.72 -3.78
N THR C 564 -8.28 27.82 -3.02
CA THR C 564 -9.54 28.32 -2.46
C THR C 564 -10.42 28.91 -3.56
N PHE C 565 -9.81 29.58 -4.54
CA PHE C 565 -10.57 30.17 -5.64
C PHE C 565 -11.39 29.10 -6.36
N ILE C 566 -10.74 28.04 -6.84
CA ILE C 566 -11.45 27.02 -7.60
C ILE C 566 -12.41 26.26 -6.71
N LYS C 567 -12.07 26.08 -5.43
CA LYS C 567 -12.97 25.39 -4.51
C LYS C 567 -14.26 26.18 -4.32
N ILE C 568 -14.15 27.49 -4.14
CA ILE C 568 -15.35 28.33 -4.02
C ILE C 568 -16.13 28.32 -5.32
N VAL C 569 -15.43 28.41 -6.46
CA VAL C 569 -16.10 28.48 -7.75
C VAL C 569 -16.90 27.21 -8.00
N GLN C 570 -16.32 26.05 -7.68
CA GLN C 570 -17.00 24.78 -7.93
C GLN C 570 -18.39 24.75 -7.28
N LYS C 571 -18.57 25.46 -6.17
CA LYS C 571 -19.83 25.41 -5.43
C LYS C 571 -20.68 26.67 -5.57
N CYS C 572 -20.10 27.79 -6.00
CA CYS C 572 -20.83 29.05 -6.12
C CYS C 572 -20.83 29.59 -7.54
N LYS C 573 -20.52 28.73 -8.52
CA LYS C 573 -20.35 29.19 -9.90
C LYS C 573 -21.54 29.98 -10.41
N TYR C 574 -22.76 29.55 -10.06
CA TYR C 574 -23.95 30.25 -10.56
C TYR C 574 -23.92 31.74 -10.24
N HIS C 575 -23.30 32.11 -9.12
CA HIS C 575 -23.27 33.50 -8.70
C HIS C 575 -22.19 34.33 -9.40
N PHE C 576 -21.34 33.70 -10.21
CA PHE C 576 -20.36 34.41 -11.02
C PHE C 576 -20.84 34.65 -12.44
N VAL C 577 -21.88 33.95 -12.89
CA VAL C 577 -22.30 34.00 -14.28
C VAL C 577 -23.50 34.93 -14.44
N ILE C 578 -24.29 35.08 -13.38
CA ILE C 578 -25.43 35.98 -13.44
C ILE C 578 -24.98 37.41 -13.18
N GLN C 579 -25.81 38.36 -13.59
CA GLN C 579 -25.61 39.77 -13.25
C GLN C 579 -26.23 40.01 -11.89
N GLN C 580 -25.40 40.17 -10.88
CA GLN C 580 -25.91 40.35 -9.53
C GLN C 580 -26.48 41.75 -9.39
N PRO C 581 -27.59 41.92 -8.66
CA PRO C 581 -28.13 43.27 -8.44
C PRO C 581 -27.04 44.22 -7.95
N ARG C 582 -27.13 45.47 -8.40
CA ARG C 582 -26.17 46.52 -8.07
C ARG C 582 -24.79 46.28 -8.69
N GLU C 583 -24.73 45.44 -9.72
CA GLU C 583 -23.52 45.24 -10.50
C GLU C 583 -23.81 45.51 -11.96
N SER C 584 -22.79 45.99 -12.68
CA SER C 584 -22.96 46.32 -14.09
C SER C 584 -22.77 45.13 -15.01
N GLU C 585 -22.18 44.04 -14.53
CA GLU C 585 -21.90 42.89 -15.38
C GLU C 585 -21.74 41.66 -14.50
N PRO C 586 -21.96 40.46 -15.05
CA PRO C 586 -21.62 39.24 -14.30
C PRO C 586 -20.15 39.25 -13.91
N PHE C 587 -19.88 38.78 -12.70
CA PHE C 587 -18.53 38.90 -12.14
C PHE C 587 -17.50 38.17 -13.00
N ILE C 588 -17.92 37.14 -13.75
CA ILE C 588 -16.98 36.41 -14.58
C ILE C 588 -16.29 37.35 -15.56
N GLN C 589 -17.04 38.30 -16.12
CA GLN C 589 -16.44 39.25 -17.05
C GLN C 589 -15.36 40.08 -16.37
N THR C 590 -15.61 40.48 -15.12
CA THR C 590 -14.61 41.24 -14.39
C THR C 590 -13.34 40.43 -14.17
N ILE C 591 -13.49 39.14 -13.89
CA ILE C 591 -12.33 38.28 -13.67
C ILE C 591 -11.48 38.20 -14.94
N ILE C 592 -12.14 37.98 -16.08
CA ILE C 592 -11.40 37.81 -17.34
C ILE C 592 -10.70 39.10 -17.74
N ARG C 593 -11.27 40.26 -17.39
N ARG C 593 -11.28 40.25 -17.37
CA ARG C 593 -10.65 41.53 -17.76
CA ARG C 593 -10.69 41.54 -17.72
C ARG C 593 -9.26 41.66 -17.14
C ARG C 593 -9.29 41.69 -17.13
N ASP C 594 -9.18 41.59 -15.81
CA ASP C 594 -7.91 41.78 -15.11
C ASP C 594 -7.12 40.48 -14.99
N ILE C 595 -7.40 39.49 -15.84
CA ILE C 595 -6.80 38.17 -15.65
C ILE C 595 -5.28 38.24 -15.78
N GLN C 596 -4.78 39.04 -16.73
CA GLN C 596 -3.33 39.19 -16.86
C GLN C 596 -2.73 39.76 -15.59
N LYS C 597 -3.33 40.82 -15.06
CA LYS C 597 -2.84 41.43 -13.83
C LYS C 597 -3.03 40.50 -12.64
N THR C 598 -4.14 39.75 -12.61
CA THR C 598 -4.43 38.89 -11.48
C THR C 598 -3.41 37.75 -11.37
N THR C 599 -3.03 37.16 -12.50
CA THR C 599 -2.17 35.98 -12.52
C THR C 599 -0.72 36.30 -12.85
N ALA C 600 -0.37 37.59 -12.96
CA ALA C 600 0.96 37.97 -13.43
C ALA C 600 2.07 37.35 -12.59
N ASP C 601 1.84 37.12 -11.30
CA ASP C 601 2.88 36.64 -10.40
C ASP C 601 2.79 35.14 -10.13
N LEU C 602 1.87 34.42 -10.76
CA LEU C 602 1.66 33.01 -10.47
C LEU C 602 2.56 32.14 -11.34
N GLN C 603 2.86 30.95 -10.81
CA GLN C 603 3.56 29.94 -11.60
C GLN C 603 2.61 29.37 -12.65
N PRO C 604 3.15 28.78 -13.71
CA PRO C 604 2.27 28.24 -14.77
C PRO C 604 1.19 27.32 -14.25
N GLN C 605 1.56 26.33 -13.43
CA GLN C 605 0.56 25.40 -12.92
C GLN C 605 -0.54 26.12 -12.16
N GLN C 606 -0.23 27.24 -11.52
CA GLN C 606 -1.25 28.01 -10.83
C GLN C 606 -2.11 28.83 -11.79
N VAL C 607 -1.52 29.33 -12.88
CA VAL C 607 -2.31 29.99 -13.91
C VAL C 607 -3.32 29.01 -14.50
N HIS C 608 -2.92 27.76 -14.71
CA HIS C 608 -3.80 26.78 -15.32
C HIS C 608 -4.99 26.48 -14.42
N THR C 609 -4.76 26.36 -13.11
CA THR C 609 -5.87 26.21 -12.17
C THR C 609 -6.82 27.40 -12.27
N PHE C 610 -6.28 28.61 -12.39
CA PHE C 610 -7.11 29.79 -12.50
C PHE C 610 -8.00 29.74 -13.73
N TYR C 611 -7.40 29.43 -14.88
CA TYR C 611 -8.18 29.31 -16.11
C TYR C 611 -9.21 28.19 -16.00
N LYS C 612 -8.83 27.05 -15.40
CA LYS C 612 -9.79 25.98 -15.19
C LYS C 612 -10.98 26.46 -14.37
N ALA C 613 -10.72 27.25 -13.32
CA ALA C 613 -11.81 27.76 -12.50
C ALA C 613 -12.74 28.64 -13.33
N CYS C 614 -12.17 29.47 -14.21
CA CYS C 614 -13.00 30.29 -15.09
C CYS C 614 -13.84 29.41 -16.01
N GLY C 615 -13.25 28.33 -16.53
CA GLY C 615 -14.01 27.43 -17.38
C GLY C 615 -15.20 26.82 -16.66
N ILE C 616 -15.05 26.54 -15.36
CA ILE C 616 -16.19 26.05 -14.58
C ILE C 616 -17.34 27.04 -14.64
N ILE C 617 -17.03 28.33 -14.43
CA ILE C 617 -18.07 29.36 -14.43
C ILE C 617 -18.70 29.46 -15.82
N ILE C 618 -17.86 29.55 -16.85
CA ILE C 618 -18.38 29.78 -18.21
C ILE C 618 -19.36 28.68 -18.59
N SER C 619 -19.11 27.45 -18.16
CA SER C 619 -20.00 26.35 -18.50
C SER C 619 -21.39 26.50 -17.88
N GLU C 620 -21.53 27.35 -16.85
CA GLU C 620 -22.85 27.62 -16.29
C GLU C 620 -23.69 28.51 -17.19
N GLU C 621 -23.08 29.22 -18.14
CA GLU C 621 -23.81 30.02 -19.09
C GLU C 621 -24.33 29.10 -20.20
N ARG C 622 -25.66 28.92 -20.26
CA ARG C 622 -26.23 28.00 -21.24
C ARG C 622 -26.74 28.71 -22.49
N SER C 623 -26.70 30.04 -22.55
CA SER C 623 -26.86 30.75 -23.81
C SER C 623 -25.61 30.56 -24.64
N VAL C 624 -25.73 29.83 -25.75
CA VAL C 624 -24.55 29.41 -26.51
C VAL C 624 -23.73 30.61 -26.94
N ALA C 625 -24.38 31.64 -27.48
CA ALA C 625 -23.64 32.77 -28.02
C ALA C 625 -22.82 33.47 -26.94
N GLU C 626 -23.38 33.59 -25.73
CA GLU C 626 -22.64 34.23 -24.65
C GLU C 626 -21.56 33.32 -24.11
N ARG C 627 -21.84 32.02 -23.99
CA ARG C 627 -20.83 31.08 -23.53
C ARG C 627 -19.62 31.09 -24.44
N ASN C 628 -19.84 31.01 -25.76
CA ASN C 628 -18.72 31.05 -26.69
C ASN C 628 -17.95 32.36 -26.63
N ARG C 629 -18.65 33.47 -26.36
CA ARG C 629 -17.97 34.76 -26.25
C ARG C 629 -17.08 34.80 -25.00
N LEU C 630 -17.60 34.35 -23.86
CA LEU C 630 -16.78 34.26 -22.66
C LEU C 630 -15.57 33.37 -22.89
N LEU C 631 -15.74 32.27 -23.62
CA LEU C 631 -14.62 31.38 -23.91
C LEU C 631 -13.57 32.11 -24.75
N SER C 632 -14.00 32.81 -25.79
CA SER C 632 -13.07 33.59 -26.61
C SER C 632 -12.29 34.59 -25.76
N ASP C 633 -12.98 35.30 -24.87
CA ASP C 633 -12.31 36.32 -24.07
C ASP C 633 -11.35 35.69 -23.07
N LEU C 634 -11.74 34.56 -22.47
CA LEU C 634 -10.85 33.88 -21.53
C LEU C 634 -9.57 33.42 -22.21
N MET C 635 -9.68 32.88 -23.42
CA MET C 635 -8.55 32.33 -24.14
C MET C 635 -7.80 33.37 -24.96
N GLN C 636 -8.07 34.65 -24.73
CA GLN C 636 -7.46 35.70 -25.54
C GLN C 636 -5.95 35.66 -25.47
N LEU C 637 -5.40 35.72 -24.26
CA LEU C 637 -3.94 35.73 -24.10
C LEU C 637 -3.29 34.47 -24.68
N PRO C 638 -3.70 33.26 -24.31
CA PRO C 638 -3.08 32.08 -24.94
C PRO C 638 -3.28 32.02 -26.45
N ASN C 639 -4.41 32.49 -26.96
CA ASN C 639 -4.62 32.48 -28.41
C ASN C 639 -3.72 33.47 -29.12
N MET C 640 -3.43 34.61 -28.50
CA MET C 640 -2.50 35.56 -29.10
C MET C 640 -1.08 35.03 -29.06
N ALA C 641 -0.65 34.52 -27.91
CA ALA C 641 0.65 33.84 -27.84
C ALA C 641 0.71 32.70 -28.84
N TRP C 642 -0.38 31.95 -28.97
CA TRP C 642 -0.43 30.84 -29.91
C TRP C 642 -0.24 31.34 -31.35
N ASP C 643 -1.08 32.27 -31.78
CA ASP C 643 -1.01 32.77 -33.15
C ASP C 643 0.38 33.27 -33.49
N THR C 644 1.06 33.89 -32.52
CA THR C 644 2.39 34.45 -32.78
C THR C 644 3.40 33.34 -33.08
N ILE C 645 3.54 32.37 -32.16
CA ILE C 645 4.56 31.35 -32.31
C ILE C 645 4.21 30.40 -33.46
N VAL C 646 2.93 30.24 -33.80
CA VAL C 646 2.58 29.45 -34.97
C VAL C 646 3.16 30.10 -36.23
N GLU C 647 3.11 31.43 -36.30
CA GLU C 647 3.71 32.13 -37.43
C GLU C 647 5.24 32.04 -37.36
N GLN C 648 5.80 32.19 -36.16
CA GLN C 648 7.25 32.08 -36.02
C GLN C 648 7.73 30.65 -36.21
N SER C 649 6.97 29.68 -35.69
CA SER C 649 7.35 28.28 -35.83
C SER C 649 7.46 27.89 -37.31
N THR C 650 6.42 28.17 -38.09
CA THR C 650 6.43 27.79 -39.49
C THR C 650 7.57 28.47 -40.26
N ALA C 651 7.97 29.68 -39.83
CA ALA C 651 9.02 30.39 -40.53
C ALA C 651 10.39 29.78 -40.25
N ASN C 652 10.73 29.61 -38.98
CA ASN C 652 12.04 29.11 -38.56
C ASN C 652 11.85 27.90 -37.66
N PRO C 653 11.68 26.71 -38.24
CA PRO C 653 11.50 25.51 -37.40
C PRO C 653 12.59 25.31 -36.37
N THR C 654 13.81 25.75 -36.63
CA THR C 654 14.87 25.66 -35.61
C THR C 654 14.52 26.46 -34.37
N LEU C 655 13.56 27.39 -34.46
CA LEU C 655 13.15 28.15 -33.30
C LEU C 655 12.61 27.25 -32.19
N LEU C 656 12.10 26.06 -32.55
CA LEU C 656 11.62 25.11 -31.56
C LEU C 656 12.75 24.48 -30.76
N LEU C 657 14.01 24.65 -31.17
CA LEU C 657 15.12 24.24 -30.34
C LEU C 657 15.37 25.21 -29.18
N ASP C 658 14.76 26.39 -29.23
CA ASP C 658 14.83 27.34 -28.12
C ASP C 658 13.99 26.83 -26.96
N SER C 659 14.64 26.58 -25.83
CA SER C 659 13.93 26.06 -24.66
C SER C 659 12.76 26.96 -24.29
N GLU C 660 12.93 28.28 -24.38
CA GLU C 660 11.86 29.19 -23.99
C GLU C 660 10.64 29.04 -24.89
N THR C 661 10.86 28.88 -26.19
CA THR C 661 9.73 28.72 -27.11
C THR C 661 8.99 27.41 -26.82
N VAL C 662 9.73 26.31 -26.62
CA VAL C 662 9.10 25.03 -26.29
C VAL C 662 8.25 25.17 -25.03
N LYS C 663 8.79 25.86 -24.02
CA LYS C 663 8.05 26.02 -22.77
C LYS C 663 6.80 26.86 -22.96
N ILE C 664 6.91 27.96 -23.70
CA ILE C 664 5.72 28.77 -24.00
C ILE C 664 4.66 27.92 -24.68
N ILE C 665 5.05 27.11 -25.64
CA ILE C 665 4.09 26.28 -26.37
C ILE C 665 3.41 25.32 -25.42
N ALA C 666 4.20 24.61 -24.62
CA ALA C 666 3.62 23.61 -23.72
C ALA C 666 2.64 24.25 -22.75
N ASN C 667 2.95 25.46 -22.27
CA ASN C 667 2.06 26.12 -21.32
C ASN C 667 0.77 26.60 -21.99
N ILE C 668 0.84 26.98 -23.27
CA ILE C 668 -0.39 27.31 -24.00
C ILE C 668 -1.29 26.09 -24.06
N ILE C 669 -0.74 24.95 -24.46
CA ILE C 669 -1.54 23.74 -24.60
CA ILE C 669 -1.54 23.74 -24.60
C ILE C 669 -2.09 23.31 -23.25
N LYS C 670 -1.25 23.36 -22.21
CA LYS C 670 -1.74 23.02 -20.87
C LYS C 670 -2.92 23.90 -20.47
N THR C 671 -2.88 25.18 -20.85
CA THR C 671 -4.01 26.06 -20.55
C THR C 671 -5.28 25.58 -21.25
N ASN C 672 -5.15 25.17 -22.51
CA ASN C 672 -6.31 24.62 -23.22
C ASN C 672 -6.80 23.33 -22.55
N VAL C 673 -5.87 22.49 -22.10
CA VAL C 673 -6.28 21.27 -21.39
C VAL C 673 -7.05 21.63 -20.13
N ALA C 674 -6.55 22.62 -19.38
CA ALA C 674 -7.21 23.01 -18.13
C ALA C 674 -8.64 23.48 -18.39
N VAL C 675 -8.82 24.39 -19.34
CA VAL C 675 -10.16 24.89 -19.64
C VAL C 675 -11.02 23.78 -20.23
N CYS C 676 -10.43 22.94 -21.07
CA CYS C 676 -11.19 21.83 -21.64
C CYS C 676 -11.60 20.83 -20.57
N THR C 677 -10.78 20.64 -19.54
CA THR C 677 -11.12 19.70 -18.48
C THR C 677 -12.41 20.09 -17.79
N SER C 678 -12.64 21.39 -17.61
CA SER C 678 -13.81 21.86 -16.88
C SER C 678 -14.98 22.21 -17.78
N MET C 679 -14.77 22.36 -19.09
CA MET C 679 -15.84 22.71 -20.00
C MET C 679 -16.31 21.55 -20.89
N GLY C 680 -15.47 20.55 -21.10
CA GLY C 680 -15.91 19.37 -21.82
C GLY C 680 -16.44 19.71 -23.20
N ALA C 681 -17.70 19.35 -23.44
CA ALA C 681 -18.30 19.55 -24.75
C ALA C 681 -18.34 21.01 -25.16
N ASP C 682 -18.50 21.92 -24.19
CA ASP C 682 -18.56 23.35 -24.50
C ASP C 682 -17.25 23.89 -25.04
N PHE C 683 -16.15 23.15 -24.91
CA PHE C 683 -14.84 23.62 -25.35
C PHE C 683 -14.66 23.56 -26.86
N TYR C 684 -15.56 22.90 -27.58
CA TYR C 684 -15.35 22.63 -28.99
C TYR C 684 -15.00 23.88 -29.81
N PRO C 685 -15.60 25.05 -29.60
CA PRO C 685 -15.23 26.20 -30.43
C PRO C 685 -13.78 26.63 -30.26
N GLN C 686 -13.24 26.54 -29.04
CA GLN C 686 -11.84 26.87 -28.84
C GLN C 686 -10.94 25.83 -29.48
N LEU C 687 -11.33 24.55 -29.41
CA LEU C 687 -10.55 23.51 -30.08
C LEU C 687 -10.49 23.75 -31.58
N GLY C 688 -11.61 24.17 -32.18
CA GLY C 688 -11.61 24.46 -33.60
C GLY C 688 -10.69 25.60 -33.97
N HIS C 689 -10.46 26.53 -33.06
CA HIS C 689 -9.59 27.67 -33.35
C HIS C 689 -8.14 27.23 -33.53
N ILE C 690 -7.69 26.22 -32.80
CA ILE C 690 -6.29 25.82 -32.80
C ILE C 690 -6.05 24.47 -33.45
N TYR C 691 -7.11 23.71 -33.77
CA TYR C 691 -6.94 22.28 -34.04
C TYR C 691 -5.96 22.03 -35.18
N TYR C 692 -6.20 22.63 -36.34
CA TYR C 692 -5.41 22.27 -37.52
C TYR C 692 -3.96 22.71 -37.37
N ASN C 693 -3.72 23.91 -36.82
CA ASN C 693 -2.35 24.34 -36.59
C ASN C 693 -1.71 23.52 -35.47
N MET C 694 -2.49 23.02 -34.52
CA MET C 694 -1.94 22.20 -33.46
C MET C 694 -1.39 20.88 -34.01
N LEU C 695 -2.12 20.25 -34.94
CA LEU C 695 -1.64 19.01 -35.52
C LEU C 695 -0.44 19.24 -36.43
N GLN C 696 -0.40 20.37 -37.14
CA GLN C 696 0.80 20.73 -37.89
C GLN C 696 1.99 20.88 -36.94
N LEU C 697 1.79 21.57 -35.82
CA LEU C 697 2.84 21.66 -34.82
C LEU C 697 3.26 20.27 -34.35
N TYR C 698 2.30 19.40 -34.10
CA TYR C 698 2.60 18.02 -33.69
C TYR C 698 3.57 17.36 -34.67
N ARG C 699 3.31 17.51 -35.97
CA ARG C 699 4.20 16.93 -36.98
C ARG C 699 5.57 17.60 -36.95
N ALA C 700 5.62 18.91 -36.75
CA ALA C 700 6.89 19.62 -36.82
C ALA C 700 7.80 19.22 -35.66
N VAL C 701 7.27 19.18 -34.44
CA VAL C 701 8.08 18.72 -33.31
C VAL C 701 8.44 17.26 -33.49
N SER C 702 7.56 16.46 -34.11
CA SER C 702 7.87 15.07 -34.36
C SER C 702 9.11 14.93 -35.22
N SER C 703 9.19 15.71 -36.30
CA SER C 703 10.37 15.66 -37.15
C SER C 703 11.63 16.01 -36.37
N MET C 704 11.55 17.04 -35.52
CA MET C 704 12.74 17.48 -34.78
C MET C 704 13.21 16.40 -33.82
N ILE C 705 12.28 15.75 -33.11
CA ILE C 705 12.65 14.63 -32.24
C ILE C 705 13.40 13.58 -33.05
N SER C 706 12.81 13.15 -34.17
CA SER C 706 13.46 12.15 -35.01
C SER C 706 14.84 12.62 -35.45
N ALA C 707 14.97 13.89 -35.81
CA ALA C 707 16.25 14.41 -36.28
C ALA C 707 17.28 14.41 -35.17
N GLN C 708 16.88 14.80 -33.95
CA GLN C 708 17.81 14.80 -32.83
C GLN C 708 18.31 13.39 -32.52
N VAL C 709 17.40 12.41 -32.56
CA VAL C 709 17.80 11.03 -32.30
C VAL C 709 18.76 10.54 -33.38
N ALA C 710 18.57 11.00 -34.62
CA ALA C 710 19.48 10.62 -35.69
C ALA C 710 20.85 11.25 -35.53
N ALA C 711 20.90 12.48 -35.00
CA ALA C 711 22.15 13.22 -34.92
C ALA C 711 22.92 12.94 -33.63
N GLU C 712 22.26 12.46 -32.58
CA GLU C 712 22.91 12.24 -31.29
C GLU C 712 22.67 10.85 -30.71
N GLY C 713 21.78 10.04 -31.29
CA GLY C 713 21.51 8.72 -30.77
C GLY C 713 20.36 8.71 -29.79
N LEU C 714 20.06 7.50 -29.29
CA LEU C 714 18.93 7.33 -28.38
C LEU C 714 19.09 8.17 -27.11
N ILE C 715 20.33 8.48 -26.72
CA ILE C 715 20.53 9.31 -25.53
C ILE C 715 19.85 10.66 -25.67
N ALA C 716 19.57 11.09 -26.90
CA ALA C 716 18.89 12.36 -27.11
C ALA C 716 17.52 12.38 -26.45
N THR C 717 16.86 11.22 -26.35
CA THR C 717 15.55 11.18 -25.72
C THR C 717 15.60 11.56 -24.24
N LYS C 718 16.78 11.53 -23.63
CA LYS C 718 16.95 11.93 -22.24
C LYS C 718 17.25 13.41 -22.08
N THR C 719 17.62 14.10 -23.16
CA THR C 719 18.03 15.49 -23.05
C THR C 719 16.83 16.39 -22.75
N PRO C 720 17.05 17.53 -22.09
CA PRO C 720 15.94 18.46 -21.85
C PRO C 720 15.30 18.96 -23.14
N LYS C 721 16.11 19.21 -24.18
CA LYS C 721 15.57 19.64 -25.46
C LYS C 721 14.47 18.70 -25.93
N VAL C 722 14.80 17.42 -26.09
CA VAL C 722 13.84 16.46 -26.62
C VAL C 722 12.69 16.24 -25.65
N ARG C 723 12.99 16.16 -24.35
CA ARG C 723 11.93 15.97 -23.37
C ARG C 723 10.94 17.12 -23.42
N GLY C 724 11.42 18.34 -23.67
CA GLY C 724 10.51 19.46 -23.88
C GLY C 724 9.66 19.29 -25.12
N LEU C 725 10.25 18.76 -26.20
CA LEU C 725 9.50 18.54 -27.42
C LEU C 725 8.43 17.46 -27.24
N ARG C 726 8.78 16.36 -26.59
CA ARG C 726 7.80 15.31 -26.35
C ARG C 726 6.69 15.78 -25.42
N THR C 727 6.99 16.71 -24.51
CA THR C 727 5.94 17.28 -23.68
C THR C 727 4.87 17.95 -24.54
N ILE C 728 5.28 18.69 -25.57
CA ILE C 728 4.31 19.30 -26.48
C ILE C 728 3.43 18.22 -27.09
N LYS C 729 4.04 17.17 -27.66
CA LYS C 729 3.25 16.10 -28.26
C LYS C 729 2.29 15.48 -27.25
N LYS C 730 2.76 15.24 -26.02
CA LYS C 730 1.94 14.58 -25.02
C LYS C 730 0.77 15.45 -24.59
N GLU C 731 0.99 16.76 -24.47
CA GLU C 731 -0.10 17.65 -24.08
C GLU C 731 -1.12 17.81 -25.21
N ILE C 732 -0.68 17.81 -26.46
CA ILE C 732 -1.61 17.83 -27.58
C ILE C 732 -2.50 16.60 -27.55
N LEU C 733 -1.90 15.42 -27.38
CA LEU C 733 -2.68 14.19 -27.28
C LEU C 733 -3.62 14.25 -26.08
N LYS C 734 -3.14 14.77 -24.95
CA LYS C 734 -4.00 14.86 -23.77
C LYS C 734 -5.17 15.80 -24.02
N LEU C 735 -4.94 16.92 -24.70
CA LEU C 735 -6.03 17.83 -25.03
C LEU C 735 -7.07 17.15 -25.89
N VAL C 736 -6.62 16.46 -26.95
CA VAL C 736 -7.55 15.80 -27.85
C VAL C 736 -8.29 14.68 -27.12
N GLU C 737 -7.56 13.88 -26.35
CA GLU C 737 -8.19 12.84 -25.54
C GLU C 737 -9.24 13.45 -24.61
N THR C 738 -8.89 14.56 -23.95
CA THR C 738 -9.80 15.15 -22.97
C THR C 738 -11.10 15.58 -23.62
N TYR C 739 -11.04 16.22 -24.79
CA TYR C 739 -12.28 16.69 -25.40
C TYR C 739 -13.13 15.53 -25.90
N ILE C 740 -12.52 14.59 -26.63
CA ILE C 740 -13.29 13.50 -27.22
C ILE C 740 -13.96 12.70 -26.12
N SER C 741 -13.27 12.47 -25.01
CA SER C 741 -13.85 11.71 -23.91
C SER C 741 -15.12 12.36 -23.36
N LYS C 742 -15.25 13.68 -23.53
CA LYS C 742 -16.38 14.42 -22.99
C LYS C 742 -17.32 14.95 -24.07
N ALA C 743 -17.04 14.70 -25.34
CA ALA C 743 -17.80 15.32 -26.41
C ALA C 743 -19.24 14.83 -26.42
N ARG C 744 -20.14 15.71 -26.85
CA ARG C 744 -21.54 15.37 -27.07
C ARG C 744 -21.87 15.15 -28.54
N ASN C 745 -21.29 15.95 -29.43
CA ASN C 745 -21.55 15.83 -30.87
C ASN C 745 -20.50 14.91 -31.46
N LEU C 746 -20.84 13.62 -31.54
CA LEU C 746 -19.90 12.63 -32.07
C LEU C 746 -19.79 12.68 -33.58
N ASP C 747 -20.82 13.19 -34.28
CA ASP C 747 -20.70 13.38 -35.73
C ASP C 747 -19.52 14.29 -36.06
N ASP C 748 -19.39 15.39 -35.32
CA ASP C 748 -18.29 16.31 -35.56
C ASP C 748 -16.95 15.68 -35.21
N VAL C 749 -16.90 14.90 -34.12
CA VAL C 749 -15.68 14.18 -33.79
C VAL C 749 -15.23 13.34 -34.97
N VAL C 750 -16.16 12.57 -35.55
CA VAL C 750 -15.82 11.68 -36.66
C VAL C 750 -15.44 12.48 -37.89
N LYS C 751 -16.28 13.43 -38.28
CA LYS C 751 -16.12 14.09 -39.57
C LYS C 751 -15.03 15.15 -39.58
N VAL C 752 -14.66 15.69 -38.42
CA VAL C 752 -13.76 16.83 -38.34
C VAL C 752 -12.45 16.48 -37.65
N LEU C 753 -12.50 15.71 -36.55
CA LEU C 753 -11.33 15.51 -35.70
C LEU C 753 -10.56 14.24 -36.03
N VAL C 754 -11.23 13.12 -36.29
CA VAL C 754 -10.54 11.84 -36.32
C VAL C 754 -9.60 11.75 -37.51
N GLU C 755 -10.08 12.13 -38.70
CA GLU C 755 -9.27 11.99 -39.91
C GLU C 755 -7.92 12.68 -39.73
N PRO C 756 -7.88 13.98 -39.42
CA PRO C 756 -6.57 14.63 -39.24
C PRO C 756 -5.76 14.04 -38.10
N LEU C 757 -6.42 13.64 -37.01
CA LEU C 757 -5.69 13.10 -35.86
C LEU C 757 -4.92 11.84 -36.24
N LEU C 758 -5.59 10.88 -36.88
CA LEU C 758 -4.93 9.63 -37.23
C LEU C 758 -3.79 9.86 -38.20
N ASN C 759 -3.99 10.74 -39.18
CA ASN C 759 -2.91 11.05 -40.12
C ASN C 759 -1.72 11.69 -39.42
N ALA C 760 -1.96 12.42 -38.33
CA ALA C 760 -0.87 13.12 -37.66
C ALA C 760 -0.06 12.20 -36.75
N VAL C 761 -0.67 11.15 -36.18
CA VAL C 761 -0.06 10.42 -35.09
C VAL C 761 0.35 8.99 -35.46
N LEU C 762 -0.40 8.31 -36.33
CA LEU C 762 -0.21 6.87 -36.49
C LEU C 762 1.13 6.55 -37.15
N GLU C 763 1.36 7.09 -38.35
CA GLU C 763 2.62 6.77 -39.05
C GLU C 763 3.82 7.23 -38.24
N ASP C 764 3.74 8.42 -37.64
CA ASP C 764 4.83 8.89 -36.79
C ASP C 764 5.17 7.86 -35.73
N TYR C 765 4.15 7.31 -35.07
CA TYR C 765 4.36 6.28 -34.06
C TYR C 765 4.99 5.03 -34.68
N MET C 766 4.43 4.56 -35.79
CA MET C 766 4.90 3.32 -36.40
C MET C 766 6.35 3.44 -36.83
N ASN C 767 6.76 4.59 -37.34
CA ASN C 767 8.04 4.73 -38.00
C ASN C 767 9.12 5.37 -37.12
N ASN C 768 8.82 5.64 -35.86
CA ASN C 768 9.86 6.00 -34.90
C ASN C 768 10.46 4.74 -34.30
N VAL C 769 11.70 4.86 -33.83
CA VAL C 769 12.34 3.76 -33.14
C VAL C 769 11.60 3.55 -31.81
N PRO C 770 11.64 2.35 -31.23
CA PRO C 770 10.88 2.11 -29.99
C PRO C 770 11.06 3.17 -28.92
N ASP C 771 12.29 3.63 -28.66
CA ASP C 771 12.54 4.58 -27.59
C ASP C 771 11.94 5.95 -27.84
N ALA C 772 11.50 6.24 -29.06
CA ALA C 772 10.91 7.54 -29.37
C ALA C 772 9.39 7.48 -29.49
N ARG C 773 8.79 6.31 -29.33
CA ARG C 773 7.34 6.18 -29.43
C ARG C 773 6.69 6.60 -28.11
N ASP C 774 5.66 7.44 -28.21
CA ASP C 774 4.94 7.93 -27.04
C ASP C 774 3.78 6.98 -26.74
N ALA C 775 3.81 6.37 -25.55
CA ALA C 775 2.70 5.52 -25.13
C ALA C 775 1.38 6.28 -25.09
N GLU C 776 1.43 7.60 -24.91
CA GLU C 776 0.21 8.39 -24.91
C GLU C 776 -0.57 8.27 -26.21
N VAL C 777 0.10 7.95 -27.32
CA VAL C 777 -0.61 7.71 -28.57
C VAL C 777 -1.60 6.56 -28.39
N LEU C 778 -1.15 5.47 -27.78
CA LEU C 778 -2.05 4.35 -27.53
C LEU C 778 -3.21 4.78 -26.65
N ASN C 779 -2.92 5.50 -25.56
CA ASN C 779 -3.98 5.98 -24.66
C ASN C 779 -4.98 6.85 -25.42
N CYS C 780 -4.48 7.81 -26.20
CA CYS C 780 -5.37 8.66 -26.98
C CYS C 780 -6.23 7.83 -27.93
N MET C 781 -5.64 6.84 -28.59
CA MET C 781 -6.41 6.00 -29.51
C MET C 781 -7.46 5.19 -28.77
N THR C 782 -7.14 4.70 -27.57
CA THR C 782 -8.13 3.97 -26.78
C THR C 782 -9.39 4.81 -26.58
N THR C 783 -9.21 6.10 -26.29
CA THR C 783 -10.36 6.96 -26.06
C THR C 783 -11.15 7.17 -27.35
N VAL C 784 -10.46 7.33 -28.48
CA VAL C 784 -11.15 7.47 -29.75
C VAL C 784 -12.03 6.25 -30.01
N VAL C 785 -11.46 5.06 -29.89
CA VAL C 785 -12.23 3.84 -30.15
C VAL C 785 -13.40 3.74 -29.17
N GLU C 786 -13.17 4.07 -27.90
CA GLU C 786 -14.21 3.94 -26.90
C GLU C 786 -15.49 4.68 -27.31
N LYS C 787 -15.35 5.92 -27.77
CA LYS C 787 -16.51 6.79 -27.94
C LYS C 787 -17.02 6.87 -29.36
N VAL C 788 -16.19 6.64 -30.38
CA VAL C 788 -16.66 6.70 -31.75
C VAL C 788 -16.17 5.49 -32.54
N GLY C 789 -15.66 4.48 -31.84
CA GLY C 789 -15.15 3.30 -32.53
C GLY C 789 -16.18 2.67 -33.45
N HIS C 790 -17.43 2.58 -32.98
CA HIS C 790 -18.49 1.97 -33.77
C HIS C 790 -18.80 2.76 -35.05
N MET C 791 -18.26 3.96 -35.21
CA MET C 791 -18.55 4.79 -36.37
C MET C 791 -17.42 4.88 -37.37
N ILE C 792 -16.24 4.34 -37.06
CA ILE C 792 -15.07 4.47 -37.93
C ILE C 792 -14.38 3.13 -38.08
N PRO C 793 -15.07 2.08 -38.56
CA PRO C 793 -14.42 0.76 -38.67
C PRO C 793 -13.13 0.79 -39.45
N GLN C 794 -13.08 1.52 -40.57
CA GLN C 794 -11.84 1.65 -41.31
C GLN C 794 -10.78 2.37 -40.50
N GLY C 795 -11.19 3.28 -39.61
CA GLY C 795 -10.24 3.95 -38.75
C GLY C 795 -9.63 3.02 -37.72
N VAL C 796 -10.45 2.15 -37.12
CA VAL C 796 -9.93 1.17 -36.16
C VAL C 796 -8.91 0.27 -36.84
N ILE C 797 -9.23 -0.20 -38.06
CA ILE C 797 -8.28 -1.02 -38.80
C ILE C 797 -6.96 -0.29 -38.97
N LEU C 798 -7.03 1.00 -39.32
CA LEU C 798 -5.81 1.78 -39.49
C LEU C 798 -5.02 1.86 -38.20
N ILE C 799 -5.72 1.94 -37.06
CA ILE C 799 -5.05 2.01 -35.76
C ILE C 799 -4.29 0.73 -35.50
N LEU C 800 -4.94 -0.42 -35.69
CA LEU C 800 -4.27 -1.70 -35.45
C LEU C 800 -3.03 -1.83 -36.33
N GLN C 801 -3.16 -1.54 -37.61
CA GLN C 801 -2.04 -1.69 -38.54
C GLN C 801 -0.84 -0.89 -38.07
N SER C 802 -1.07 0.31 -37.52
CA SER C 802 0.02 1.22 -37.23
C SER C 802 0.67 0.95 -35.88
N VAL C 803 -0.04 0.37 -34.92
CA VAL C 803 0.48 0.21 -33.57
C VAL C 803 0.55 -1.24 -33.10
N PHE C 804 -0.19 -2.17 -33.71
CA PHE C 804 -0.31 -3.51 -33.13
C PHE C 804 1.02 -4.24 -33.16
N GLU C 805 1.52 -4.55 -34.36
CA GLU C 805 2.71 -5.40 -34.46
C GLU C 805 3.94 -4.73 -33.86
N CYS C 806 4.13 -3.43 -34.12
CA CYS C 806 5.34 -2.78 -33.65
C CYS C 806 5.34 -2.63 -32.13
N THR C 807 4.18 -2.39 -31.53
CA THR C 807 4.13 -2.32 -30.07
C THR C 807 4.30 -3.70 -29.45
N LEU C 808 3.67 -4.72 -30.03
CA LEU C 808 3.82 -6.07 -29.50
C LEU C 808 5.28 -6.50 -29.48
N ASP C 809 6.04 -6.16 -30.53
CA ASP C 809 7.45 -6.51 -30.56
C ASP C 809 8.25 -5.76 -29.52
N MET C 810 7.75 -4.63 -29.02
CA MET C 810 8.44 -3.91 -27.95
C MET C 810 8.32 -4.63 -26.61
N ILE C 811 7.24 -5.38 -26.40
CA ILE C 811 6.86 -5.84 -25.07
C ILE C 811 6.82 -7.36 -24.94
N ASN C 812 7.12 -8.11 -26.00
CA ASN C 812 7.01 -9.56 -25.94
C ASN C 812 8.37 -10.25 -25.76
N LYS C 813 9.37 -9.53 -25.25
CA LYS C 813 10.67 -10.12 -24.94
C LYS C 813 10.89 -10.31 -23.46
N ASP C 814 10.34 -9.43 -22.62
CA ASP C 814 10.37 -9.59 -21.18
C ASP C 814 9.12 -8.94 -20.61
N PHE C 815 9.02 -8.92 -19.27
CA PHE C 815 7.89 -8.31 -18.59
C PHE C 815 8.21 -6.93 -18.03
N THR C 816 9.41 -6.40 -18.29
CA THR C 816 9.88 -5.18 -17.64
C THR C 816 9.89 -3.98 -18.57
N GLU C 817 10.45 -4.11 -19.78
CA GLU C 817 10.67 -2.96 -20.63
C GLU C 817 9.35 -2.34 -21.09
N TYR C 818 9.38 -1.03 -21.28
CA TYR C 818 8.25 -0.27 -21.80
C TYR C 818 6.97 -0.55 -21.00
N PRO C 819 6.98 -0.30 -19.69
CA PRO C 819 5.79 -0.59 -18.89
C PRO C 819 4.57 0.23 -19.28
N GLU C 820 4.76 1.49 -19.66
CA GLU C 820 3.63 2.32 -20.06
C GLU C 820 2.99 1.78 -21.34
N HIS C 821 3.81 1.53 -22.37
CA HIS C 821 3.29 0.94 -23.59
C HIS C 821 2.60 -0.38 -23.32
N ARG C 822 3.14 -1.15 -22.39
CA ARG C 822 2.55 -2.44 -22.03
C ARG C 822 1.10 -2.28 -21.57
N VAL C 823 0.86 -1.37 -20.62
CA VAL C 823 -0.47 -1.21 -20.05
C VAL C 823 -1.43 -0.64 -21.10
N GLU C 824 -1.01 0.40 -21.81
CA GLU C 824 -1.89 1.02 -22.79
C GLU C 824 -2.18 0.09 -23.95
N PHE C 825 -1.20 -0.75 -24.32
CA PHE C 825 -1.40 -1.71 -25.40
C PHE C 825 -2.62 -2.58 -25.16
N TYR C 826 -2.73 -3.15 -23.95
CA TYR C 826 -3.80 -4.09 -23.70
C TYR C 826 -5.12 -3.38 -23.38
N LYS C 827 -5.06 -2.15 -22.87
CA LYS C 827 -6.27 -1.34 -22.79
C LYS C 827 -6.82 -1.07 -24.18
N LEU C 828 -5.95 -0.78 -25.14
CA LEU C 828 -6.40 -0.50 -26.51
C LEU C 828 -7.01 -1.75 -27.15
N LEU C 829 -6.33 -2.88 -27.05
CA LEU C 829 -6.88 -4.12 -27.60
C LEU C 829 -8.21 -4.46 -26.96
N LYS C 830 -8.34 -4.19 -25.65
CA LYS C 830 -9.59 -4.49 -24.96
C LYS C 830 -10.75 -3.72 -25.57
N VAL C 831 -10.59 -2.40 -25.75
CA VAL C 831 -11.70 -1.60 -26.23
C VAL C 831 -12.02 -1.93 -27.69
N ILE C 832 -11.00 -2.22 -28.50
CA ILE C 832 -11.25 -2.63 -29.88
C ILE C 832 -12.02 -3.95 -29.91
N ASN C 833 -11.66 -4.87 -29.01
CA ASN C 833 -12.35 -6.15 -28.94
C ASN C 833 -13.81 -5.96 -28.52
N GLU C 834 -14.12 -4.90 -27.79
CA GLU C 834 -15.47 -4.62 -27.34
C GLU C 834 -16.28 -3.85 -28.37
N LYS C 835 -15.69 -2.83 -29.00
CA LYS C 835 -16.43 -1.87 -29.80
C LYS C 835 -16.33 -2.12 -31.30
N SER C 836 -15.23 -2.70 -31.78
CA SER C 836 -15.01 -2.90 -33.21
CA SER C 836 -15.01 -2.89 -33.21
C SER C 836 -14.33 -4.25 -33.43
N PHE C 837 -14.98 -5.31 -32.96
CA PHE C 837 -14.41 -6.65 -33.12
C PHE C 837 -14.13 -6.97 -34.58
N ALA C 838 -14.87 -6.36 -35.51
CA ALA C 838 -14.66 -6.63 -36.92
C ALA C 838 -13.24 -6.32 -37.36
N ALA C 839 -12.58 -5.38 -36.68
CA ALA C 839 -11.20 -5.05 -37.04
C ALA C 839 -10.28 -6.25 -36.92
N PHE C 840 -10.55 -7.15 -35.96
CA PHE C 840 -9.74 -8.35 -35.82
C PHE C 840 -10.09 -9.40 -36.87
N LEU C 841 -11.33 -9.41 -37.35
CA LEU C 841 -11.70 -10.34 -38.42
C LEU C 841 -11.03 -9.98 -39.75
N GLU C 842 -10.63 -8.72 -39.93
CA GLU C 842 -9.93 -8.33 -41.14
C GLU C 842 -8.43 -8.59 -41.06
N LEU C 843 -7.90 -8.89 -39.87
CA LEU C 843 -6.49 -9.21 -39.77
C LEU C 843 -6.16 -10.43 -40.61
N PRO C 844 -5.02 -10.47 -41.28
CA PRO C 844 -4.60 -11.70 -41.93
C PRO C 844 -4.34 -12.77 -40.89
N PRO C 845 -4.45 -14.04 -41.27
CA PRO C 845 -4.33 -15.12 -40.27
C PRO C 845 -3.06 -15.06 -39.45
N ALA C 846 -1.95 -14.60 -40.04
CA ALA C 846 -0.70 -14.52 -39.29
C ALA C 846 -0.80 -13.46 -38.19
N ALA C 847 -1.47 -12.34 -38.47
CA ALA C 847 -1.62 -11.29 -37.45
C ALA C 847 -2.64 -11.68 -36.40
N PHE C 848 -3.70 -12.39 -36.77
CA PHE C 848 -4.65 -12.88 -35.78
C PHE C 848 -4.00 -13.87 -34.84
N LYS C 849 -3.02 -14.64 -35.34
CA LYS C 849 -2.27 -15.54 -34.47
C LYS C 849 -1.44 -14.76 -33.46
N LEU C 850 -0.89 -13.61 -33.86
CA LEU C 850 -0.17 -12.76 -32.91
C LEU C 850 -1.13 -12.15 -31.90
N PHE C 851 -2.35 -11.83 -32.32
CA PHE C 851 -3.36 -11.36 -31.39
C PHE C 851 -3.59 -12.38 -30.28
N VAL C 852 -3.75 -13.65 -30.65
CA VAL C 852 -3.91 -14.70 -29.65
C VAL C 852 -2.66 -14.83 -28.80
N ASP C 853 -1.48 -14.80 -29.43
CA ASP C 853 -0.23 -14.89 -28.67
C ASP C 853 -0.14 -13.74 -27.67
N ALA C 854 -0.59 -12.55 -28.05
CA ALA C 854 -0.49 -11.40 -27.17
C ALA C 854 -1.40 -11.56 -25.96
N ILE C 855 -2.60 -12.11 -26.15
CA ILE C 855 -3.52 -12.30 -25.03
C ILE C 855 -2.92 -13.26 -24.02
N CYS C 856 -2.49 -14.44 -24.47
CA CYS C 856 -1.86 -15.39 -23.57
C CYS C 856 -0.63 -14.78 -22.91
N TRP C 857 0.16 -14.02 -23.66
CA TRP C 857 1.28 -13.31 -23.08
C TRP C 857 0.84 -12.45 -21.90
N ALA C 858 -0.34 -11.83 -22.00
CA ALA C 858 -0.85 -11.04 -20.89
C ALA C 858 -1.18 -11.90 -19.68
N PHE C 859 -1.66 -13.14 -19.88
CA PHE C 859 -1.93 -14.03 -18.76
C PHE C 859 -0.73 -14.13 -17.83
N LYS C 860 0.46 -14.18 -18.41
CA LYS C 860 1.67 -14.52 -17.66
C LYS C 860 2.26 -13.33 -16.92
N HIS C 861 1.67 -12.14 -17.02
CA HIS C 861 2.15 -10.99 -16.27
C HIS C 861 1.66 -11.05 -14.83
N ASN C 862 2.53 -10.66 -13.90
CA ASN C 862 2.10 -10.41 -12.54
C ASN C 862 1.57 -8.99 -12.37
N ASN C 863 1.96 -8.09 -13.26
CA ASN C 863 1.42 -6.73 -13.28
C ASN C 863 -0.10 -6.80 -13.43
N ARG C 864 -0.81 -6.45 -12.36
CA ARG C 864 -2.27 -6.56 -12.37
C ARG C 864 -2.89 -5.83 -13.55
N ASP C 865 -2.35 -4.66 -13.89
CA ASP C 865 -2.90 -3.89 -15.00
C ASP C 865 -2.96 -4.73 -16.28
N VAL C 866 -1.90 -5.49 -16.55
CA VAL C 866 -1.84 -6.28 -17.77
C VAL C 866 -2.62 -7.58 -17.60
N GLU C 867 -2.42 -8.27 -16.48
CA GLU C 867 -3.05 -9.57 -16.26
C GLU C 867 -4.57 -9.46 -16.37
N VAL C 868 -5.16 -8.48 -15.69
CA VAL C 868 -6.62 -8.38 -15.65
C VAL C 868 -7.18 -8.15 -17.05
N ASN C 869 -6.54 -7.27 -17.83
CA ASN C 869 -7.04 -7.00 -19.17
C ASN C 869 -6.85 -8.21 -20.09
N GLY C 870 -5.72 -8.91 -19.96
CA GLY C 870 -5.52 -10.09 -20.77
C GLY C 870 -6.61 -11.13 -20.58
N LEU C 871 -7.01 -11.36 -19.33
CA LEU C 871 -8.06 -12.33 -19.06
C LEU C 871 -9.42 -11.83 -19.55
N GLN C 872 -9.67 -10.54 -19.45
CA GLN C 872 -10.95 -9.99 -19.92
C GLN C 872 -11.03 -10.03 -21.43
N ILE C 873 -9.91 -9.76 -22.12
CA ILE C 873 -9.90 -9.84 -23.57
C ILE C 873 -10.20 -11.26 -24.02
N ALA C 874 -9.53 -12.24 -23.41
CA ALA C 874 -9.78 -13.64 -23.75
C ALA C 874 -11.25 -13.98 -23.56
N LEU C 875 -11.83 -13.53 -22.44
CA LEU C 875 -13.24 -13.81 -22.17
C LEU C 875 -14.14 -13.15 -23.21
N ASP C 876 -13.96 -11.84 -23.43
CA ASP C 876 -14.75 -11.15 -24.43
C ASP C 876 -14.52 -11.70 -25.83
N LEU C 877 -13.29 -12.16 -26.12
CA LEU C 877 -13.01 -12.74 -27.43
C LEU C 877 -13.80 -14.02 -27.65
N VAL C 878 -13.84 -14.90 -26.65
CA VAL C 878 -14.66 -16.11 -26.76
C VAL C 878 -16.11 -15.74 -26.98
N LYS C 879 -16.62 -14.76 -26.24
CA LYS C 879 -17.99 -14.32 -26.44
C LYS C 879 -18.20 -13.81 -27.85
N ASN C 880 -17.27 -12.99 -28.36
CA ASN C 880 -17.39 -12.48 -29.73
C ASN C 880 -17.48 -13.63 -30.73
N ILE C 881 -16.61 -14.63 -30.60
CA ILE C 881 -16.64 -15.77 -31.51
C ILE C 881 -17.96 -16.53 -31.37
N GLU C 882 -18.42 -16.72 -30.13
CA GLU C 882 -19.67 -17.43 -29.91
C GLU C 882 -20.84 -16.73 -30.60
N ARG C 883 -20.87 -15.39 -30.55
CA ARG C 883 -21.95 -14.63 -31.17
C ARG C 883 -22.03 -14.87 -32.66
N MET C 884 -20.93 -15.28 -33.30
CA MET C 884 -20.91 -15.42 -34.76
C MET C 884 -21.72 -16.62 -35.23
N GLY C 885 -22.00 -17.58 -34.36
CA GLY C 885 -22.74 -18.76 -34.76
C GLY C 885 -21.86 -19.77 -35.47
N ASN C 886 -22.52 -20.67 -36.20
CA ASN C 886 -21.83 -21.74 -36.92
C ASN C 886 -21.42 -21.22 -38.30
N VAL C 887 -20.32 -20.48 -38.33
CA VAL C 887 -19.78 -19.96 -39.57
C VAL C 887 -18.30 -20.32 -39.63
N PRO C 888 -17.70 -20.26 -40.83
CA PRO C 888 -16.31 -20.76 -40.98
C PRO C 888 -15.32 -20.12 -40.03
N PHE C 889 -15.37 -18.80 -39.83
CA PHE C 889 -14.35 -18.15 -39.00
C PHE C 889 -14.42 -18.67 -37.56
N ALA C 890 -15.62 -18.87 -37.02
CA ALA C 890 -15.75 -19.40 -35.68
C ALA C 890 -15.28 -20.84 -35.61
N ASN C 891 -15.70 -21.67 -36.56
CA ASN C 891 -15.23 -23.05 -36.61
C ASN C 891 -13.71 -23.10 -36.67
N GLU C 892 -13.11 -22.29 -37.54
CA GLU C 892 -11.66 -22.28 -37.67
C GLU C 892 -10.97 -21.77 -36.41
N PHE C 893 -11.62 -20.85 -35.69
CA PHE C 893 -11.03 -20.32 -34.46
C PHE C 893 -10.89 -21.42 -33.41
N HIS C 894 -11.94 -22.23 -33.24
CA HIS C 894 -11.88 -23.31 -32.25
C HIS C 894 -10.84 -24.35 -32.64
N LYS C 895 -10.80 -24.75 -33.91
CA LYS C 895 -9.80 -25.70 -34.35
C LYS C 895 -8.39 -25.20 -34.04
N ASN C 896 -8.17 -23.90 -34.18
CA ASN C 896 -6.82 -23.33 -34.07
C ASN C 896 -6.44 -22.97 -32.64
N TYR C 897 -7.38 -22.45 -31.84
CA TYR C 897 -7.01 -21.76 -30.61
C TYR C 897 -7.78 -22.19 -29.37
N PHE C 898 -8.77 -23.07 -29.49
CA PHE C 898 -9.53 -23.48 -28.31
C PHE C 898 -8.62 -24.13 -27.27
N PHE C 899 -7.91 -25.19 -27.65
CA PHE C 899 -7.07 -25.89 -26.70
C PHE C 899 -5.84 -25.06 -26.29
N ILE C 900 -5.48 -24.06 -27.09
CA ILE C 900 -4.44 -23.13 -26.66
C ILE C 900 -4.91 -22.32 -25.47
N PHE C 901 -6.16 -21.83 -25.51
CA PHE C 901 -6.68 -21.05 -24.40
C PHE C 901 -6.95 -21.91 -23.18
N VAL C 902 -7.41 -23.16 -23.40
CA VAL C 902 -7.66 -24.06 -22.28
C VAL C 902 -6.36 -24.34 -21.53
N SER C 903 -5.30 -24.69 -22.26
CA SER C 903 -4.06 -25.09 -21.61
C SER C 903 -3.28 -23.90 -21.08
N GLU C 904 -3.37 -22.74 -21.74
CA GLU C 904 -2.71 -21.55 -21.21
C GLU C 904 -3.41 -21.06 -19.95
N THR C 905 -4.74 -21.13 -19.92
CA THR C 905 -5.47 -20.79 -18.70
C THR C 905 -5.13 -21.76 -17.58
N PHE C 906 -5.10 -23.05 -17.88
CA PHE C 906 -4.73 -24.04 -16.87
C PHE C 906 -3.31 -23.82 -16.37
N PHE C 907 -2.42 -23.35 -17.25
CA PHE C 907 -1.02 -23.19 -16.85
C PHE C 907 -0.88 -22.13 -15.76
N VAL C 908 -1.43 -20.94 -15.97
CA VAL C 908 -1.30 -19.90 -14.96
C VAL C 908 -2.15 -20.21 -13.74
N LEU C 909 -3.19 -21.02 -13.91
CA LEU C 909 -4.03 -21.41 -12.79
C LEU C 909 -3.29 -22.32 -11.82
N THR C 910 -2.33 -23.11 -12.30
CA THR C 910 -1.70 -24.16 -11.51
C THR C 910 -0.23 -23.91 -11.20
N ASP C 911 0.37 -22.81 -11.66
CA ASP C 911 1.80 -22.62 -11.54
C ASP C 911 2.22 -21.85 -10.29
N SER C 912 1.26 -21.37 -9.49
CA SER C 912 1.52 -20.74 -8.20
C SER C 912 2.17 -19.36 -8.31
N ASP C 913 2.32 -18.81 -9.52
CA ASP C 913 2.88 -17.49 -9.70
C ASP C 913 1.86 -16.46 -10.18
N HIS C 914 0.60 -16.84 -10.35
CA HIS C 914 -0.46 -15.93 -10.78
C HIS C 914 -1.70 -16.11 -9.93
N LYS C 915 -1.51 -16.15 -8.61
CA LYS C 915 -2.63 -16.37 -7.71
C LYS C 915 -3.58 -15.18 -7.68
N SER C 916 -3.09 -13.98 -8.01
CA SER C 916 -3.95 -12.80 -7.98
C SER C 916 -5.06 -12.84 -9.01
N GLY C 917 -4.97 -13.71 -10.02
CA GLY C 917 -5.97 -13.77 -11.06
C GLY C 917 -6.81 -15.05 -11.05
N PHE C 918 -6.82 -15.74 -9.91
CA PHE C 918 -7.53 -17.02 -9.83
C PHE C 918 -8.99 -16.88 -10.29
N SER C 919 -9.70 -15.86 -9.79
CA SER C 919 -11.12 -15.75 -10.06
C SER C 919 -11.40 -15.58 -11.55
N LYS C 920 -10.65 -14.69 -12.21
CA LYS C 920 -10.87 -14.48 -13.64
C LYS C 920 -10.35 -15.65 -14.47
N GLN C 921 -9.29 -16.31 -14.01
CA GLN C 921 -8.84 -17.53 -14.67
C GLN C 921 -9.91 -18.62 -14.57
N ALA C 922 -10.53 -18.75 -13.39
CA ALA C 922 -11.56 -19.77 -13.21
C ALA C 922 -12.76 -19.47 -14.09
N LEU C 923 -13.17 -18.20 -14.16
CA LEU C 923 -14.31 -17.83 -15.00
C LEU C 923 -14.04 -18.14 -16.47
N LEU C 924 -12.85 -17.79 -16.96
CA LEU C 924 -12.51 -18.08 -18.34
C LEU C 924 -12.49 -19.58 -18.60
N LEU C 925 -11.94 -20.35 -17.67
CA LEU C 925 -11.91 -21.80 -17.85
C LEU C 925 -13.31 -22.37 -17.86
N MET C 926 -14.19 -21.89 -16.97
CA MET C 926 -15.55 -22.39 -16.94
C MET C 926 -16.27 -22.10 -18.25
N LYS C 927 -16.02 -20.93 -18.84
CA LYS C 927 -16.61 -20.59 -20.12
C LYS C 927 -16.15 -21.55 -21.20
N LEU C 928 -14.84 -21.80 -21.27
CA LEU C 928 -14.30 -22.69 -22.30
C LEU C 928 -14.90 -24.08 -22.18
N ILE C 929 -14.97 -24.63 -20.96
CA ILE C 929 -15.51 -25.97 -20.78
C ILE C 929 -17.01 -25.98 -21.09
N SER C 930 -17.73 -24.94 -20.68
CA SER C 930 -19.17 -24.92 -20.90
C SER C 930 -19.52 -24.93 -22.38
N LEU C 931 -18.66 -24.38 -23.22
CA LEU C 931 -18.92 -24.38 -24.67
C LEU C 931 -19.04 -25.81 -25.19
N VAL C 932 -18.18 -26.71 -24.73
CA VAL C 932 -18.17 -28.06 -25.26
C VAL C 932 -19.36 -28.85 -24.72
N TYR C 933 -19.64 -28.72 -23.42
CA TYR C 933 -20.76 -29.45 -22.82
C TYR C 933 -22.10 -28.74 -23.03
N ASP C 934 -22.13 -27.71 -23.87
CA ASP C 934 -23.37 -27.16 -24.40
C ASP C 934 -23.45 -27.33 -25.91
N ASN C 935 -22.50 -28.05 -26.51
CA ASN C 935 -22.47 -28.28 -27.96
C ASN C 935 -22.59 -26.97 -28.72
N LYS C 936 -21.82 -25.98 -28.28
CA LYS C 936 -21.71 -24.71 -29.01
C LYS C 936 -20.64 -24.74 -30.08
N ILE C 937 -19.72 -25.71 -30.03
CA ILE C 937 -18.68 -25.86 -31.03
C ILE C 937 -19.17 -26.91 -32.02
N SER C 938 -19.50 -26.45 -33.23
CA SER C 938 -20.17 -27.31 -34.21
C SER C 938 -19.22 -28.32 -34.84
N VAL C 939 -17.94 -27.98 -34.99
CA VAL C 939 -16.99 -28.86 -35.65
C VAL C 939 -16.24 -29.68 -34.60
N PRO C 940 -15.69 -30.83 -34.96
CA PRO C 940 -14.85 -31.56 -34.00
C PRO C 940 -13.53 -30.84 -33.74
N LEU C 941 -13.14 -30.81 -32.47
CA LEU C 941 -11.88 -30.18 -32.07
C LEU C 941 -10.67 -31.06 -32.32
N TYR C 942 -10.87 -32.27 -32.84
CA TYR C 942 -9.80 -33.23 -33.06
C TYR C 942 -9.60 -33.44 -34.55
N GLN C 943 -8.46 -34.05 -34.89
CA GLN C 943 -8.18 -34.48 -36.25
C GLN C 943 -8.73 -35.88 -36.44
N GLU C 944 -9.44 -36.10 -37.55
CA GLU C 944 -10.27 -37.29 -37.71
C GLU C 944 -9.46 -38.58 -37.57
N ALA C 945 -8.15 -38.54 -37.80
CA ALA C 945 -7.31 -39.71 -37.58
C ALA C 945 -6.88 -39.87 -36.12
N GLU C 946 -7.16 -38.87 -35.27
CA GLU C 946 -6.70 -38.92 -33.89
C GLU C 946 -7.63 -39.75 -33.01
N VAL C 947 -8.94 -39.69 -33.26
CA VAL C 947 -9.91 -40.49 -32.52
C VAL C 947 -10.99 -40.97 -33.48
N PRO C 948 -11.66 -42.06 -33.14
CA PRO C 948 -12.71 -42.58 -34.04
C PRO C 948 -13.75 -41.51 -34.34
N GLN C 949 -14.22 -41.50 -35.58
CA GLN C 949 -15.24 -40.54 -35.99
C GLN C 949 -16.51 -40.75 -35.17
N GLY C 950 -17.27 -39.67 -35.00
CA GLY C 950 -18.44 -39.68 -34.15
C GLY C 950 -18.15 -39.38 -32.70
N THR C 951 -16.89 -39.45 -32.27
CA THR C 951 -16.54 -39.08 -30.91
C THR C 951 -16.96 -37.64 -30.64
N SER C 952 -17.66 -37.44 -29.52
CA SER C 952 -18.10 -36.10 -29.17
C SER C 952 -16.92 -35.26 -28.67
N ASN C 953 -17.08 -33.94 -28.77
CA ASN C 953 -16.07 -33.04 -28.21
C ASN C 953 -15.97 -33.20 -26.70
N GLN C 954 -17.06 -33.58 -26.03
CA GLN C 954 -17.01 -33.88 -24.61
C GLN C 954 -15.98 -34.96 -24.32
N VAL C 955 -16.12 -36.12 -24.96
CA VAL C 955 -15.17 -37.21 -24.76
C VAL C 955 -13.76 -36.73 -25.07
N TYR C 956 -13.60 -36.03 -26.19
CA TYR C 956 -12.25 -35.62 -26.59
C TYR C 956 -11.67 -34.60 -25.61
N LEU C 957 -12.47 -33.62 -25.18
CA LEU C 957 -11.98 -32.64 -24.23
C LEU C 957 -11.49 -33.30 -22.95
N SER C 958 -12.27 -34.24 -22.42
CA SER C 958 -11.85 -34.96 -21.22
C SER C 958 -10.59 -35.78 -21.48
N GLN C 959 -10.44 -36.29 -22.70
CA GLN C 959 -9.26 -37.07 -23.06
C GLN C 959 -8.04 -36.17 -23.20
N TYR C 960 -8.20 -35.02 -23.84
CA TYR C 960 -7.10 -34.07 -23.97
C TYR C 960 -6.62 -33.60 -22.61
N LEU C 961 -7.55 -33.22 -21.74
CA LEU C 961 -7.17 -32.68 -20.43
C LEU C 961 -6.49 -33.74 -19.57
N ALA C 962 -6.98 -34.98 -19.61
CA ALA C 962 -6.35 -36.05 -18.84
C ALA C 962 -4.89 -36.20 -19.25
N ASN C 963 -4.62 -36.21 -20.56
CA ASN C 963 -3.25 -36.32 -21.03
C ASN C 963 -2.43 -35.10 -20.64
N MET C 964 -3.02 -33.91 -20.75
CA MET C 964 -2.30 -32.68 -20.41
C MET C 964 -1.88 -32.68 -18.96
N LEU C 965 -2.80 -33.02 -18.05
CA LEU C 965 -2.49 -33.00 -16.63
C LEU C 965 -1.58 -34.16 -16.24
N SER C 966 -1.71 -35.30 -16.91
CA SER C 966 -0.83 -36.43 -16.60
C SER C 966 0.62 -36.10 -16.89
N ASN C 967 0.87 -35.37 -17.98
CA ASN C 967 2.24 -34.99 -18.32
C ASN C 967 2.73 -33.80 -17.50
N ALA C 968 1.84 -32.87 -17.16
CA ALA C 968 2.24 -31.69 -16.39
C ALA C 968 2.39 -32.01 -14.91
N PHE C 969 1.62 -32.96 -14.39
CA PHE C 969 1.66 -33.35 -12.99
C PHE C 969 1.74 -34.86 -12.91
N PRO C 970 2.92 -35.43 -13.21
CA PRO C 970 3.01 -36.90 -13.34
C PRO C 970 2.89 -37.64 -12.02
N HIS C 971 3.01 -36.96 -10.87
CA HIS C 971 2.87 -37.64 -9.59
C HIS C 971 1.42 -37.87 -9.20
N LEU C 972 0.47 -37.35 -9.97
CA LEU C 972 -0.93 -37.63 -9.74
C LEU C 972 -1.31 -38.98 -10.35
N THR C 973 -2.21 -39.69 -9.68
CA THR C 973 -2.74 -40.91 -10.24
C THR C 973 -3.78 -40.59 -11.30
N SER C 974 -3.92 -41.51 -12.26
CA SER C 974 -4.96 -41.35 -13.27
C SER C 974 -6.33 -41.20 -12.63
N GLU C 975 -6.54 -41.84 -11.48
CA GLU C 975 -7.82 -41.75 -10.79
C GLU C 975 -8.07 -40.34 -10.26
N GLN C 976 -7.05 -39.71 -9.66
CA GLN C 976 -7.18 -38.32 -9.26
C GLN C 976 -7.59 -37.44 -10.44
N ILE C 977 -6.82 -37.51 -11.52
CA ILE C 977 -7.10 -36.70 -12.70
C ILE C 977 -8.51 -36.95 -13.21
N ALA C 978 -8.90 -38.23 -13.29
CA ALA C 978 -10.21 -38.57 -13.83
C ALA C 978 -11.33 -38.01 -12.96
N SER C 979 -11.19 -38.12 -11.63
CA SER C 979 -12.22 -37.61 -10.74
C SER C 979 -12.28 -36.08 -10.78
N PHE C 980 -11.11 -35.43 -10.79
CA PHE C 980 -11.07 -33.98 -10.85
C PHE C 980 -11.78 -33.46 -12.09
N LEU C 981 -11.56 -34.09 -13.25
CA LEU C 981 -12.17 -33.61 -14.48
C LEU C 981 -13.66 -33.92 -14.53
N SER C 982 -14.07 -35.08 -14.02
CA SER C 982 -15.49 -35.40 -13.98
CA SER C 982 -15.49 -35.40 -13.98
C SER C 982 -16.25 -34.41 -13.12
N ALA C 983 -15.67 -34.00 -11.99
CA ALA C 983 -16.32 -33.01 -11.14
C ALA C 983 -16.27 -31.63 -11.78
N LEU C 984 -15.12 -31.24 -12.31
CA LEU C 984 -14.98 -29.93 -12.93
C LEU C 984 -15.94 -29.77 -14.10
N THR C 985 -16.09 -30.83 -14.90
CA THR C 985 -17.00 -30.80 -16.04
C THR C 985 -18.45 -30.65 -15.58
N LYS C 986 -18.87 -31.51 -14.65
CA LYS C 986 -20.25 -31.46 -14.15
C LYS C 986 -20.59 -30.13 -13.50
N GLN C 987 -19.59 -29.37 -13.06
CA GLN C 987 -19.81 -28.17 -12.26
C GLN C 987 -19.56 -26.89 -13.06
N CYS C 988 -19.48 -26.97 -14.38
CA CYS C 988 -19.14 -25.81 -15.19
C CYS C 988 -20.30 -24.82 -15.33
N LYS C 989 -21.37 -24.99 -14.57
CA LYS C 989 -22.45 -24.02 -14.50
C LYS C 989 -22.56 -23.35 -13.14
N ASP C 990 -21.70 -23.74 -12.18
CA ASP C 990 -21.76 -23.26 -10.80
C ASP C 990 -20.37 -22.73 -10.45
N LEU C 991 -20.18 -21.43 -10.62
CA LEU C 991 -18.84 -20.86 -10.51
C LEU C 991 -18.24 -21.07 -9.12
N VAL C 992 -19.06 -20.92 -8.08
CA VAL C 992 -18.54 -21.05 -6.72
C VAL C 992 -18.08 -22.48 -6.47
N VAL C 993 -18.86 -23.47 -6.91
CA VAL C 993 -18.45 -24.87 -6.75
C VAL C 993 -17.28 -25.17 -7.65
N PHE C 994 -17.36 -24.73 -8.91
CA PHE C 994 -16.25 -24.87 -9.85
C PHE C 994 -14.94 -24.39 -9.25
N LYS C 995 -14.97 -23.21 -8.63
CA LYS C 995 -13.77 -22.65 -8.02
C LYS C 995 -13.30 -23.51 -6.85
N GLY C 996 -14.23 -24.07 -6.09
CA GLY C 996 -13.85 -24.96 -5.00
C GLY C 996 -13.10 -26.18 -5.50
N THR C 997 -13.55 -26.75 -6.63
CA THR C 997 -12.89 -27.93 -7.17
C THR C 997 -11.49 -27.60 -7.69
N LEU C 998 -11.33 -26.41 -8.30
CA LEU C 998 -10.00 -25.99 -8.71
C LEU C 998 -9.08 -25.81 -7.51
N ARG C 999 -9.58 -25.19 -6.44
N ARG C 999 -9.58 -25.23 -6.42
CA ARG C 999 -8.79 -25.04 -5.22
CA ARG C 999 -8.73 -25.03 -5.24
C ARG C 999 -8.38 -26.40 -4.67
C ARG C 999 -8.41 -26.37 -4.57
N ASP C 1000 -9.32 -27.34 -4.64
CA ASP C 1000 -9.00 -28.68 -4.16
C ASP C 1000 -7.89 -29.30 -5.00
N PHE C 1001 -7.95 -29.07 -6.32
CA PHE C 1001 -6.90 -29.58 -7.20
C PHE C 1001 -5.55 -28.90 -6.92
N LEU C 1002 -5.57 -27.61 -6.60
CA LEU C 1002 -4.33 -26.92 -6.29
C LEU C 1002 -3.70 -27.43 -4.99
N VAL C 1003 -4.52 -27.93 -4.07
CA VAL C 1003 -3.98 -28.55 -2.86
C VAL C 1003 -3.36 -29.91 -3.20
N GLN C 1004 -4.07 -30.71 -4.00
CA GLN C 1004 -3.64 -32.08 -4.22
C GLN C 1004 -2.35 -32.14 -5.03
N ILE C 1005 -2.12 -31.20 -5.94
CA ILE C 1005 -0.90 -31.23 -6.74
C ILE C 1005 0.34 -30.90 -5.91
N LYS C 1006 0.17 -30.38 -4.70
CA LYS C 1006 1.30 -30.07 -3.84
C LYS C 1006 1.78 -31.26 -3.01
N GLU C 1007 1.06 -32.38 -3.05
CA GLU C 1007 1.42 -33.56 -2.29
C GLU C 1007 1.29 -34.79 -3.19
N VAL C 1008 1.54 -35.95 -2.60
CA VAL C 1008 1.41 -37.23 -3.28
C VAL C 1008 0.30 -38.01 -2.58
N GLY C 1009 -0.49 -38.74 -3.38
CA GLY C 1009 -1.50 -39.60 -2.82
C GLY C 1009 -2.77 -38.90 -2.39
N GLY C 1010 -3.13 -37.80 -3.04
CA GLY C 1010 -4.38 -37.15 -2.73
C GLY C 1010 -5.57 -38.06 -2.98
N ASP C 1011 -6.59 -37.92 -2.14
CA ASP C 1011 -7.76 -38.77 -2.20
C ASP C 1011 -8.64 -38.36 -3.39
N PRO C 1012 -8.83 -39.22 -4.39
CA PRO C 1012 -9.69 -38.82 -5.51
C PRO C 1012 -11.14 -38.59 -5.14
N THR C 1013 -11.63 -39.20 -4.06
CA THR C 1013 -13.02 -38.99 -3.65
C THR C 1013 -13.25 -37.56 -3.16
N ASP C 1014 -12.18 -36.83 -2.82
CA ASP C 1014 -12.35 -35.45 -2.37
C ASP C 1014 -13.15 -34.63 -3.37
N TYR C 1015 -13.05 -34.96 -4.66
CA TYR C 1015 -13.73 -34.19 -5.70
C TYR C 1015 -15.21 -34.47 -5.77
N LEU C 1016 -15.72 -35.37 -4.94
CA LEU C 1016 -17.16 -35.56 -4.77
C LEU C 1016 -17.73 -34.69 -3.66
N PHE C 1017 -16.91 -33.80 -3.08
CA PHE C 1017 -17.34 -33.06 -1.89
C PHE C 1017 -18.70 -32.39 -2.10
N ALA C 1018 -18.89 -31.77 -3.26
CA ALA C 1018 -20.18 -31.17 -3.62
C ALA C 1018 -21.18 -32.20 -4.14
N GLU C 1019 -21.19 -33.41 -3.56
CA GLU C 1019 -22.05 -34.49 -4.01
C GLU C 1019 -21.85 -34.78 -5.50
N SER D 6 -24.57 43.19 11.01
CA SER D 6 -23.17 42.87 11.21
C SER D 6 -22.53 42.35 9.93
N LEU D 7 -23.31 42.30 8.84
CA LEU D 7 -22.77 41.83 7.56
C LEU D 7 -21.81 42.85 6.97
N GLN D 8 -22.18 44.13 6.98
CA GLN D 8 -21.28 45.16 6.48
C GLN D 8 -20.03 45.26 7.35
N GLU D 9 -20.16 45.02 8.65
CA GLU D 9 -18.97 44.94 9.50
C GLU D 9 -18.01 43.88 8.99
N LEU D 10 -18.55 42.71 8.62
CA LEU D 10 -17.70 41.59 8.23
C LEU D 10 -16.85 41.94 7.01
N VAL D 11 -17.49 42.42 5.93
CA VAL D 11 -16.73 42.72 4.72
C VAL D 11 -15.72 43.82 5.00
N GLN D 12 -16.10 44.78 5.85
CA GLN D 12 -15.15 45.81 6.28
C GLN D 12 -13.90 45.19 6.88
N GLN D 13 -14.08 44.34 7.90
CA GLN D 13 -12.95 43.72 8.57
C GLN D 13 -12.19 42.78 7.64
N PHE D 14 -12.91 42.09 6.74
CA PHE D 14 -12.25 41.16 5.83
C PHE D 14 -11.38 41.93 4.82
N GLU D 15 -11.85 43.10 4.38
CA GLU D 15 -11.05 43.91 3.46
C GLU D 15 -9.75 44.35 4.10
N ALA D 16 -9.75 44.58 5.42
CA ALA D 16 -8.55 45.02 6.12
C ALA D 16 -7.50 43.93 6.23
N LEU D 17 -7.86 42.68 5.97
CA LEU D 17 -6.90 41.58 5.97
C LEU D 17 -5.79 41.90 4.97
N PRO D 18 -4.56 42.15 5.43
CA PRO D 18 -3.53 42.64 4.51
C PRO D 18 -3.09 41.55 3.53
N GLY D 19 -3.21 41.85 2.23
CA GLY D 19 -2.75 40.94 1.20
C GLY D 19 -1.26 40.68 1.24
N ASP D 20 -0.49 41.60 1.83
CA ASP D 20 0.96 41.45 1.97
C ASP D 20 1.36 40.94 3.35
N LEU D 21 0.39 40.58 4.19
CA LEU D 21 0.68 39.94 5.47
C LEU D 21 1.48 40.86 6.40
N VAL D 22 1.12 42.14 6.42
CA VAL D 22 1.76 43.08 7.33
C VAL D 22 0.75 44.15 7.74
PG GNP E . 11.43 -11.32 -2.40
O1G GNP E . 11.25 -12.37 -3.48
O2G GNP E . 10.65 -11.71 -1.18
O3G GNP E . 12.90 -11.20 -2.06
N3B GNP E . 10.90 -9.87 -3.00
PB GNP E . 11.02 -8.48 -2.12
O1B GNP E . 12.40 -8.35 -1.52
O2B GNP E . 9.99 -8.52 -1.01
O3A GNP E . 10.73 -7.25 -3.07
PA GNP E . 11.83 -6.35 -3.73
O1A GNP E . 12.84 -7.20 -4.45
O2A GNP E . 12.52 -5.54 -2.65
O5' GNP E . 11.15 -5.36 -4.77
C5' GNP E . 10.17 -5.90 -5.62
C4' GNP E . 9.71 -4.83 -6.63
O4' GNP E . 8.97 -3.93 -6.02
C3' GNP E . 10.93 -4.07 -7.18
O3' GNP E . 10.81 -3.87 -8.51
C2' GNP E . 10.92 -2.72 -6.43
O2' GNP E . 11.56 -1.67 -7.27
C1' GNP E . 9.65 -2.48 -6.25
N9 GNP E . 9.36 -1.66 -5.12
C8 GNP E . 9.82 -1.86 -3.87
N7 GNP E . 9.33 -0.90 -3.07
C5 GNP E . 8.55 -0.09 -3.82
C6 GNP E . 7.80 1.04 -3.51
O6 GNP E . 7.80 1.46 -2.37
N1 GNP E . 7.10 1.66 -4.46
C2 GNP E . 7.11 1.18 -5.74
N2 GNP E . 6.36 1.84 -6.75
N3 GNP E . 7.83 0.08 -6.05
C4 GNP E . 8.56 -0.57 -5.09
HNB3 GNP E . 10.48 -9.85 -3.80
H5'2 GNP E . 10.54 -6.66 -6.12
H5'1 GNP E . 9.40 -6.20 -5.10
H4' GNP E . 9.21 -5.23 -7.36
H3' GNP E . 11.76 -4.56 -6.97
H2' GNP E . 11.38 -2.81 -5.57
HO2' GNP E . 12.38 -1.51 -6.96
H1' GNP E . 9.27 -2.07 -7.05
H8 GNP E . 10.43 -2.58 -3.58
HN1 GNP E . 6.61 2.41 -4.25
HN21 GNP E . 6.65 1.82 -7.62
HN22 GNP E . 5.59 2.29 -6.53
MG MG F . 14.05 -9.71 -1.46
C1 GOL G . 3.35 -17.65 4.80
O1 GOL G . 3.49 -18.84 5.54
C2 GOL G . 3.39 -17.95 3.32
O2 GOL G . 3.43 -19.35 3.10
C3 GOL G . 2.16 -17.34 2.63
O3 GOL G . 1.00 -18.00 3.07
H2 GOL G . 4.29 -17.48 2.89
HO2 GOL G . 2.62 -19.75 3.47
H31 GOL G . 2.26 -17.44 1.56
H32 GOL G . 2.11 -16.28 2.88
HO3 GOL G . 0.72 -18.67 2.41
C1 GOL H . 21.24 -12.38 16.03
O1 GOL H . 21.59 -12.03 14.70
C2 GOL H . 21.68 -11.26 16.98
O2 GOL H . 21.77 -10.04 16.26
C3 GOL H . 20.68 -11.11 18.12
O3 GOL H . 20.08 -12.36 18.40
H2 GOL H . 22.66 -11.51 17.40
HO2 GOL H . 20.89 -9.81 15.91
H31 GOL H . 19.90 -10.39 17.84
H32 GOL H . 21.18 -10.74 19.01
HO3 GOL H . 19.41 -12.24 19.11
C1 GOL I . 2.82 -15.42 -26.81
O1 GOL I . 2.65 -16.01 -25.54
C2 GOL I . 4.30 -15.21 -27.10
O2 GOL I . 4.59 -15.62 -28.43
C3 GOL I . 4.67 -13.73 -26.94
O3 GOL I . 3.96 -12.95 -27.89
H2 GOL I . 4.88 -15.80 -26.40
HO2 GOL I . 4.08 -15.08 -29.06
H31 GOL I . 5.74 -13.60 -27.09
H32 GOL I . 4.42 -13.41 -25.93
HO3 GOL I . 4.19 -12.01 -27.76
#